data_2J6A
# 
_entry.id   2J6A 
# 
_audit_conform.dict_name       mmcif_pdbx.dic 
_audit_conform.dict_version    5.391 
_audit_conform.dict_location   http://mmcif.pdb.org/dictionaries/ascii/mmcif_pdbx.dic 
# 
loop_
_database_2.database_id 
_database_2.database_code 
_database_2.pdbx_database_accession 
_database_2.pdbx_DOI 
PDB   2J6A         pdb_00002j6a 10.2210/pdb2j6a/pdb 
PDBE  EBI-30087    ?            ?                   
WWPDB D_1290030087 ?            ?                   
# 
loop_
_pdbx_audit_revision_history.ordinal 
_pdbx_audit_revision_history.data_content_type 
_pdbx_audit_revision_history.major_revision 
_pdbx_audit_revision_history.minor_revision 
_pdbx_audit_revision_history.revision_date 
1 'Structure model' 1 0 2006-09-28 
2 'Structure model' 1 1 2011-05-08 
3 'Structure model' 1 2 2011-07-13 
4 'Structure model' 1 3 2021-03-17 
5 'Structure model' 1 4 2024-05-08 
# 
_pdbx_audit_revision_details.ordinal             1 
_pdbx_audit_revision_details.revision_ordinal    1 
_pdbx_audit_revision_details.data_content_type   'Structure model' 
_pdbx_audit_revision_details.provider            repository 
_pdbx_audit_revision_details.type                'Initial release' 
_pdbx_audit_revision_details.description         ? 
_pdbx_audit_revision_details.details             ? 
# 
loop_
_pdbx_audit_revision_group.ordinal 
_pdbx_audit_revision_group.revision_ordinal 
_pdbx_audit_revision_group.data_content_type 
_pdbx_audit_revision_group.group 
1 2 'Structure model' 'Version format compliance' 
2 3 'Structure model' 'Version format compliance' 
3 4 'Structure model' 'Derived calculations'      
4 4 'Structure model' Other                       
5 4 'Structure model' 'Structure summary'         
6 5 'Structure model' 'Data collection'           
7 5 'Structure model' 'Database references'       
# 
loop_
_pdbx_audit_revision_category.ordinal 
_pdbx_audit_revision_category.revision_ordinal 
_pdbx_audit_revision_category.data_content_type 
_pdbx_audit_revision_category.category 
1 4 'Structure model' pdbx_database_status   
2 4 'Structure model' pdbx_struct_conn_angle 
3 4 'Structure model' struct                 
4 4 'Structure model' struct_conn            
5 5 'Structure model' chem_comp_atom         
6 5 'Structure model' chem_comp_bond         
7 5 'Structure model' database_2             
# 
loop_
_pdbx_audit_revision_item.ordinal 
_pdbx_audit_revision_item.revision_ordinal 
_pdbx_audit_revision_item.data_content_type 
_pdbx_audit_revision_item.item 
1  4 'Structure model' '_pdbx_database_status.status_code_sf'       
2  4 'Structure model' '_pdbx_struct_conn_angle.ptnr1_auth_seq_id'  
3  4 'Structure model' '_pdbx_struct_conn_angle.ptnr1_label_seq_id' 
4  4 'Structure model' '_pdbx_struct_conn_angle.ptnr3_auth_seq_id'  
5  4 'Structure model' '_pdbx_struct_conn_angle.ptnr3_label_seq_id' 
6  4 'Structure model' '_pdbx_struct_conn_angle.value'              
7  4 'Structure model' '_struct.title'                              
8  4 'Structure model' '_struct_conn.pdbx_dist_value'               
9  4 'Structure model' '_struct_conn.ptnr1_auth_comp_id'            
10 4 'Structure model' '_struct_conn.ptnr1_auth_seq_id'             
11 4 'Structure model' '_struct_conn.ptnr1_label_asym_id'           
12 4 'Structure model' '_struct_conn.ptnr1_label_atom_id'           
13 4 'Structure model' '_struct_conn.ptnr1_label_comp_id'           
14 4 'Structure model' '_struct_conn.ptnr1_label_seq_id'            
15 4 'Structure model' '_struct_conn.ptnr2_auth_comp_id'            
16 4 'Structure model' '_struct_conn.ptnr2_auth_seq_id'             
17 4 'Structure model' '_struct_conn.ptnr2_label_asym_id'           
18 4 'Structure model' '_struct_conn.ptnr2_label_atom_id'           
19 4 'Structure model' '_struct_conn.ptnr2_label_comp_id'           
20 4 'Structure model' '_struct_conn.ptnr2_label_seq_id'            
21 5 'Structure model' '_database_2.pdbx_DOI'                       
22 5 'Structure model' '_database_2.pdbx_database_accession'        
# 
_pdbx_database_status.status_code                     REL 
_pdbx_database_status.entry_id                        2J6A 
_pdbx_database_status.deposit_site                    PDBE 
_pdbx_database_status.process_site                    PDBE 
_pdbx_database_status.SG_entry                        . 
_pdbx_database_status.recvd_initial_deposition_date   2006-09-27 
_pdbx_database_status.pdb_format_compatible           Y 
_pdbx_database_status.status_code_sf                  REL 
_pdbx_database_status.status_code_mr                  ? 
_pdbx_database_status.status_code_cs                  ? 
_pdbx_database_status.methods_development_category    ? 
_pdbx_database_status.status_code_nmr_data            ? 
# 
loop_
_audit_author.name 
_audit_author.pdbx_ordinal 
_audit_author.identifier_ORCID 
'Heurgue-Hamard, V.' 1 ? 
'Graille, M.'        2 ? 
'Scrima, N.'         3 ? 
'Ulryck, N.'         4 ? 
'Champ, S.'          5 ? 
'Van Tilbeurgh, H.'  6 ? 
'Buckingham, R.H.'   7 ? 
# 
_citation.id                        primary 
_citation.title                     
'The Zinc Finger Protein Ynr046W is Plurifunctional and a Component of the Erf1 Methyltransferase in Yeast.' 
_citation.journal_abbrev            J.Biol.Chem. 
_citation.journal_volume            281 
_citation.page_first                36140 
_citation.page_last                 ? 
_citation.year                      2006 
_citation.journal_id_ASTM           JBCHA3 
_citation.country                   US 
_citation.journal_id_ISSN           0021-9258 
_citation.journal_id_CSD            0071 
_citation.book_publisher            ? 
_citation.pdbx_database_id_PubMed   17008308 
_citation.pdbx_database_id_DOI      10.1074/JBC.M608571200 
# 
loop_
_citation_author.citation_id 
_citation_author.name 
_citation_author.ordinal 
_citation_author.identifier_ORCID 
primary 'Heurgue-Hamard, V.' 1 ? 
primary 'Graille, M.'        2 ? 
primary 'Scrima, N.'         3 ? 
primary 'Ulryck, N.'         4 ? 
primary 'Champ, S.'          5 ? 
primary 'Van Tilbeurgh, H.'  6 ? 
primary 'Buckingham, R.H.'   7 ? 
# 
loop_
_entity.id 
_entity.type 
_entity.src_method 
_entity.pdbx_description 
_entity.formula_weight 
_entity.pdbx_number_of_molecules 
_entity.pdbx_ec 
_entity.pdbx_mutation 
_entity.pdbx_fragment 
_entity.details 
1 polymer     man 'PROTEIN TRM112' 15907.091 1   2.1.1.- ? ? ? 
2 non-polymer syn 1,2-ETHANEDIOL   62.068    1   ?       ? ? ? 
3 non-polymer syn 'ZINC ION'       65.409    1   ?       ? ? ? 
4 water       nat water            18.015    145 ?       ? ? ? 
# 
_entity_name_com.entity_id   1 
_entity_name_com.name        'YNR046W, TRNA METHYLTRANSFERASE 112' 
# 
_entity_poly.entity_id                      1 
_entity_poly.type                           'polypeptide(L)' 
_entity_poly.nstd_linkage                   no 
_entity_poly.nstd_monomer                   no 
_entity_poly.pdbx_seq_one_letter_code       
;MKFLTTNFLKCSVKACDTSNDNFPLQYDGSKCQLVQDESIEFNPEFLLNIVDRVDWPAVLTVAAELGNNALPPTKPSFPS
SIQELTDDDMAILNDLHTLLLQTSIAEGEMKCRNCGHIYYIKNGIPNLLLPPHLVHHHHHH
;
_entity_poly.pdbx_seq_one_letter_code_can   
;MKFLTTNFLKCSVKACDTSNDNFPLQYDGSKCQLVQDESIEFNPEFLLNIVDRVDWPAVLTVAAELGNNALPPTKPSFPS
SIQELTDDDMAILNDLHTLLLQTSIAEGEMKCRNCGHIYYIKNGIPNLLLPPHLVHHHHHH
;
_entity_poly.pdbx_strand_id                 A 
_entity_poly.pdbx_target_identifier         ? 
# 
loop_
_pdbx_entity_nonpoly.entity_id 
_pdbx_entity_nonpoly.name 
_pdbx_entity_nonpoly.comp_id 
2 1,2-ETHANEDIOL EDO 
3 'ZINC ION'     ZN  
4 water          HOH 
# 
loop_
_entity_poly_seq.entity_id 
_entity_poly_seq.num 
_entity_poly_seq.mon_id 
_entity_poly_seq.hetero 
1 1   MET n 
1 2   LYS n 
1 3   PHE n 
1 4   LEU n 
1 5   THR n 
1 6   THR n 
1 7   ASN n 
1 8   PHE n 
1 9   LEU n 
1 10  LYS n 
1 11  CYS n 
1 12  SER n 
1 13  VAL n 
1 14  LYS n 
1 15  ALA n 
1 16  CYS n 
1 17  ASP n 
1 18  THR n 
1 19  SER n 
1 20  ASN n 
1 21  ASP n 
1 22  ASN n 
1 23  PHE n 
1 24  PRO n 
1 25  LEU n 
1 26  GLN n 
1 27  TYR n 
1 28  ASP n 
1 29  GLY n 
1 30  SER n 
1 31  LYS n 
1 32  CYS n 
1 33  GLN n 
1 34  LEU n 
1 35  VAL n 
1 36  GLN n 
1 37  ASP n 
1 38  GLU n 
1 39  SER n 
1 40  ILE n 
1 41  GLU n 
1 42  PHE n 
1 43  ASN n 
1 44  PRO n 
1 45  GLU n 
1 46  PHE n 
1 47  LEU n 
1 48  LEU n 
1 49  ASN n 
1 50  ILE n 
1 51  VAL n 
1 52  ASP n 
1 53  ARG n 
1 54  VAL n 
1 55  ASP n 
1 56  TRP n 
1 57  PRO n 
1 58  ALA n 
1 59  VAL n 
1 60  LEU n 
1 61  THR n 
1 62  VAL n 
1 63  ALA n 
1 64  ALA n 
1 65  GLU n 
1 66  LEU n 
1 67  GLY n 
1 68  ASN n 
1 69  ASN n 
1 70  ALA n 
1 71  LEU n 
1 72  PRO n 
1 73  PRO n 
1 74  THR n 
1 75  LYS n 
1 76  PRO n 
1 77  SER n 
1 78  PHE n 
1 79  PRO n 
1 80  SER n 
1 81  SER n 
1 82  ILE n 
1 83  GLN n 
1 84  GLU n 
1 85  LEU n 
1 86  THR n 
1 87  ASP n 
1 88  ASP n 
1 89  ASP n 
1 90  MET n 
1 91  ALA n 
1 92  ILE n 
1 93  LEU n 
1 94  ASN n 
1 95  ASP n 
1 96  LEU n 
1 97  HIS n 
1 98  THR n 
1 99  LEU n 
1 100 LEU n 
1 101 LEU n 
1 102 GLN n 
1 103 THR n 
1 104 SER n 
1 105 ILE n 
1 106 ALA n 
1 107 GLU n 
1 108 GLY n 
1 109 GLU n 
1 110 MET n 
1 111 LYS n 
1 112 CYS n 
1 113 ARG n 
1 114 ASN n 
1 115 CYS n 
1 116 GLY n 
1 117 HIS n 
1 118 ILE n 
1 119 TYR n 
1 120 TYR n 
1 121 ILE n 
1 122 LYS n 
1 123 ASN n 
1 124 GLY n 
1 125 ILE n 
1 126 PRO n 
1 127 ASN n 
1 128 LEU n 
1 129 LEU n 
1 130 LEU n 
1 131 PRO n 
1 132 PRO n 
1 133 HIS n 
1 134 LEU n 
1 135 VAL n 
1 136 HIS n 
1 137 HIS n 
1 138 HIS n 
1 139 HIS n 
1 140 HIS n 
1 141 HIS n 
# 
_entity_src_gen.entity_id                          1 
_entity_src_gen.pdbx_src_id                        1 
_entity_src_gen.pdbx_alt_source_flag               sample 
_entity_src_gen.pdbx_seq_type                      ? 
_entity_src_gen.pdbx_beg_seq_num                   ? 
_entity_src_gen.pdbx_end_seq_num                   ? 
_entity_src_gen.gene_src_common_name               
;BAKER'S YEAST
;
_entity_src_gen.gene_src_genus                     ? 
_entity_src_gen.pdbx_gene_src_gene                 ? 
_entity_src_gen.gene_src_species                   ? 
_entity_src_gen.gene_src_strain                    YIBPC27 
_entity_src_gen.gene_src_tissue                    ? 
_entity_src_gen.gene_src_tissue_fraction           ? 
_entity_src_gen.gene_src_details                   ? 
_entity_src_gen.pdbx_gene_src_fragment             ? 
_entity_src_gen.pdbx_gene_src_scientific_name      'SACCHAROMYCES CEREVISIAE' 
_entity_src_gen.pdbx_gene_src_ncbi_taxonomy_id     4932 
_entity_src_gen.pdbx_gene_src_variant              ? 
_entity_src_gen.pdbx_gene_src_cell_line            ? 
_entity_src_gen.pdbx_gene_src_atcc                 ? 
_entity_src_gen.pdbx_gene_src_organ                ? 
_entity_src_gen.pdbx_gene_src_organelle            ? 
_entity_src_gen.pdbx_gene_src_cell                 ? 
_entity_src_gen.pdbx_gene_src_cellular_location    ? 
_entity_src_gen.host_org_common_name               ? 
_entity_src_gen.pdbx_host_org_scientific_name      'ESCHERICHIA COLI' 
_entity_src_gen.pdbx_host_org_ncbi_taxonomy_id     469008 
_entity_src_gen.host_org_genus                     ? 
_entity_src_gen.pdbx_host_org_gene                 ? 
_entity_src_gen.pdbx_host_org_organ                ? 
_entity_src_gen.host_org_species                   ? 
_entity_src_gen.pdbx_host_org_tissue               ? 
_entity_src_gen.pdbx_host_org_tissue_fraction      ? 
_entity_src_gen.pdbx_host_org_strain               'BL21(DE3)' 
_entity_src_gen.pdbx_host_org_variant              ? 
_entity_src_gen.pdbx_host_org_cell_line            ? 
_entity_src_gen.pdbx_host_org_atcc                 ? 
_entity_src_gen.pdbx_host_org_culture_collection   ? 
_entity_src_gen.pdbx_host_org_cell                 ? 
_entity_src_gen.pdbx_host_org_organelle            ? 
_entity_src_gen.pdbx_host_org_cellular_location    ? 
_entity_src_gen.pdbx_host_org_vector_type          ? 
_entity_src_gen.pdbx_host_org_vector               ? 
_entity_src_gen.host_org_details                   ? 
_entity_src_gen.expression_system_id               ? 
_entity_src_gen.plasmid_name                       ? 
_entity_src_gen.plasmid_details                    ? 
_entity_src_gen.pdbx_description                   ? 
# 
loop_
_chem_comp.id 
_chem_comp.type 
_chem_comp.mon_nstd_flag 
_chem_comp.name 
_chem_comp.pdbx_synonyms 
_chem_comp.formula 
_chem_comp.formula_weight 
ALA 'L-peptide linking' y ALANINE         ?                 'C3 H7 N O2'     89.093  
ARG 'L-peptide linking' y ARGININE        ?                 'C6 H15 N4 O2 1' 175.209 
ASN 'L-peptide linking' y ASPARAGINE      ?                 'C4 H8 N2 O3'    132.118 
ASP 'L-peptide linking' y 'ASPARTIC ACID' ?                 'C4 H7 N O4'     133.103 
CYS 'L-peptide linking' y CYSTEINE        ?                 'C3 H7 N O2 S'   121.158 
EDO non-polymer         . 1,2-ETHANEDIOL  'ETHYLENE GLYCOL' 'C2 H6 O2'       62.068  
GLN 'L-peptide linking' y GLUTAMINE       ?                 'C5 H10 N2 O3'   146.144 
GLU 'L-peptide linking' y 'GLUTAMIC ACID' ?                 'C5 H9 N O4'     147.129 
GLY 'peptide linking'   y GLYCINE         ?                 'C2 H5 N O2'     75.067  
HIS 'L-peptide linking' y HISTIDINE       ?                 'C6 H10 N3 O2 1' 156.162 
HOH non-polymer         . WATER           ?                 'H2 O'           18.015  
ILE 'L-peptide linking' y ISOLEUCINE      ?                 'C6 H13 N O2'    131.173 
LEU 'L-peptide linking' y LEUCINE         ?                 'C6 H13 N O2'    131.173 
LYS 'L-peptide linking' y LYSINE          ?                 'C6 H15 N2 O2 1' 147.195 
MET 'L-peptide linking' y METHIONINE      ?                 'C5 H11 N O2 S'  149.211 
PHE 'L-peptide linking' y PHENYLALANINE   ?                 'C9 H11 N O2'    165.189 
PRO 'L-peptide linking' y PROLINE         ?                 'C5 H9 N O2'     115.130 
SER 'L-peptide linking' y SERINE          ?                 'C3 H7 N O3'     105.093 
THR 'L-peptide linking' y THREONINE       ?                 'C4 H9 N O3'     119.119 
TRP 'L-peptide linking' y TRYPTOPHAN      ?                 'C11 H12 N2 O2'  204.225 
TYR 'L-peptide linking' y TYROSINE        ?                 'C9 H11 N O3'    181.189 
VAL 'L-peptide linking' y VALINE          ?                 'C5 H11 N O2'    117.146 
ZN  non-polymer         . 'ZINC ION'      ?                 'Zn 2'           65.409  
# 
loop_
_pdbx_poly_seq_scheme.asym_id 
_pdbx_poly_seq_scheme.entity_id 
_pdbx_poly_seq_scheme.seq_id 
_pdbx_poly_seq_scheme.mon_id 
_pdbx_poly_seq_scheme.ndb_seq_num 
_pdbx_poly_seq_scheme.pdb_seq_num 
_pdbx_poly_seq_scheme.auth_seq_num 
_pdbx_poly_seq_scheme.pdb_mon_id 
_pdbx_poly_seq_scheme.auth_mon_id 
_pdbx_poly_seq_scheme.pdb_strand_id 
_pdbx_poly_seq_scheme.pdb_ins_code 
_pdbx_poly_seq_scheme.hetero 
A 1 1   MET 1   1   1   MET MET A . n 
A 1 2   LYS 2   2   2   LYS LYS A . n 
A 1 3   PHE 3   3   3   PHE PHE A . n 
A 1 4   LEU 4   4   4   LEU LEU A . n 
A 1 5   THR 5   5   5   THR THR A . n 
A 1 6   THR 6   6   6   THR THR A . n 
A 1 7   ASN 7   7   7   ASN ASN A . n 
A 1 8   PHE 8   8   8   PHE PHE A . n 
A 1 9   LEU 9   9   9   LEU LEU A . n 
A 1 10  LYS 10  10  10  LYS LYS A . n 
A 1 11  CYS 11  11  11  CYS CYS A . n 
A 1 12  SER 12  12  12  SER SER A . n 
A 1 13  VAL 13  13  13  VAL VAL A . n 
A 1 14  LYS 14  14  14  LYS LYS A . n 
A 1 15  ALA 15  15  15  ALA ALA A . n 
A 1 16  CYS 16  16  16  CYS CYS A . n 
A 1 17  ASP 17  17  17  ASP ASP A . n 
A 1 18  THR 18  18  18  THR THR A . n 
A 1 19  SER 19  19  19  SER SER A . n 
A 1 20  ASN 20  20  20  ASN ASN A . n 
A 1 21  ASP 21  21  21  ASP ASP A . n 
A 1 22  ASN 22  22  22  ASN ASN A . n 
A 1 23  PHE 23  23  23  PHE PHE A . n 
A 1 24  PRO 24  24  24  PRO PRO A . n 
A 1 25  LEU 25  25  25  LEU LEU A . n 
A 1 26  GLN 26  26  26  GLN GLN A . n 
A 1 27  TYR 27  27  27  TYR TYR A . n 
A 1 28  ASP 28  28  28  ASP ASP A . n 
A 1 29  GLY 29  29  29  GLY GLY A . n 
A 1 30  SER 30  30  30  SER SER A . n 
A 1 31  LYS 31  31  31  LYS LYS A . n 
A 1 32  CYS 32  32  32  CYS CYS A . n 
A 1 33  GLN 33  33  33  GLN GLN A . n 
A 1 34  LEU 34  34  34  LEU LEU A . n 
A 1 35  VAL 35  35  35  VAL VAL A . n 
A 1 36  GLN 36  36  36  GLN GLN A . n 
A 1 37  ASP 37  37  37  ASP ASP A . n 
A 1 38  GLU 38  38  38  GLU GLU A . n 
A 1 39  SER 39  39  39  SER SER A . n 
A 1 40  ILE 40  40  40  ILE ILE A . n 
A 1 41  GLU 41  41  41  GLU GLU A . n 
A 1 42  PHE 42  42  42  PHE PHE A . n 
A 1 43  ASN 43  43  43  ASN ASN A . n 
A 1 44  PRO 44  44  44  PRO PRO A . n 
A 1 45  GLU 45  45  45  GLU GLU A . n 
A 1 46  PHE 46  46  46  PHE PHE A . n 
A 1 47  LEU 47  47  47  LEU LEU A . n 
A 1 48  LEU 48  48  48  LEU LEU A . n 
A 1 49  ASN 49  49  49  ASN ASN A . n 
A 1 50  ILE 50  50  50  ILE ILE A . n 
A 1 51  VAL 51  51  51  VAL VAL A . n 
A 1 52  ASP 52  52  52  ASP ASP A . n 
A 1 53  ARG 53  53  53  ARG ARG A . n 
A 1 54  VAL 54  54  54  VAL VAL A . n 
A 1 55  ASP 55  55  55  ASP ASP A . n 
A 1 56  TRP 56  56  56  TRP TRP A . n 
A 1 57  PRO 57  57  57  PRO PRO A . n 
A 1 58  ALA 58  58  58  ALA ALA A . n 
A 1 59  VAL 59  59  59  VAL VAL A . n 
A 1 60  LEU 60  60  60  LEU LEU A . n 
A 1 61  THR 61  61  61  THR THR A . n 
A 1 62  VAL 62  62  62  VAL VAL A . n 
A 1 63  ALA 63  63  63  ALA ALA A . n 
A 1 64  ALA 64  64  64  ALA ALA A . n 
A 1 65  GLU 65  65  65  GLU GLU A . n 
A 1 66  LEU 66  66  66  LEU LEU A . n 
A 1 67  GLY 67  67  67  GLY GLY A . n 
A 1 68  ASN 68  68  68  ASN ASN A . n 
A 1 69  ASN 69  69  69  ASN ASN A . n 
A 1 70  ALA 70  70  70  ALA ALA A . n 
A 1 71  LEU 71  71  71  LEU LEU A . n 
A 1 72  PRO 72  72  72  PRO PRO A . n 
A 1 73  PRO 73  73  73  PRO PRO A . n 
A 1 74  THR 74  74  74  THR THR A . n 
A 1 75  LYS 75  75  75  LYS LYS A . n 
A 1 76  PRO 76  76  76  PRO PRO A . n 
A 1 77  SER 77  77  77  SER SER A . n 
A 1 78  PHE 78  78  78  PHE PHE A . n 
A 1 79  PRO 79  79  79  PRO PRO A . n 
A 1 80  SER 80  80  80  SER SER A . n 
A 1 81  SER 81  81  81  SER SER A . n 
A 1 82  ILE 82  82  82  ILE ILE A . n 
A 1 83  GLN 83  83  83  GLN GLN A . n 
A 1 84  GLU 84  84  84  GLU GLU A . n 
A 1 85  LEU 85  85  85  LEU LEU A . n 
A 1 86  THR 86  86  86  THR THR A . n 
A 1 87  ASP 87  87  87  ASP ASP A . n 
A 1 88  ASP 88  88  88  ASP ASP A . n 
A 1 89  ASP 89  89  89  ASP ASP A . n 
A 1 90  MET 90  90  90  MET MET A . n 
A 1 91  ALA 91  91  91  ALA ALA A . n 
A 1 92  ILE 92  92  92  ILE ILE A . n 
A 1 93  LEU 93  93  93  LEU LEU A . n 
A 1 94  ASN 94  94  94  ASN ASN A . n 
A 1 95  ASP 95  95  95  ASP ASP A . n 
A 1 96  LEU 96  96  96  LEU LEU A . n 
A 1 97  HIS 97  97  97  HIS HIS A . n 
A 1 98  THR 98  98  98  THR THR A . n 
A 1 99  LEU 99  99  99  LEU LEU A . n 
A 1 100 LEU 100 100 100 LEU LEU A . n 
A 1 101 LEU 101 101 101 LEU LEU A . n 
A 1 102 GLN 102 102 102 GLN GLN A . n 
A 1 103 THR 103 103 103 THR THR A . n 
A 1 104 SER 104 104 104 SER SER A . n 
A 1 105 ILE 105 105 105 ILE ILE A . n 
A 1 106 ALA 106 106 106 ALA ALA A . n 
A 1 107 GLU 107 107 107 GLU GLU A . n 
A 1 108 GLY 108 108 108 GLY GLY A . n 
A 1 109 GLU 109 109 109 GLU GLU A . n 
A 1 110 MET 110 110 110 MET MET A . n 
A 1 111 LYS 111 111 111 LYS LYS A . n 
A 1 112 CYS 112 112 112 CYS CYS A . n 
A 1 113 ARG 113 113 113 ARG ARG A . n 
A 1 114 ASN 114 114 114 ASN ASN A . n 
A 1 115 CYS 115 115 115 CYS CYS A . n 
A 1 116 GLY 116 116 116 GLY GLY A . n 
A 1 117 HIS 117 117 117 HIS HIS A . n 
A 1 118 ILE 118 118 118 ILE ILE A . n 
A 1 119 TYR 119 119 119 TYR TYR A . n 
A 1 120 TYR 120 120 120 TYR TYR A . n 
A 1 121 ILE 121 121 121 ILE ILE A . n 
A 1 122 LYS 122 122 122 LYS LYS A . n 
A 1 123 ASN 123 123 123 ASN ASN A . n 
A 1 124 GLY 124 124 124 GLY GLY A . n 
A 1 125 ILE 125 125 125 ILE ILE A . n 
A 1 126 PRO 126 126 126 PRO PRO A . n 
A 1 127 ASN 127 127 127 ASN ASN A . n 
A 1 128 LEU 128 128 128 LEU LEU A . n 
A 1 129 LEU 129 129 129 LEU LEU A . n 
A 1 130 LEU 130 130 130 LEU LEU A . n 
A 1 131 PRO 131 131 131 PRO PRO A . n 
A 1 132 PRO 132 132 132 PRO PRO A . n 
A 1 133 HIS 133 133 133 HIS HIS A . n 
A 1 134 LEU 134 134 134 LEU LEU A . n 
A 1 135 VAL 135 135 135 VAL VAL A . n 
A 1 136 HIS 136 136 136 HIS HIS A . n 
A 1 137 HIS 137 137 ?   ?   ?   A . n 
A 1 138 HIS 138 138 ?   ?   ?   A . n 
A 1 139 HIS 139 139 ?   ?   ?   A . n 
A 1 140 HIS 140 140 ?   ?   ?   A . n 
A 1 141 HIS 141 141 ?   ?   ?   A . n 
# 
loop_
_pdbx_nonpoly_scheme.asym_id 
_pdbx_nonpoly_scheme.entity_id 
_pdbx_nonpoly_scheme.mon_id 
_pdbx_nonpoly_scheme.ndb_seq_num 
_pdbx_nonpoly_scheme.pdb_seq_num 
_pdbx_nonpoly_scheme.auth_seq_num 
_pdbx_nonpoly_scheme.pdb_mon_id 
_pdbx_nonpoly_scheme.auth_mon_id 
_pdbx_nonpoly_scheme.pdb_strand_id 
_pdbx_nonpoly_scheme.pdb_ins_code 
B 2 EDO 1   1137 1137 EDO EDO A . 
C 3 ZN  1   1138 1138 ZN  ZN  A . 
D 4 HOH 1   2001 2001 HOH HOH A . 
D 4 HOH 2   2002 2002 HOH HOH A . 
D 4 HOH 3   2003 2003 HOH HOH A . 
D 4 HOH 4   2004 2004 HOH HOH A . 
D 4 HOH 5   2005 2005 HOH HOH A . 
D 4 HOH 6   2006 2006 HOH HOH A . 
D 4 HOH 7   2007 2007 HOH HOH A . 
D 4 HOH 8   2008 2008 HOH HOH A . 
D 4 HOH 9   2009 2009 HOH HOH A . 
D 4 HOH 10  2010 2010 HOH HOH A . 
D 4 HOH 11  2011 2011 HOH HOH A . 
D 4 HOH 12  2012 2012 HOH HOH A . 
D 4 HOH 13  2013 2013 HOH HOH A . 
D 4 HOH 14  2014 2014 HOH HOH A . 
D 4 HOH 15  2015 2015 HOH HOH A . 
D 4 HOH 16  2016 2016 HOH HOH A . 
D 4 HOH 17  2017 2017 HOH HOH A . 
D 4 HOH 18  2018 2018 HOH HOH A . 
D 4 HOH 19  2019 2019 HOH HOH A . 
D 4 HOH 20  2020 2020 HOH HOH A . 
D 4 HOH 21  2021 2021 HOH HOH A . 
D 4 HOH 22  2022 2022 HOH HOH A . 
D 4 HOH 23  2023 2023 HOH HOH A . 
D 4 HOH 24  2024 2024 HOH HOH A . 
D 4 HOH 25  2025 2025 HOH HOH A . 
D 4 HOH 26  2026 2026 HOH HOH A . 
D 4 HOH 27  2027 2027 HOH HOH A . 
D 4 HOH 28  2028 2028 HOH HOH A . 
D 4 HOH 29  2029 2029 HOH HOH A . 
D 4 HOH 30  2030 2030 HOH HOH A . 
D 4 HOH 31  2031 2031 HOH HOH A . 
D 4 HOH 32  2032 2032 HOH HOH A . 
D 4 HOH 33  2033 2033 HOH HOH A . 
D 4 HOH 34  2034 2034 HOH HOH A . 
D 4 HOH 35  2035 2035 HOH HOH A . 
D 4 HOH 36  2036 2036 HOH HOH A . 
D 4 HOH 37  2037 2037 HOH HOH A . 
D 4 HOH 38  2038 2038 HOH HOH A . 
D 4 HOH 39  2039 2039 HOH HOH A . 
D 4 HOH 40  2040 2040 HOH HOH A . 
D 4 HOH 41  2041 2041 HOH HOH A . 
D 4 HOH 42  2042 2042 HOH HOH A . 
D 4 HOH 43  2043 2043 HOH HOH A . 
D 4 HOH 44  2044 2044 HOH HOH A . 
D 4 HOH 45  2045 2045 HOH HOH A . 
D 4 HOH 46  2046 2046 HOH HOH A . 
D 4 HOH 47  2047 2047 HOH HOH A . 
D 4 HOH 48  2048 2048 HOH HOH A . 
D 4 HOH 49  2049 2049 HOH HOH A . 
D 4 HOH 50  2050 2050 HOH HOH A . 
D 4 HOH 51  2051 2051 HOH HOH A . 
D 4 HOH 52  2052 2052 HOH HOH A . 
D 4 HOH 53  2053 2053 HOH HOH A . 
D 4 HOH 54  2054 2054 HOH HOH A . 
D 4 HOH 55  2055 2055 HOH HOH A . 
D 4 HOH 56  2056 2056 HOH HOH A . 
D 4 HOH 57  2057 2057 HOH HOH A . 
D 4 HOH 58  2058 2058 HOH HOH A . 
D 4 HOH 59  2059 2059 HOH HOH A . 
D 4 HOH 60  2060 2060 HOH HOH A . 
D 4 HOH 61  2061 2061 HOH HOH A . 
D 4 HOH 62  2062 2062 HOH HOH A . 
D 4 HOH 63  2063 2063 HOH HOH A . 
D 4 HOH 64  2064 2064 HOH HOH A . 
D 4 HOH 65  2065 2065 HOH HOH A . 
D 4 HOH 66  2066 2066 HOH HOH A . 
D 4 HOH 67  2067 2067 HOH HOH A . 
D 4 HOH 68  2068 2068 HOH HOH A . 
D 4 HOH 69  2069 2069 HOH HOH A . 
D 4 HOH 70  2070 2070 HOH HOH A . 
D 4 HOH 71  2071 2071 HOH HOH A . 
D 4 HOH 72  2072 2072 HOH HOH A . 
D 4 HOH 73  2073 2073 HOH HOH A . 
D 4 HOH 74  2074 2074 HOH HOH A . 
D 4 HOH 75  2075 2075 HOH HOH A . 
D 4 HOH 76  2076 2076 HOH HOH A . 
D 4 HOH 77  2077 2077 HOH HOH A . 
D 4 HOH 78  2078 2078 HOH HOH A . 
D 4 HOH 79  2079 2079 HOH HOH A . 
D 4 HOH 80  2080 2080 HOH HOH A . 
D 4 HOH 81  2081 2081 HOH HOH A . 
D 4 HOH 82  2082 2082 HOH HOH A . 
D 4 HOH 83  2083 2083 HOH HOH A . 
D 4 HOH 84  2084 2084 HOH HOH A . 
D 4 HOH 85  2085 2085 HOH HOH A . 
D 4 HOH 86  2086 2086 HOH HOH A . 
D 4 HOH 87  2087 2087 HOH HOH A . 
D 4 HOH 88  2088 2088 HOH HOH A . 
D 4 HOH 89  2089 2089 HOH HOH A . 
D 4 HOH 90  2090 2090 HOH HOH A . 
D 4 HOH 91  2091 2091 HOH HOH A . 
D 4 HOH 92  2092 2092 HOH HOH A . 
D 4 HOH 93  2093 2093 HOH HOH A . 
D 4 HOH 94  2094 2094 HOH HOH A . 
D 4 HOH 95  2095 2095 HOH HOH A . 
D 4 HOH 96  2096 2096 HOH HOH A . 
D 4 HOH 97  2097 2097 HOH HOH A . 
D 4 HOH 98  2098 2098 HOH HOH A . 
D 4 HOH 99  2099 2099 HOH HOH A . 
D 4 HOH 100 2100 2100 HOH HOH A . 
D 4 HOH 101 2101 2101 HOH HOH A . 
D 4 HOH 102 2102 2102 HOH HOH A . 
D 4 HOH 103 2103 2103 HOH HOH A . 
D 4 HOH 104 2104 2104 HOH HOH A . 
D 4 HOH 105 2105 2105 HOH HOH A . 
D 4 HOH 106 2106 2106 HOH HOH A . 
D 4 HOH 107 2107 2107 HOH HOH A . 
D 4 HOH 108 2108 2108 HOH HOH A . 
D 4 HOH 109 2109 2109 HOH HOH A . 
D 4 HOH 110 2110 2110 HOH HOH A . 
D 4 HOH 111 2111 2111 HOH HOH A . 
D 4 HOH 112 2112 2112 HOH HOH A . 
D 4 HOH 113 2113 2113 HOH HOH A . 
D 4 HOH 114 2114 2114 HOH HOH A . 
D 4 HOH 115 2115 2115 HOH HOH A . 
D 4 HOH 116 2116 2116 HOH HOH A . 
D 4 HOH 117 2117 2117 HOH HOH A . 
D 4 HOH 118 2118 2118 HOH HOH A . 
D 4 HOH 119 2119 2119 HOH HOH A . 
D 4 HOH 120 2120 2120 HOH HOH A . 
D 4 HOH 121 2121 2121 HOH HOH A . 
D 4 HOH 122 2122 2122 HOH HOH A . 
D 4 HOH 123 2123 2123 HOH HOH A . 
D 4 HOH 124 2124 2124 HOH HOH A . 
D 4 HOH 125 2125 2125 HOH HOH A . 
D 4 HOH 126 2126 2126 HOH HOH A . 
D 4 HOH 127 2127 2127 HOH HOH A . 
D 4 HOH 128 2128 2128 HOH HOH A . 
D 4 HOH 129 2129 2129 HOH HOH A . 
D 4 HOH 130 2130 2130 HOH HOH A . 
D 4 HOH 131 2131 2131 HOH HOH A . 
D 4 HOH 132 2132 2132 HOH HOH A . 
D 4 HOH 133 2133 2133 HOH HOH A . 
D 4 HOH 134 2134 2134 HOH HOH A . 
D 4 HOH 135 2135 2135 HOH HOH A . 
D 4 HOH 136 2136 2136 HOH HOH A . 
D 4 HOH 137 2137 2137 HOH HOH A . 
D 4 HOH 138 2138 2138 HOH HOH A . 
D 4 HOH 139 2139 2139 HOH HOH A . 
D 4 HOH 140 2140 2140 HOH HOH A . 
D 4 HOH 141 2141 2141 HOH HOH A . 
D 4 HOH 142 2142 2142 HOH HOH A . 
D 4 HOH 143 2143 2143 HOH HOH A . 
D 4 HOH 144 2144 2144 HOH HOH A . 
D 4 HOH 145 2145 2145 HOH HOH A . 
# 
loop_
_software.name 
_software.classification 
_software.version 
_software.citation_id 
_software.pdbx_ordinal 
_software.date 
_software.type 
_software.location 
_software.language 
REFMAC refinement       5.2.0019 ? 1 ? ? ? ? 
XDS    'data reduction' .        ? 2 ? ? ? ? 
XSCALE 'data scaling'   .        ? 3 ? ? ? ? 
SHARP  phasing          .        ? 4 ? ? ? ? 
# 
_cell.entry_id           2J6A 
_cell.length_a           92.600 
_cell.length_b           38.460 
_cell.length_c           45.810 
_cell.angle_alpha        90.00 
_cell.angle_beta         102.24 
_cell.angle_gamma        90.00 
_cell.Z_PDB              4 
_cell.pdbx_unique_axis   ? 
# 
_symmetry.entry_id                         2J6A 
_symmetry.space_group_name_H-M             'C 1 2 1' 
_symmetry.pdbx_full_space_group_name_H-M   ? 
_symmetry.cell_setting                     ? 
_symmetry.Int_Tables_number                5 
# 
_exptl.entry_id          2J6A 
_exptl.method            'X-RAY DIFFRACTION' 
_exptl.crystals_number   1 
# 
_exptl_crystal.id                    1 
_exptl_crystal.density_meas          ? 
_exptl_crystal.density_Matthews      2.8 
_exptl_crystal.density_percent_sol   50 
_exptl_crystal.description           'STRUCTURE SOLVED USING ZINC ANOMALOUS SIGNAL' 
# 
_exptl_crystal_grow.crystal_id      1 
_exptl_crystal_grow.method          ? 
_exptl_crystal_grow.temp            ? 
_exptl_crystal_grow.temp_details    ? 
_exptl_crystal_grow.pH              7.00 
_exptl_crystal_grow.pdbx_pH_range   ? 
_exptl_crystal_grow.pdbx_details    
'1.2M KH2PO4 PH 7 PROTEIN CONCENTRATION 10MG/ML IN 10 MM TRIS-HCL PH 8, 10UM ZNCL2, 6MM B-MERCAPTOETHANOL' 
# 
_diffrn.id                     1 
_diffrn.ambient_temp           100.0 
_diffrn.ambient_temp_details   ? 
_diffrn.crystal_id             1 
# 
_diffrn_detector.diffrn_id              1 
_diffrn_detector.detector               CCD 
_diffrn_detector.type                   'ADSC QUANTUM 4' 
_diffrn_detector.pdbx_collection_date   2006-04-24 
_diffrn_detector.details                ? 
# 
_diffrn_radiation.diffrn_id                        1 
_diffrn_radiation.wavelength_id                    1 
_diffrn_radiation.pdbx_monochromatic_or_laue_m_l   M 
_diffrn_radiation.monochromator                    ? 
_diffrn_radiation.pdbx_diffrn_protocol             'SINGLE WAVELENGTH' 
_diffrn_radiation.pdbx_scattering_type             x-ray 
# 
_diffrn_radiation_wavelength.id           1 
_diffrn_radiation_wavelength.wavelength   0.873 
_diffrn_radiation_wavelength.wt           1.0 
# 
_diffrn_source.diffrn_id                   1 
_diffrn_source.source                      SYNCHROTRON 
_diffrn_source.type                        'ESRF BEAMLINE ID23-2' 
_diffrn_source.pdbx_synchrotron_site       ESRF 
_diffrn_source.pdbx_synchrotron_beamline   ID23-2 
_diffrn_source.pdbx_wavelength             0.873 
_diffrn_source.pdbx_wavelength_list        ? 
# 
_reflns.pdbx_diffrn_id               1 
_reflns.pdbx_ordinal                 1 
_reflns.entry_id                     2J6A 
_reflns.observed_criterion_sigma_I   1.000 
_reflns.observed_criterion_sigma_F   ? 
_reflns.d_resolution_low             20.000 
_reflns.d_resolution_high            1.700 
_reflns.number_obs                   17182 
_reflns.number_all                   ? 
_reflns.percent_possible_obs         97.7 
_reflns.pdbx_Rmerge_I_obs            0.13000 
_reflns.pdbx_Rsym_value              ? 
_reflns.pdbx_netI_over_sigmaI        6.2000 
_reflns.B_iso_Wilson_estimate        ? 
_reflns.pdbx_redundancy              2.500 
_reflns.pdbx_CC_half                 ? 
_reflns.pdbx_CC_star                 ? 
_reflns.pdbx_Rpim_I_all              ? 
_reflns.pdbx_Rrim_I_all              ? 
# 
_reflns_shell.pdbx_diffrn_id         1 
_reflns_shell.pdbx_ordinal           1 
_reflns_shell.d_res_high             1.70 
_reflns_shell.d_res_low              1.75 
_reflns_shell.percent_possible_all   99.0 
_reflns_shell.Rmerge_I_obs           0.52000 
_reflns_shell.pdbx_Rsym_value        ? 
_reflns_shell.meanI_over_sigI_obs    2.400 
_reflns_shell.pdbx_redundancy        ? 
_reflns_shell.number_measured_obs    ? 
_reflns_shell.number_unique_all      ? 
_reflns_shell.number_unique_obs      ? 
_reflns_shell.pdbx_CC_half           ? 
_reflns_shell.pdbx_CC_star           ? 
_reflns_shell.pdbx_Rpim_I_all        ? 
_reflns_shell.pdbx_Rrim_I_all        ? 
# 
_refine.pdbx_refine_id                           'X-RAY DIFFRACTION' 
_refine.entry_id                                 2J6A 
_refine.pdbx_diffrn_id                           1 
_refine.pdbx_TLS_residual_ADP_flag               ? 
_refine.ls_number_reflns_obs                     16318 
_refine.ls_number_reflns_all                     ? 
_refine.pdbx_ls_sigma_I                          ? 
_refine.pdbx_ls_sigma_F                          ? 
_refine.pdbx_data_cutoff_high_absF               ? 
_refine.pdbx_data_cutoff_low_absF                ? 
_refine.pdbx_data_cutoff_high_rms_absF           ? 
_refine.ls_d_res_low                             19.67 
_refine.ls_d_res_high                            1.70 
_refine.ls_percent_reflns_obs                    100.0 
_refine.ls_R_factor_obs                          0.200 
_refine.ls_R_factor_all                          ? 
_refine.ls_R_factor_R_work                       0.198 
_refine.ls_R_factor_R_free                       0.236 
_refine.ls_R_factor_R_free_error                 ? 
_refine.ls_R_factor_R_free_error_details         ? 
_refine.ls_percent_reflns_R_free                 5.000 
_refine.ls_number_reflns_R_free                  860 
_refine.ls_number_parameters                     ? 
_refine.ls_number_restraints                     ? 
_refine.occupancy_min                            ? 
_refine.occupancy_max                            ? 
_refine.correlation_coeff_Fo_to_Fc               0.947 
_refine.correlation_coeff_Fo_to_Fc_free          0.920 
_refine.B_iso_mean                               17.97 
_refine.aniso_B[1][1]                            0.36000 
_refine.aniso_B[2][2]                            -0.43000 
_refine.aniso_B[3][3]                            0.42000 
_refine.aniso_B[1][2]                            0.00000 
_refine.aniso_B[1][3]                            0.82000 
_refine.aniso_B[2][3]                            0.00000 
_refine.solvent_model_details                    MASK 
_refine.solvent_model_param_ksol                 ? 
_refine.solvent_model_param_bsol                 ? 
_refine.pdbx_solvent_vdw_probe_radii             1.40 
_refine.pdbx_solvent_ion_probe_radii             0.80 
_refine.pdbx_solvent_shrinkage_radii             0.80 
_refine.pdbx_ls_cross_valid_method               THROUGHOUT 
_refine.details                                  'HYDROGENS HAVE BEEN ADDED IN THE RIDING POSITIONS.' 
_refine.pdbx_starting_model                      ? 
_refine.pdbx_method_to_determine_struct          SAD 
_refine.pdbx_isotropic_thermal_model             ? 
_refine.pdbx_stereochemistry_target_values       'MAXIMUM LIKELIHOOD' 
_refine.pdbx_stereochem_target_val_spec_case     ? 
_refine.pdbx_R_Free_selection_details            RANDOM 
_refine.pdbx_overall_ESU_R                       0.111 
_refine.pdbx_overall_ESU_R_Free                  0.112 
_refine.overall_SU_ML                            0.082 
_refine.pdbx_overall_phase_error                 ? 
_refine.overall_SU_B                             2.464 
_refine.overall_SU_R_Cruickshank_DPI             ? 
_refine.pdbx_overall_SU_R_free_Cruickshank_DPI   ? 
_refine.pdbx_overall_SU_R_Blow_DPI               ? 
_refine.pdbx_overall_SU_R_free_Blow_DPI          ? 
# 
_refine_hist.pdbx_refine_id                   'X-RAY DIFFRACTION' 
_refine_hist.cycle_id                         LAST 
_refine_hist.pdbx_number_atoms_protein        1065 
_refine_hist.pdbx_number_atoms_nucleic_acid   0 
_refine_hist.pdbx_number_atoms_ligand         5 
_refine_hist.number_atoms_solvent             145 
_refine_hist.number_atoms_total               1215 
_refine_hist.d_res_high                       1.70 
_refine_hist.d_res_low                        19.67 
# 
loop_
_refine_ls_restr.type 
_refine_ls_restr.dev_ideal 
_refine_ls_restr.dev_ideal_target 
_refine_ls_restr.weight 
_refine_ls_restr.number 
_refine_ls_restr.pdbx_refine_id 
_refine_ls_restr.pdbx_restraint_function 
r_bond_refined_d             0.011  0.022  ? 1092 'X-RAY DIFFRACTION' ? 
r_bond_other_d               ?      ?      ? ?    'X-RAY DIFFRACTION' ? 
r_angle_refined_deg          1.296  1.980  ? 1487 'X-RAY DIFFRACTION' ? 
r_angle_other_deg            ?      ?      ? ?    'X-RAY DIFFRACTION' ? 
r_dihedral_angle_1_deg       4.742  5.000  ? 135  'X-RAY DIFFRACTION' ? 
r_dihedral_angle_2_deg       38.562 26.327 ? 49   'X-RAY DIFFRACTION' ? 
r_dihedral_angle_3_deg       14.174 15.000 ? 184  'X-RAY DIFFRACTION' ? 
r_dihedral_angle_4_deg       17.116 15.000 ? 2    'X-RAY DIFFRACTION' ? 
r_chiral_restr               0.081  0.200  ? 173  'X-RAY DIFFRACTION' ? 
r_gen_planes_refined         0.005  0.020  ? 822  'X-RAY DIFFRACTION' ? 
r_gen_planes_other           ?      ?      ? ?    'X-RAY DIFFRACTION' ? 
r_nbd_refined                0.213  0.200  ? 468  'X-RAY DIFFRACTION' ? 
r_nbd_other                  ?      ?      ? ?    'X-RAY DIFFRACTION' ? 
r_nbtor_refined              0.304  0.200  ? 736  'X-RAY DIFFRACTION' ? 
r_nbtor_other                ?      ?      ? ?    'X-RAY DIFFRACTION' ? 
r_xyhbond_nbd_refined        0.133  0.200  ? 97   'X-RAY DIFFRACTION' ? 
r_xyhbond_nbd_other          ?      ?      ? ?    'X-RAY DIFFRACTION' ? 
r_metal_ion_refined          ?      ?      ? ?    'X-RAY DIFFRACTION' ? 
r_metal_ion_other            ?      ?      ? ?    'X-RAY DIFFRACTION' ? 
r_symmetry_vdw_refined       0.171  0.200  ? 33   'X-RAY DIFFRACTION' ? 
r_symmetry_vdw_other         ?      ?      ? ?    'X-RAY DIFFRACTION' ? 
r_symmetry_hbond_refined     0.171  0.200  ? 11   'X-RAY DIFFRACTION' ? 
r_symmetry_hbond_other       ?      ?      ? ?    'X-RAY DIFFRACTION' ? 
r_symmetry_metal_ion_refined ?      ?      ? ?    'X-RAY DIFFRACTION' ? 
r_symmetry_metal_ion_other   ?      ?      ? ?    'X-RAY DIFFRACTION' ? 
r_mcbond_it                  0.831  1.500  ? 708  'X-RAY DIFFRACTION' ? 
r_mcbond_other               ?      ?      ? ?    'X-RAY DIFFRACTION' ? 
r_mcangle_it                 1.359  2.000  ? 1116 'X-RAY DIFFRACTION' ? 
r_mcangle_other              ?      ?      ? ?    'X-RAY DIFFRACTION' ? 
r_scbond_it                  2.127  3.000  ? 432  'X-RAY DIFFRACTION' ? 
r_scbond_other               ?      ?      ? ?    'X-RAY DIFFRACTION' ? 
r_scangle_it                 3.475  4.500  ? 371  'X-RAY DIFFRACTION' ? 
r_scangle_other              ?      ?      ? ?    'X-RAY DIFFRACTION' ? 
r_long_range_B_refined       ?      ?      ? ?    'X-RAY DIFFRACTION' ? 
r_long_range_B_other         ?      ?      ? ?    'X-RAY DIFFRACTION' ? 
r_rigid_bond_restr           ?      ?      ? ?    'X-RAY DIFFRACTION' ? 
r_sphericity_free            ?      ?      ? ?    'X-RAY DIFFRACTION' ? 
r_sphericity_bonded          ?      ?      ? ?    'X-RAY DIFFRACTION' ? 
# 
_refine_ls_shell.pdbx_refine_id                   'X-RAY DIFFRACTION' 
_refine_ls_shell.pdbx_total_number_of_bins_used   20 
_refine_ls_shell.d_res_high                       1.70 
_refine_ls_shell.d_res_low                        1.74 
_refine_ls_shell.number_reflns_R_work             1229 
_refine_ls_shell.R_factor_R_work                  0.2770 
_refine_ls_shell.percent_reflns_obs               ? 
_refine_ls_shell.R_factor_R_free                  0.3550 
_refine_ls_shell.R_factor_R_free_error            ? 
_refine_ls_shell.percent_reflns_R_free            ? 
_refine_ls_shell.number_reflns_R_free             65 
_refine_ls_shell.number_reflns_all                ? 
_refine_ls_shell.R_factor_all                     ? 
_refine_ls_shell.R_factor_obs                     ? 
_refine_ls_shell.number_reflns_obs                ? 
# 
_struct.entry_id                  2J6A 
_struct.title                     'Structure of S. cerevisiae Trm112 protein, a methyltransferase activator' 
_struct.pdbx_model_details        ? 
_struct.pdbx_CASP_flag            ? 
_struct.pdbx_model_type_details   ? 
# 
_struct_keywords.entry_id        2J6A 
_struct_keywords.pdbx_keywords   TRANSFERASE 
_struct_keywords.text            
'TRANSLATION TERMINATION, METHYLTRANSFERASE, TRANSFERASE, ERF1, NUCLEAR PROTEIN, PROTEIN METHYLATION' 
# 
loop_
_struct_asym.id 
_struct_asym.pdbx_blank_PDB_chainid_flag 
_struct_asym.pdbx_modified 
_struct_asym.entity_id 
_struct_asym.details 
A N N 1 ? 
B N N 2 ? 
C N N 3 ? 
D N N 4 ? 
# 
loop_
_struct_ref.id 
_struct_ref.db_name 
_struct_ref.db_code 
_struct_ref.entity_id 
_struct_ref.pdbx_seq_one_letter_code 
_struct_ref.pdbx_align_begin 
_struct_ref.pdbx_db_accession 
_struct_ref.pdbx_db_isoform 
1 UNP TR112_YEAST 1 ? ? P53738 ? 
2 PDB 2J6A        1 ? ? 2J6A   ? 
# 
loop_
_struct_ref_seq.align_id 
_struct_ref_seq.ref_id 
_struct_ref_seq.pdbx_PDB_id_code 
_struct_ref_seq.pdbx_strand_id 
_struct_ref_seq.seq_align_beg 
_struct_ref_seq.pdbx_seq_align_beg_ins_code 
_struct_ref_seq.seq_align_end 
_struct_ref_seq.pdbx_seq_align_end_ins_code 
_struct_ref_seq.pdbx_db_accession 
_struct_ref_seq.db_align_beg 
_struct_ref_seq.pdbx_db_align_beg_ins_code 
_struct_ref_seq.db_align_end 
_struct_ref_seq.pdbx_db_align_end_ins_code 
_struct_ref_seq.pdbx_auth_seq_align_beg 
_struct_ref_seq.pdbx_auth_seq_align_end 
1 1 2J6A A 1   ? 135 ? P53738 1   ? 135 ? 1   135 
2 2 2J6A A 136 ? 141 ? 2J6A   136 ? 141 ? 136 141 
# 
_pdbx_struct_assembly.id                   1 
_pdbx_struct_assembly.details              author_and_software_defined_assembly 
_pdbx_struct_assembly.method_details       PQS 
_pdbx_struct_assembly.oligomeric_details   monomeric 
_pdbx_struct_assembly.oligomeric_count     1 
# 
_pdbx_struct_assembly_gen.assembly_id       1 
_pdbx_struct_assembly_gen.oper_expression   1 
_pdbx_struct_assembly_gen.asym_id_list      A,B,C,D 
# 
_pdbx_struct_oper_list.id                   1 
_pdbx_struct_oper_list.type                 'identity operation' 
_pdbx_struct_oper_list.name                 1_555 
_pdbx_struct_oper_list.symmetry_operation   x,y,z 
_pdbx_struct_oper_list.matrix[1][1]         1.0000000000 
_pdbx_struct_oper_list.matrix[1][2]         0.0000000000 
_pdbx_struct_oper_list.matrix[1][3]         0.0000000000 
_pdbx_struct_oper_list.vector[1]            0.0000000000 
_pdbx_struct_oper_list.matrix[2][1]         0.0000000000 
_pdbx_struct_oper_list.matrix[2][2]         1.0000000000 
_pdbx_struct_oper_list.matrix[2][3]         0.0000000000 
_pdbx_struct_oper_list.vector[2]            0.0000000000 
_pdbx_struct_oper_list.matrix[3][1]         0.0000000000 
_pdbx_struct_oper_list.matrix[3][2]         0.0000000000 
_pdbx_struct_oper_list.matrix[3][3]         1.0000000000 
_pdbx_struct_oper_list.vector[3]            0.0000000000 
# 
loop_
_struct_conf.conf_type_id 
_struct_conf.id 
_struct_conf.pdbx_PDB_helix_id 
_struct_conf.beg_label_comp_id 
_struct_conf.beg_label_asym_id 
_struct_conf.beg_label_seq_id 
_struct_conf.pdbx_beg_PDB_ins_code 
_struct_conf.end_label_comp_id 
_struct_conf.end_label_asym_id 
_struct_conf.end_label_seq_id 
_struct_conf.pdbx_end_PDB_ins_code 
_struct_conf.beg_auth_comp_id 
_struct_conf.beg_auth_asym_id 
_struct_conf.beg_auth_seq_id 
_struct_conf.end_auth_comp_id 
_struct_conf.end_auth_asym_id 
_struct_conf.end_auth_seq_id 
_struct_conf.pdbx_PDB_helix_class 
_struct_conf.details 
_struct_conf.pdbx_PDB_helix_length 
HELX_P HELX_P1 1 PHE A 3  ? PHE A 8   ? PHE A 3  PHE A 8   5 ? 6  
HELX_P HELX_P2 2 VAL A 13 ? ASP A 17  ? VAL A 13 ASP A 17  5 ? 5  
HELX_P HELX_P3 3 ASN A 43 ? VAL A 54  ? ASN A 43 VAL A 54  1 ? 12 
HELX_P HELX_P4 4 ASP A 55 ? LEU A 66  ? ASP A 55 LEU A 66  1 ? 12 
HELX_P HELX_P5 5 SER A 81 ? LEU A 85  ? SER A 81 LEU A 85  5 ? 5  
HELX_P HELX_P6 6 THR A 86 ? LEU A 101 ? THR A 86 LEU A 101 1 ? 16 
# 
_struct_conf_type.id          HELX_P 
_struct_conf_type.criteria    ? 
_struct_conf_type.reference   ? 
# 
loop_
_struct_conn.id 
_struct_conn.conn_type_id 
_struct_conn.pdbx_leaving_atom_flag 
_struct_conn.pdbx_PDB_id 
_struct_conn.ptnr1_label_asym_id 
_struct_conn.ptnr1_label_comp_id 
_struct_conn.ptnr1_label_seq_id 
_struct_conn.ptnr1_label_atom_id 
_struct_conn.pdbx_ptnr1_label_alt_id 
_struct_conn.pdbx_ptnr1_PDB_ins_code 
_struct_conn.pdbx_ptnr1_standard_comp_id 
_struct_conn.ptnr1_symmetry 
_struct_conn.ptnr2_label_asym_id 
_struct_conn.ptnr2_label_comp_id 
_struct_conn.ptnr2_label_seq_id 
_struct_conn.ptnr2_label_atom_id 
_struct_conn.pdbx_ptnr2_label_alt_id 
_struct_conn.pdbx_ptnr2_PDB_ins_code 
_struct_conn.ptnr1_auth_asym_id 
_struct_conn.ptnr1_auth_comp_id 
_struct_conn.ptnr1_auth_seq_id 
_struct_conn.ptnr2_auth_asym_id 
_struct_conn.ptnr2_auth_comp_id 
_struct_conn.ptnr2_auth_seq_id 
_struct_conn.ptnr2_symmetry 
_struct_conn.pdbx_ptnr3_label_atom_id 
_struct_conn.pdbx_ptnr3_label_seq_id 
_struct_conn.pdbx_ptnr3_label_comp_id 
_struct_conn.pdbx_ptnr3_label_asym_id 
_struct_conn.pdbx_ptnr3_label_alt_id 
_struct_conn.pdbx_ptnr3_PDB_ins_code 
_struct_conn.details 
_struct_conn.pdbx_dist_value 
_struct_conn.pdbx_value_order 
_struct_conn.pdbx_role 
metalc1 metalc ? ? A CYS 11  SG ? ? ? 1_555 C ZN . ZN ? ? A CYS 11  A ZN 1138 1_555 ? ? ? ? ? ? ? 2.397 ? ? 
metalc2 metalc ? ? A CYS 16  SG ? ? ? 1_555 C ZN . ZN ? ? A CYS 16  A ZN 1138 1_555 ? ? ? ? ? ? ? 2.295 ? ? 
metalc3 metalc ? ? A CYS 112 SG ? ? ? 1_555 C ZN . ZN ? ? A CYS 112 A ZN 1138 1_555 ? ? ? ? ? ? ? 2.356 ? ? 
metalc4 metalc ? ? A CYS 115 SG ? ? ? 1_555 C ZN . ZN ? ? A CYS 115 A ZN 1138 1_555 ? ? ? ? ? ? ? 2.375 ? ? 
# 
_struct_conn_type.id          metalc 
_struct_conn_type.criteria    ? 
_struct_conn_type.reference   ? 
# 
loop_
_pdbx_struct_conn_angle.id 
_pdbx_struct_conn_angle.ptnr1_label_atom_id 
_pdbx_struct_conn_angle.ptnr1_label_alt_id 
_pdbx_struct_conn_angle.ptnr1_label_asym_id 
_pdbx_struct_conn_angle.ptnr1_label_comp_id 
_pdbx_struct_conn_angle.ptnr1_label_seq_id 
_pdbx_struct_conn_angle.ptnr1_auth_atom_id 
_pdbx_struct_conn_angle.ptnr1_auth_asym_id 
_pdbx_struct_conn_angle.ptnr1_auth_comp_id 
_pdbx_struct_conn_angle.ptnr1_auth_seq_id 
_pdbx_struct_conn_angle.ptnr1_PDB_ins_code 
_pdbx_struct_conn_angle.ptnr1_symmetry 
_pdbx_struct_conn_angle.ptnr2_label_atom_id 
_pdbx_struct_conn_angle.ptnr2_label_alt_id 
_pdbx_struct_conn_angle.ptnr2_label_asym_id 
_pdbx_struct_conn_angle.ptnr2_label_comp_id 
_pdbx_struct_conn_angle.ptnr2_label_seq_id 
_pdbx_struct_conn_angle.ptnr2_auth_atom_id 
_pdbx_struct_conn_angle.ptnr2_auth_asym_id 
_pdbx_struct_conn_angle.ptnr2_auth_comp_id 
_pdbx_struct_conn_angle.ptnr2_auth_seq_id 
_pdbx_struct_conn_angle.ptnr2_PDB_ins_code 
_pdbx_struct_conn_angle.ptnr2_symmetry 
_pdbx_struct_conn_angle.ptnr3_label_atom_id 
_pdbx_struct_conn_angle.ptnr3_label_alt_id 
_pdbx_struct_conn_angle.ptnr3_label_asym_id 
_pdbx_struct_conn_angle.ptnr3_label_comp_id 
_pdbx_struct_conn_angle.ptnr3_label_seq_id 
_pdbx_struct_conn_angle.ptnr3_auth_atom_id 
_pdbx_struct_conn_angle.ptnr3_auth_asym_id 
_pdbx_struct_conn_angle.ptnr3_auth_comp_id 
_pdbx_struct_conn_angle.ptnr3_auth_seq_id 
_pdbx_struct_conn_angle.ptnr3_PDB_ins_code 
_pdbx_struct_conn_angle.ptnr3_symmetry 
_pdbx_struct_conn_angle.value 
_pdbx_struct_conn_angle.value_esd 
1 SG ? A CYS 11  ? A CYS 11  ? 1_555 ZN ? C ZN . ? A ZN 1138 ? 1_555 SG ? A CYS 16  ? A CYS 16  ? 1_555 113.9 ? 
2 SG ? A CYS 11  ? A CYS 11  ? 1_555 ZN ? C ZN . ? A ZN 1138 ? 1_555 SG ? A CYS 112 ? A CYS 112 ? 1_555 101.4 ? 
3 SG ? A CYS 16  ? A CYS 16  ? 1_555 ZN ? C ZN . ? A ZN 1138 ? 1_555 SG ? A CYS 112 ? A CYS 112 ? 1_555 114.9 ? 
4 SG ? A CYS 11  ? A CYS 11  ? 1_555 ZN ? C ZN . ? A ZN 1138 ? 1_555 SG ? A CYS 115 ? A CYS 115 ? 1_555 111.7 ? 
5 SG ? A CYS 16  ? A CYS 16  ? 1_555 ZN ? C ZN . ? A ZN 1138 ? 1_555 SG ? A CYS 115 ? A CYS 115 ? 1_555 106.2 ? 
6 SG ? A CYS 112 ? A CYS 112 ? 1_555 ZN ? C ZN . ? A ZN 1138 ? 1_555 SG ? A CYS 115 ? A CYS 115 ? 1_555 108.8 ? 
# 
_struct_mon_prot_cis.pdbx_id                1 
_struct_mon_prot_cis.label_comp_id          PHE 
_struct_mon_prot_cis.label_seq_id           23 
_struct_mon_prot_cis.label_asym_id          A 
_struct_mon_prot_cis.label_alt_id           . 
_struct_mon_prot_cis.pdbx_PDB_ins_code      ? 
_struct_mon_prot_cis.auth_comp_id           PHE 
_struct_mon_prot_cis.auth_seq_id            23 
_struct_mon_prot_cis.auth_asym_id           A 
_struct_mon_prot_cis.pdbx_label_comp_id_2   PRO 
_struct_mon_prot_cis.pdbx_label_seq_id_2    24 
_struct_mon_prot_cis.pdbx_label_asym_id_2   A 
_struct_mon_prot_cis.pdbx_PDB_ins_code_2    ? 
_struct_mon_prot_cis.pdbx_auth_comp_id_2    PRO 
_struct_mon_prot_cis.pdbx_auth_seq_id_2     24 
_struct_mon_prot_cis.pdbx_auth_asym_id_2    A 
_struct_mon_prot_cis.pdbx_PDB_model_num     1 
_struct_mon_prot_cis.pdbx_omega_angle       -2.78 
# 
loop_
_struct_sheet.id 
_struct_sheet.type 
_struct_sheet.number_strands 
_struct_sheet.details 
AA ? 3 ? 
AB ? 4 ? 
# 
loop_
_struct_sheet_order.sheet_id 
_struct_sheet_order.range_id_1 
_struct_sheet_order.range_id_2 
_struct_sheet_order.offset 
_struct_sheet_order.sense 
AA 1 2 ? anti-parallel 
AA 2 3 ? anti-parallel 
AB 1 2 ? anti-parallel 
AB 2 3 ? anti-parallel 
AB 3 4 ? anti-parallel 
# 
loop_
_struct_sheet_range.sheet_id 
_struct_sheet_range.id 
_struct_sheet_range.beg_label_comp_id 
_struct_sheet_range.beg_label_asym_id 
_struct_sheet_range.beg_label_seq_id 
_struct_sheet_range.pdbx_beg_PDB_ins_code 
_struct_sheet_range.end_label_comp_id 
_struct_sheet_range.end_label_asym_id 
_struct_sheet_range.end_label_seq_id 
_struct_sheet_range.pdbx_end_PDB_ins_code 
_struct_sheet_range.beg_auth_comp_id 
_struct_sheet_range.beg_auth_asym_id 
_struct_sheet_range.beg_auth_seq_id 
_struct_sheet_range.end_auth_comp_id 
_struct_sheet_range.end_auth_asym_id 
_struct_sheet_range.end_auth_seq_id 
AA 1 GLN A 26  ? TYR A 27  ? GLN A 26  TYR A 27  
AA 2 THR A 103 ? LYS A 111 ? THR A 103 LYS A 111 
AA 3 GLN A 33  ? GLN A 36  ? GLN A 33  GLN A 36  
AB 1 GLN A 26  ? TYR A 27  ? GLN A 26  TYR A 27  
AB 2 THR A 103 ? LYS A 111 ? THR A 103 LYS A 111 
AB 3 ILE A 118 ? LYS A 122 ? ILE A 118 LYS A 122 
AB 4 ILE A 125 ? PRO A 126 ? ILE A 125 PRO A 126 
# 
loop_
_pdbx_struct_sheet_hbond.sheet_id 
_pdbx_struct_sheet_hbond.range_id_1 
_pdbx_struct_sheet_hbond.range_id_2 
_pdbx_struct_sheet_hbond.range_1_label_atom_id 
_pdbx_struct_sheet_hbond.range_1_label_comp_id 
_pdbx_struct_sheet_hbond.range_1_label_asym_id 
_pdbx_struct_sheet_hbond.range_1_label_seq_id 
_pdbx_struct_sheet_hbond.range_1_PDB_ins_code 
_pdbx_struct_sheet_hbond.range_1_auth_atom_id 
_pdbx_struct_sheet_hbond.range_1_auth_comp_id 
_pdbx_struct_sheet_hbond.range_1_auth_asym_id 
_pdbx_struct_sheet_hbond.range_1_auth_seq_id 
_pdbx_struct_sheet_hbond.range_2_label_atom_id 
_pdbx_struct_sheet_hbond.range_2_label_comp_id 
_pdbx_struct_sheet_hbond.range_2_label_asym_id 
_pdbx_struct_sheet_hbond.range_2_label_seq_id 
_pdbx_struct_sheet_hbond.range_2_PDB_ins_code 
_pdbx_struct_sheet_hbond.range_2_auth_atom_id 
_pdbx_struct_sheet_hbond.range_2_auth_comp_id 
_pdbx_struct_sheet_hbond.range_2_auth_asym_id 
_pdbx_struct_sheet_hbond.range_2_auth_seq_id 
AA 1 2 N GLN A 26  ? N GLN A 26  O LYS A 111 ? O LYS A 111 
AA 2 3 N ALA A 106 ? N ALA A 106 O GLN A 33  ? O GLN A 33  
AB 1 2 N GLN A 26  ? N GLN A 26  O LYS A 111 ? O LYS A 111 
AB 2 3 N MET A 110 ? N MET A 110 O TYR A 119 ? O TYR A 119 
AB 3 4 N LYS A 122 ? N LYS A 122 O ILE A 125 ? O ILE A 125 
# 
loop_
_struct_site.id 
_struct_site.pdbx_evidence_code 
_struct_site.pdbx_auth_asym_id 
_struct_site.pdbx_auth_comp_id 
_struct_site.pdbx_auth_seq_id 
_struct_site.pdbx_auth_ins_code 
_struct_site.pdbx_num_residues 
_struct_site.details 
AC1 Software ? ? ? ? 4 'BINDING SITE FOR RESIDUE ZN A1138'  
AC2 Software ? ? ? ? 6 'BINDING SITE FOR RESIDUE EDO A1137' 
# 
loop_
_struct_site_gen.id 
_struct_site_gen.site_id 
_struct_site_gen.pdbx_num_res 
_struct_site_gen.label_comp_id 
_struct_site_gen.label_asym_id 
_struct_site_gen.label_seq_id 
_struct_site_gen.pdbx_auth_ins_code 
_struct_site_gen.auth_comp_id 
_struct_site_gen.auth_asym_id 
_struct_site_gen.auth_seq_id 
_struct_site_gen.label_atom_id 
_struct_site_gen.label_alt_id 
_struct_site_gen.symmetry 
_struct_site_gen.details 
1  AC1 4 CYS A 11  ? CYS A 11   . ? 1_555 ? 
2  AC1 4 CYS A 16  ? CYS A 16   . ? 1_555 ? 
3  AC1 4 CYS A 112 ? CYS A 112  . ? 1_555 ? 
4  AC1 4 CYS A 115 ? CYS A 115  . ? 1_555 ? 
5  AC2 6 MET A 1   ? MET A 1    . ? 1_555 ? 
6  AC2 6 LYS A 2   ? LYS A 2    . ? 1_555 ? 
7  AC2 6 ARG A 53  ? ARG A 53   . ? 1_555 ? 
8  AC2 6 SER A 104 ? SER A 104  . ? 1_555 ? 
9  AC2 6 HIS A 133 ? HIS A 133  . ? 1_555 ? 
10 AC2 6 HOH D .   ? HOH A 2144 . ? 1_555 ? 
# 
_pdbx_database_remark.id     700 
_pdbx_database_remark.text   
;
SHEET
THE SHEET STRUCTURE OF THIS MOLECULE IS BIFURCATED. IN
ORDER TO REPRESENT THIS FEATURE IN THE SHEET RECORDS BELOW,
TWO SHEETS ARE DEFINED.
;
# 
_pdbx_distant_solvent_atoms.id                                1 
_pdbx_distant_solvent_atoms.PDB_model_num                     1 
_pdbx_distant_solvent_atoms.auth_atom_id                      O 
_pdbx_distant_solvent_atoms.label_alt_id                      ? 
_pdbx_distant_solvent_atoms.auth_asym_id                      A 
_pdbx_distant_solvent_atoms.auth_comp_id                      HOH 
_pdbx_distant_solvent_atoms.auth_seq_id                       2030 
_pdbx_distant_solvent_atoms.PDB_ins_code                      ? 
_pdbx_distant_solvent_atoms.neighbor_macromolecule_distance   6.08 
_pdbx_distant_solvent_atoms.neighbor_ligand_distance          . 
# 
loop_
_pdbx_unobs_or_zero_occ_residues.id 
_pdbx_unobs_or_zero_occ_residues.PDB_model_num 
_pdbx_unobs_or_zero_occ_residues.polymer_flag 
_pdbx_unobs_or_zero_occ_residues.occupancy_flag 
_pdbx_unobs_or_zero_occ_residues.auth_asym_id 
_pdbx_unobs_or_zero_occ_residues.auth_comp_id 
_pdbx_unobs_or_zero_occ_residues.auth_seq_id 
_pdbx_unobs_or_zero_occ_residues.PDB_ins_code 
_pdbx_unobs_or_zero_occ_residues.label_asym_id 
_pdbx_unobs_or_zero_occ_residues.label_comp_id 
_pdbx_unobs_or_zero_occ_residues.label_seq_id 
1 1 Y 1 A HIS 137 ? A HIS 137 
2 1 Y 1 A HIS 138 ? A HIS 138 
3 1 Y 1 A HIS 139 ? A HIS 139 
4 1 Y 1 A HIS 140 ? A HIS 140 
5 1 Y 1 A HIS 141 ? A HIS 141 
# 
loop_
_chem_comp_atom.comp_id 
_chem_comp_atom.atom_id 
_chem_comp_atom.type_symbol 
_chem_comp_atom.pdbx_aromatic_flag 
_chem_comp_atom.pdbx_stereo_config 
_chem_comp_atom.pdbx_ordinal 
ALA N    N  N N 1   
ALA CA   C  N S 2   
ALA C    C  N N 3   
ALA O    O  N N 4   
ALA CB   C  N N 5   
ALA OXT  O  N N 6   
ALA H    H  N N 7   
ALA H2   H  N N 8   
ALA HA   H  N N 9   
ALA HB1  H  N N 10  
ALA HB2  H  N N 11  
ALA HB3  H  N N 12  
ALA HXT  H  N N 13  
ARG N    N  N N 14  
ARG CA   C  N S 15  
ARG C    C  N N 16  
ARG O    O  N N 17  
ARG CB   C  N N 18  
ARG CG   C  N N 19  
ARG CD   C  N N 20  
ARG NE   N  N N 21  
ARG CZ   C  N N 22  
ARG NH1  N  N N 23  
ARG NH2  N  N N 24  
ARG OXT  O  N N 25  
ARG H    H  N N 26  
ARG H2   H  N N 27  
ARG HA   H  N N 28  
ARG HB2  H  N N 29  
ARG HB3  H  N N 30  
ARG HG2  H  N N 31  
ARG HG3  H  N N 32  
ARG HD2  H  N N 33  
ARG HD3  H  N N 34  
ARG HE   H  N N 35  
ARG HH11 H  N N 36  
ARG HH12 H  N N 37  
ARG HH21 H  N N 38  
ARG HH22 H  N N 39  
ARG HXT  H  N N 40  
ASN N    N  N N 41  
ASN CA   C  N S 42  
ASN C    C  N N 43  
ASN O    O  N N 44  
ASN CB   C  N N 45  
ASN CG   C  N N 46  
ASN OD1  O  N N 47  
ASN ND2  N  N N 48  
ASN OXT  O  N N 49  
ASN H    H  N N 50  
ASN H2   H  N N 51  
ASN HA   H  N N 52  
ASN HB2  H  N N 53  
ASN HB3  H  N N 54  
ASN HD21 H  N N 55  
ASN HD22 H  N N 56  
ASN HXT  H  N N 57  
ASP N    N  N N 58  
ASP CA   C  N S 59  
ASP C    C  N N 60  
ASP O    O  N N 61  
ASP CB   C  N N 62  
ASP CG   C  N N 63  
ASP OD1  O  N N 64  
ASP OD2  O  N N 65  
ASP OXT  O  N N 66  
ASP H    H  N N 67  
ASP H2   H  N N 68  
ASP HA   H  N N 69  
ASP HB2  H  N N 70  
ASP HB3  H  N N 71  
ASP HD2  H  N N 72  
ASP HXT  H  N N 73  
CYS N    N  N N 74  
CYS CA   C  N R 75  
CYS C    C  N N 76  
CYS O    O  N N 77  
CYS CB   C  N N 78  
CYS SG   S  N N 79  
CYS OXT  O  N N 80  
CYS H    H  N N 81  
CYS H2   H  N N 82  
CYS HA   H  N N 83  
CYS HB2  H  N N 84  
CYS HB3  H  N N 85  
CYS HG   H  N N 86  
CYS HXT  H  N N 87  
EDO C1   C  N N 88  
EDO O1   O  N N 89  
EDO C2   C  N N 90  
EDO O2   O  N N 91  
EDO H11  H  N N 92  
EDO H12  H  N N 93  
EDO HO1  H  N N 94  
EDO H21  H  N N 95  
EDO H22  H  N N 96  
EDO HO2  H  N N 97  
GLN N    N  N N 98  
GLN CA   C  N S 99  
GLN C    C  N N 100 
GLN O    O  N N 101 
GLN CB   C  N N 102 
GLN CG   C  N N 103 
GLN CD   C  N N 104 
GLN OE1  O  N N 105 
GLN NE2  N  N N 106 
GLN OXT  O  N N 107 
GLN H    H  N N 108 
GLN H2   H  N N 109 
GLN HA   H  N N 110 
GLN HB2  H  N N 111 
GLN HB3  H  N N 112 
GLN HG2  H  N N 113 
GLN HG3  H  N N 114 
GLN HE21 H  N N 115 
GLN HE22 H  N N 116 
GLN HXT  H  N N 117 
GLU N    N  N N 118 
GLU CA   C  N S 119 
GLU C    C  N N 120 
GLU O    O  N N 121 
GLU CB   C  N N 122 
GLU CG   C  N N 123 
GLU CD   C  N N 124 
GLU OE1  O  N N 125 
GLU OE2  O  N N 126 
GLU OXT  O  N N 127 
GLU H    H  N N 128 
GLU H2   H  N N 129 
GLU HA   H  N N 130 
GLU HB2  H  N N 131 
GLU HB3  H  N N 132 
GLU HG2  H  N N 133 
GLU HG3  H  N N 134 
GLU HE2  H  N N 135 
GLU HXT  H  N N 136 
GLY N    N  N N 137 
GLY CA   C  N N 138 
GLY C    C  N N 139 
GLY O    O  N N 140 
GLY OXT  O  N N 141 
GLY H    H  N N 142 
GLY H2   H  N N 143 
GLY HA2  H  N N 144 
GLY HA3  H  N N 145 
GLY HXT  H  N N 146 
HIS N    N  N N 147 
HIS CA   C  N S 148 
HIS C    C  N N 149 
HIS O    O  N N 150 
HIS CB   C  N N 151 
HIS CG   C  Y N 152 
HIS ND1  N  Y N 153 
HIS CD2  C  Y N 154 
HIS CE1  C  Y N 155 
HIS NE2  N  Y N 156 
HIS OXT  O  N N 157 
HIS H    H  N N 158 
HIS H2   H  N N 159 
HIS HA   H  N N 160 
HIS HB2  H  N N 161 
HIS HB3  H  N N 162 
HIS HD1  H  N N 163 
HIS HD2  H  N N 164 
HIS HE1  H  N N 165 
HIS HE2  H  N N 166 
HIS HXT  H  N N 167 
HOH O    O  N N 168 
HOH H1   H  N N 169 
HOH H2   H  N N 170 
ILE N    N  N N 171 
ILE CA   C  N S 172 
ILE C    C  N N 173 
ILE O    O  N N 174 
ILE CB   C  N S 175 
ILE CG1  C  N N 176 
ILE CG2  C  N N 177 
ILE CD1  C  N N 178 
ILE OXT  O  N N 179 
ILE H    H  N N 180 
ILE H2   H  N N 181 
ILE HA   H  N N 182 
ILE HB   H  N N 183 
ILE HG12 H  N N 184 
ILE HG13 H  N N 185 
ILE HG21 H  N N 186 
ILE HG22 H  N N 187 
ILE HG23 H  N N 188 
ILE HD11 H  N N 189 
ILE HD12 H  N N 190 
ILE HD13 H  N N 191 
ILE HXT  H  N N 192 
LEU N    N  N N 193 
LEU CA   C  N S 194 
LEU C    C  N N 195 
LEU O    O  N N 196 
LEU CB   C  N N 197 
LEU CG   C  N N 198 
LEU CD1  C  N N 199 
LEU CD2  C  N N 200 
LEU OXT  O  N N 201 
LEU H    H  N N 202 
LEU H2   H  N N 203 
LEU HA   H  N N 204 
LEU HB2  H  N N 205 
LEU HB3  H  N N 206 
LEU HG   H  N N 207 
LEU HD11 H  N N 208 
LEU HD12 H  N N 209 
LEU HD13 H  N N 210 
LEU HD21 H  N N 211 
LEU HD22 H  N N 212 
LEU HD23 H  N N 213 
LEU HXT  H  N N 214 
LYS N    N  N N 215 
LYS CA   C  N S 216 
LYS C    C  N N 217 
LYS O    O  N N 218 
LYS CB   C  N N 219 
LYS CG   C  N N 220 
LYS CD   C  N N 221 
LYS CE   C  N N 222 
LYS NZ   N  N N 223 
LYS OXT  O  N N 224 
LYS H    H  N N 225 
LYS H2   H  N N 226 
LYS HA   H  N N 227 
LYS HB2  H  N N 228 
LYS HB3  H  N N 229 
LYS HG2  H  N N 230 
LYS HG3  H  N N 231 
LYS HD2  H  N N 232 
LYS HD3  H  N N 233 
LYS HE2  H  N N 234 
LYS HE3  H  N N 235 
LYS HZ1  H  N N 236 
LYS HZ2  H  N N 237 
LYS HZ3  H  N N 238 
LYS HXT  H  N N 239 
MET N    N  N N 240 
MET CA   C  N S 241 
MET C    C  N N 242 
MET O    O  N N 243 
MET CB   C  N N 244 
MET CG   C  N N 245 
MET SD   S  N N 246 
MET CE   C  N N 247 
MET OXT  O  N N 248 
MET H    H  N N 249 
MET H2   H  N N 250 
MET HA   H  N N 251 
MET HB2  H  N N 252 
MET HB3  H  N N 253 
MET HG2  H  N N 254 
MET HG3  H  N N 255 
MET HE1  H  N N 256 
MET HE2  H  N N 257 
MET HE3  H  N N 258 
MET HXT  H  N N 259 
PHE N    N  N N 260 
PHE CA   C  N S 261 
PHE C    C  N N 262 
PHE O    O  N N 263 
PHE CB   C  N N 264 
PHE CG   C  Y N 265 
PHE CD1  C  Y N 266 
PHE CD2  C  Y N 267 
PHE CE1  C  Y N 268 
PHE CE2  C  Y N 269 
PHE CZ   C  Y N 270 
PHE OXT  O  N N 271 
PHE H    H  N N 272 
PHE H2   H  N N 273 
PHE HA   H  N N 274 
PHE HB2  H  N N 275 
PHE HB3  H  N N 276 
PHE HD1  H  N N 277 
PHE HD2  H  N N 278 
PHE HE1  H  N N 279 
PHE HE2  H  N N 280 
PHE HZ   H  N N 281 
PHE HXT  H  N N 282 
PRO N    N  N N 283 
PRO CA   C  N S 284 
PRO C    C  N N 285 
PRO O    O  N N 286 
PRO CB   C  N N 287 
PRO CG   C  N N 288 
PRO CD   C  N N 289 
PRO OXT  O  N N 290 
PRO H    H  N N 291 
PRO HA   H  N N 292 
PRO HB2  H  N N 293 
PRO HB3  H  N N 294 
PRO HG2  H  N N 295 
PRO HG3  H  N N 296 
PRO HD2  H  N N 297 
PRO HD3  H  N N 298 
PRO HXT  H  N N 299 
SER N    N  N N 300 
SER CA   C  N S 301 
SER C    C  N N 302 
SER O    O  N N 303 
SER CB   C  N N 304 
SER OG   O  N N 305 
SER OXT  O  N N 306 
SER H    H  N N 307 
SER H2   H  N N 308 
SER HA   H  N N 309 
SER HB2  H  N N 310 
SER HB3  H  N N 311 
SER HG   H  N N 312 
SER HXT  H  N N 313 
THR N    N  N N 314 
THR CA   C  N S 315 
THR C    C  N N 316 
THR O    O  N N 317 
THR CB   C  N R 318 
THR OG1  O  N N 319 
THR CG2  C  N N 320 
THR OXT  O  N N 321 
THR H    H  N N 322 
THR H2   H  N N 323 
THR HA   H  N N 324 
THR HB   H  N N 325 
THR HG1  H  N N 326 
THR HG21 H  N N 327 
THR HG22 H  N N 328 
THR HG23 H  N N 329 
THR HXT  H  N N 330 
TRP N    N  N N 331 
TRP CA   C  N S 332 
TRP C    C  N N 333 
TRP O    O  N N 334 
TRP CB   C  N N 335 
TRP CG   C  Y N 336 
TRP CD1  C  Y N 337 
TRP CD2  C  Y N 338 
TRP NE1  N  Y N 339 
TRP CE2  C  Y N 340 
TRP CE3  C  Y N 341 
TRP CZ2  C  Y N 342 
TRP CZ3  C  Y N 343 
TRP CH2  C  Y N 344 
TRP OXT  O  N N 345 
TRP H    H  N N 346 
TRP H2   H  N N 347 
TRP HA   H  N N 348 
TRP HB2  H  N N 349 
TRP HB3  H  N N 350 
TRP HD1  H  N N 351 
TRP HE1  H  N N 352 
TRP HE3  H  N N 353 
TRP HZ2  H  N N 354 
TRP HZ3  H  N N 355 
TRP HH2  H  N N 356 
TRP HXT  H  N N 357 
TYR N    N  N N 358 
TYR CA   C  N S 359 
TYR C    C  N N 360 
TYR O    O  N N 361 
TYR CB   C  N N 362 
TYR CG   C  Y N 363 
TYR CD1  C  Y N 364 
TYR CD2  C  Y N 365 
TYR CE1  C  Y N 366 
TYR CE2  C  Y N 367 
TYR CZ   C  Y N 368 
TYR OH   O  N N 369 
TYR OXT  O  N N 370 
TYR H    H  N N 371 
TYR H2   H  N N 372 
TYR HA   H  N N 373 
TYR HB2  H  N N 374 
TYR HB3  H  N N 375 
TYR HD1  H  N N 376 
TYR HD2  H  N N 377 
TYR HE1  H  N N 378 
TYR HE2  H  N N 379 
TYR HH   H  N N 380 
TYR HXT  H  N N 381 
VAL N    N  N N 382 
VAL CA   C  N S 383 
VAL C    C  N N 384 
VAL O    O  N N 385 
VAL CB   C  N N 386 
VAL CG1  C  N N 387 
VAL CG2  C  N N 388 
VAL OXT  O  N N 389 
VAL H    H  N N 390 
VAL H2   H  N N 391 
VAL HA   H  N N 392 
VAL HB   H  N N 393 
VAL HG11 H  N N 394 
VAL HG12 H  N N 395 
VAL HG13 H  N N 396 
VAL HG21 H  N N 397 
VAL HG22 H  N N 398 
VAL HG23 H  N N 399 
VAL HXT  H  N N 400 
ZN  ZN   ZN N N 401 
# 
loop_
_chem_comp_bond.comp_id 
_chem_comp_bond.atom_id_1 
_chem_comp_bond.atom_id_2 
_chem_comp_bond.value_order 
_chem_comp_bond.pdbx_aromatic_flag 
_chem_comp_bond.pdbx_stereo_config 
_chem_comp_bond.pdbx_ordinal 
ALA N   CA   sing N N 1   
ALA N   H    sing N N 2   
ALA N   H2   sing N N 3   
ALA CA  C    sing N N 4   
ALA CA  CB   sing N N 5   
ALA CA  HA   sing N N 6   
ALA C   O    doub N N 7   
ALA C   OXT  sing N N 8   
ALA CB  HB1  sing N N 9   
ALA CB  HB2  sing N N 10  
ALA CB  HB3  sing N N 11  
ALA OXT HXT  sing N N 12  
ARG N   CA   sing N N 13  
ARG N   H    sing N N 14  
ARG N   H2   sing N N 15  
ARG CA  C    sing N N 16  
ARG CA  CB   sing N N 17  
ARG CA  HA   sing N N 18  
ARG C   O    doub N N 19  
ARG C   OXT  sing N N 20  
ARG CB  CG   sing N N 21  
ARG CB  HB2  sing N N 22  
ARG CB  HB3  sing N N 23  
ARG CG  CD   sing N N 24  
ARG CG  HG2  sing N N 25  
ARG CG  HG3  sing N N 26  
ARG CD  NE   sing N N 27  
ARG CD  HD2  sing N N 28  
ARG CD  HD3  sing N N 29  
ARG NE  CZ   sing N N 30  
ARG NE  HE   sing N N 31  
ARG CZ  NH1  sing N N 32  
ARG CZ  NH2  doub N N 33  
ARG NH1 HH11 sing N N 34  
ARG NH1 HH12 sing N N 35  
ARG NH2 HH21 sing N N 36  
ARG NH2 HH22 sing N N 37  
ARG OXT HXT  sing N N 38  
ASN N   CA   sing N N 39  
ASN N   H    sing N N 40  
ASN N   H2   sing N N 41  
ASN CA  C    sing N N 42  
ASN CA  CB   sing N N 43  
ASN CA  HA   sing N N 44  
ASN C   O    doub N N 45  
ASN C   OXT  sing N N 46  
ASN CB  CG   sing N N 47  
ASN CB  HB2  sing N N 48  
ASN CB  HB3  sing N N 49  
ASN CG  OD1  doub N N 50  
ASN CG  ND2  sing N N 51  
ASN ND2 HD21 sing N N 52  
ASN ND2 HD22 sing N N 53  
ASN OXT HXT  sing N N 54  
ASP N   CA   sing N N 55  
ASP N   H    sing N N 56  
ASP N   H2   sing N N 57  
ASP CA  C    sing N N 58  
ASP CA  CB   sing N N 59  
ASP CA  HA   sing N N 60  
ASP C   O    doub N N 61  
ASP C   OXT  sing N N 62  
ASP CB  CG   sing N N 63  
ASP CB  HB2  sing N N 64  
ASP CB  HB3  sing N N 65  
ASP CG  OD1  doub N N 66  
ASP CG  OD2  sing N N 67  
ASP OD2 HD2  sing N N 68  
ASP OXT HXT  sing N N 69  
CYS N   CA   sing N N 70  
CYS N   H    sing N N 71  
CYS N   H2   sing N N 72  
CYS CA  C    sing N N 73  
CYS CA  CB   sing N N 74  
CYS CA  HA   sing N N 75  
CYS C   O    doub N N 76  
CYS C   OXT  sing N N 77  
CYS CB  SG   sing N N 78  
CYS CB  HB2  sing N N 79  
CYS CB  HB3  sing N N 80  
CYS SG  HG   sing N N 81  
CYS OXT HXT  sing N N 82  
EDO C1  O1   sing N N 83  
EDO C1  C2   sing N N 84  
EDO C1  H11  sing N N 85  
EDO C1  H12  sing N N 86  
EDO O1  HO1  sing N N 87  
EDO C2  O2   sing N N 88  
EDO C2  H21  sing N N 89  
EDO C2  H22  sing N N 90  
EDO O2  HO2  sing N N 91  
GLN N   CA   sing N N 92  
GLN N   H    sing N N 93  
GLN N   H2   sing N N 94  
GLN CA  C    sing N N 95  
GLN CA  CB   sing N N 96  
GLN CA  HA   sing N N 97  
GLN C   O    doub N N 98  
GLN C   OXT  sing N N 99  
GLN CB  CG   sing N N 100 
GLN CB  HB2  sing N N 101 
GLN CB  HB3  sing N N 102 
GLN CG  CD   sing N N 103 
GLN CG  HG2  sing N N 104 
GLN CG  HG3  sing N N 105 
GLN CD  OE1  doub N N 106 
GLN CD  NE2  sing N N 107 
GLN NE2 HE21 sing N N 108 
GLN NE2 HE22 sing N N 109 
GLN OXT HXT  sing N N 110 
GLU N   CA   sing N N 111 
GLU N   H    sing N N 112 
GLU N   H2   sing N N 113 
GLU CA  C    sing N N 114 
GLU CA  CB   sing N N 115 
GLU CA  HA   sing N N 116 
GLU C   O    doub N N 117 
GLU C   OXT  sing N N 118 
GLU CB  CG   sing N N 119 
GLU CB  HB2  sing N N 120 
GLU CB  HB3  sing N N 121 
GLU CG  CD   sing N N 122 
GLU CG  HG2  sing N N 123 
GLU CG  HG3  sing N N 124 
GLU CD  OE1  doub N N 125 
GLU CD  OE2  sing N N 126 
GLU OE2 HE2  sing N N 127 
GLU OXT HXT  sing N N 128 
GLY N   CA   sing N N 129 
GLY N   H    sing N N 130 
GLY N   H2   sing N N 131 
GLY CA  C    sing N N 132 
GLY CA  HA2  sing N N 133 
GLY CA  HA3  sing N N 134 
GLY C   O    doub N N 135 
GLY C   OXT  sing N N 136 
GLY OXT HXT  sing N N 137 
HIS N   CA   sing N N 138 
HIS N   H    sing N N 139 
HIS N   H2   sing N N 140 
HIS CA  C    sing N N 141 
HIS CA  CB   sing N N 142 
HIS CA  HA   sing N N 143 
HIS C   O    doub N N 144 
HIS C   OXT  sing N N 145 
HIS CB  CG   sing N N 146 
HIS CB  HB2  sing N N 147 
HIS CB  HB3  sing N N 148 
HIS CG  ND1  sing Y N 149 
HIS CG  CD2  doub Y N 150 
HIS ND1 CE1  doub Y N 151 
HIS ND1 HD1  sing N N 152 
HIS CD2 NE2  sing Y N 153 
HIS CD2 HD2  sing N N 154 
HIS CE1 NE2  sing Y N 155 
HIS CE1 HE1  sing N N 156 
HIS NE2 HE2  sing N N 157 
HIS OXT HXT  sing N N 158 
HOH O   H1   sing N N 159 
HOH O   H2   sing N N 160 
ILE N   CA   sing N N 161 
ILE N   H    sing N N 162 
ILE N   H2   sing N N 163 
ILE CA  C    sing N N 164 
ILE CA  CB   sing N N 165 
ILE CA  HA   sing N N 166 
ILE C   O    doub N N 167 
ILE C   OXT  sing N N 168 
ILE CB  CG1  sing N N 169 
ILE CB  CG2  sing N N 170 
ILE CB  HB   sing N N 171 
ILE CG1 CD1  sing N N 172 
ILE CG1 HG12 sing N N 173 
ILE CG1 HG13 sing N N 174 
ILE CG2 HG21 sing N N 175 
ILE CG2 HG22 sing N N 176 
ILE CG2 HG23 sing N N 177 
ILE CD1 HD11 sing N N 178 
ILE CD1 HD12 sing N N 179 
ILE CD1 HD13 sing N N 180 
ILE OXT HXT  sing N N 181 
LEU N   CA   sing N N 182 
LEU N   H    sing N N 183 
LEU N   H2   sing N N 184 
LEU CA  C    sing N N 185 
LEU CA  CB   sing N N 186 
LEU CA  HA   sing N N 187 
LEU C   O    doub N N 188 
LEU C   OXT  sing N N 189 
LEU CB  CG   sing N N 190 
LEU CB  HB2  sing N N 191 
LEU CB  HB3  sing N N 192 
LEU CG  CD1  sing N N 193 
LEU CG  CD2  sing N N 194 
LEU CG  HG   sing N N 195 
LEU CD1 HD11 sing N N 196 
LEU CD1 HD12 sing N N 197 
LEU CD1 HD13 sing N N 198 
LEU CD2 HD21 sing N N 199 
LEU CD2 HD22 sing N N 200 
LEU CD2 HD23 sing N N 201 
LEU OXT HXT  sing N N 202 
LYS N   CA   sing N N 203 
LYS N   H    sing N N 204 
LYS N   H2   sing N N 205 
LYS CA  C    sing N N 206 
LYS CA  CB   sing N N 207 
LYS CA  HA   sing N N 208 
LYS C   O    doub N N 209 
LYS C   OXT  sing N N 210 
LYS CB  CG   sing N N 211 
LYS CB  HB2  sing N N 212 
LYS CB  HB3  sing N N 213 
LYS CG  CD   sing N N 214 
LYS CG  HG2  sing N N 215 
LYS CG  HG3  sing N N 216 
LYS CD  CE   sing N N 217 
LYS CD  HD2  sing N N 218 
LYS CD  HD3  sing N N 219 
LYS CE  NZ   sing N N 220 
LYS CE  HE2  sing N N 221 
LYS CE  HE3  sing N N 222 
LYS NZ  HZ1  sing N N 223 
LYS NZ  HZ2  sing N N 224 
LYS NZ  HZ3  sing N N 225 
LYS OXT HXT  sing N N 226 
MET N   CA   sing N N 227 
MET N   H    sing N N 228 
MET N   H2   sing N N 229 
MET CA  C    sing N N 230 
MET CA  CB   sing N N 231 
MET CA  HA   sing N N 232 
MET C   O    doub N N 233 
MET C   OXT  sing N N 234 
MET CB  CG   sing N N 235 
MET CB  HB2  sing N N 236 
MET CB  HB3  sing N N 237 
MET CG  SD   sing N N 238 
MET CG  HG2  sing N N 239 
MET CG  HG3  sing N N 240 
MET SD  CE   sing N N 241 
MET CE  HE1  sing N N 242 
MET CE  HE2  sing N N 243 
MET CE  HE3  sing N N 244 
MET OXT HXT  sing N N 245 
PHE N   CA   sing N N 246 
PHE N   H    sing N N 247 
PHE N   H2   sing N N 248 
PHE CA  C    sing N N 249 
PHE CA  CB   sing N N 250 
PHE CA  HA   sing N N 251 
PHE C   O    doub N N 252 
PHE C   OXT  sing N N 253 
PHE CB  CG   sing N N 254 
PHE CB  HB2  sing N N 255 
PHE CB  HB3  sing N N 256 
PHE CG  CD1  doub Y N 257 
PHE CG  CD2  sing Y N 258 
PHE CD1 CE1  sing Y N 259 
PHE CD1 HD1  sing N N 260 
PHE CD2 CE2  doub Y N 261 
PHE CD2 HD2  sing N N 262 
PHE CE1 CZ   doub Y N 263 
PHE CE1 HE1  sing N N 264 
PHE CE2 CZ   sing Y N 265 
PHE CE2 HE2  sing N N 266 
PHE CZ  HZ   sing N N 267 
PHE OXT HXT  sing N N 268 
PRO N   CA   sing N N 269 
PRO N   CD   sing N N 270 
PRO N   H    sing N N 271 
PRO CA  C    sing N N 272 
PRO CA  CB   sing N N 273 
PRO CA  HA   sing N N 274 
PRO C   O    doub N N 275 
PRO C   OXT  sing N N 276 
PRO CB  CG   sing N N 277 
PRO CB  HB2  sing N N 278 
PRO CB  HB3  sing N N 279 
PRO CG  CD   sing N N 280 
PRO CG  HG2  sing N N 281 
PRO CG  HG3  sing N N 282 
PRO CD  HD2  sing N N 283 
PRO CD  HD3  sing N N 284 
PRO OXT HXT  sing N N 285 
SER N   CA   sing N N 286 
SER N   H    sing N N 287 
SER N   H2   sing N N 288 
SER CA  C    sing N N 289 
SER CA  CB   sing N N 290 
SER CA  HA   sing N N 291 
SER C   O    doub N N 292 
SER C   OXT  sing N N 293 
SER CB  OG   sing N N 294 
SER CB  HB2  sing N N 295 
SER CB  HB3  sing N N 296 
SER OG  HG   sing N N 297 
SER OXT HXT  sing N N 298 
THR N   CA   sing N N 299 
THR N   H    sing N N 300 
THR N   H2   sing N N 301 
THR CA  C    sing N N 302 
THR CA  CB   sing N N 303 
THR CA  HA   sing N N 304 
THR C   O    doub N N 305 
THR C   OXT  sing N N 306 
THR CB  OG1  sing N N 307 
THR CB  CG2  sing N N 308 
THR CB  HB   sing N N 309 
THR OG1 HG1  sing N N 310 
THR CG2 HG21 sing N N 311 
THR CG2 HG22 sing N N 312 
THR CG2 HG23 sing N N 313 
THR OXT HXT  sing N N 314 
TRP N   CA   sing N N 315 
TRP N   H    sing N N 316 
TRP N   H2   sing N N 317 
TRP CA  C    sing N N 318 
TRP CA  CB   sing N N 319 
TRP CA  HA   sing N N 320 
TRP C   O    doub N N 321 
TRP C   OXT  sing N N 322 
TRP CB  CG   sing N N 323 
TRP CB  HB2  sing N N 324 
TRP CB  HB3  sing N N 325 
TRP CG  CD1  doub Y N 326 
TRP CG  CD2  sing Y N 327 
TRP CD1 NE1  sing Y N 328 
TRP CD1 HD1  sing N N 329 
TRP CD2 CE2  doub Y N 330 
TRP CD2 CE3  sing Y N 331 
TRP NE1 CE2  sing Y N 332 
TRP NE1 HE1  sing N N 333 
TRP CE2 CZ2  sing Y N 334 
TRP CE3 CZ3  doub Y N 335 
TRP CE3 HE3  sing N N 336 
TRP CZ2 CH2  doub Y N 337 
TRP CZ2 HZ2  sing N N 338 
TRP CZ3 CH2  sing Y N 339 
TRP CZ3 HZ3  sing N N 340 
TRP CH2 HH2  sing N N 341 
TRP OXT HXT  sing N N 342 
TYR N   CA   sing N N 343 
TYR N   H    sing N N 344 
TYR N   H2   sing N N 345 
TYR CA  C    sing N N 346 
TYR CA  CB   sing N N 347 
TYR CA  HA   sing N N 348 
TYR C   O    doub N N 349 
TYR C   OXT  sing N N 350 
TYR CB  CG   sing N N 351 
TYR CB  HB2  sing N N 352 
TYR CB  HB3  sing N N 353 
TYR CG  CD1  doub Y N 354 
TYR CG  CD2  sing Y N 355 
TYR CD1 CE1  sing Y N 356 
TYR CD1 HD1  sing N N 357 
TYR CD2 CE2  doub Y N 358 
TYR CD2 HD2  sing N N 359 
TYR CE1 CZ   doub Y N 360 
TYR CE1 HE1  sing N N 361 
TYR CE2 CZ   sing Y N 362 
TYR CE2 HE2  sing N N 363 
TYR CZ  OH   sing N N 364 
TYR OH  HH   sing N N 365 
TYR OXT HXT  sing N N 366 
VAL N   CA   sing N N 367 
VAL N   H    sing N N 368 
VAL N   H2   sing N N 369 
VAL CA  C    sing N N 370 
VAL CA  CB   sing N N 371 
VAL CA  HA   sing N N 372 
VAL C   O    doub N N 373 
VAL C   OXT  sing N N 374 
VAL CB  CG1  sing N N 375 
VAL CB  CG2  sing N N 376 
VAL CB  HB   sing N N 377 
VAL CG1 HG11 sing N N 378 
VAL CG1 HG12 sing N N 379 
VAL CG1 HG13 sing N N 380 
VAL CG2 HG21 sing N N 381 
VAL CG2 HG22 sing N N 382 
VAL CG2 HG23 sing N N 383 
VAL OXT HXT  sing N N 384 
# 
_atom_sites.entry_id                    2J6A 
_atom_sites.fract_transf_matrix[1][1]   0.00456204 
_atom_sites.fract_transf_matrix[1][2]   0.00751802 
_atom_sites.fract_transf_matrix[1][3]   0.00669143 
_atom_sites.fract_transf_matrix[2][1]   0.01007613 
_atom_sites.fract_transf_matrix[2][2]   0.01223227 
_atom_sites.fract_transf_matrix[2][3]   -0.02061298 
_atom_sites.fract_transf_matrix[3][1]   -0.01603726 
_atom_sites.fract_transf_matrix[3][2]   0.01548932 
_atom_sites.fract_transf_matrix[3][3]   0.00135236 
_atom_sites.fract_transf_vector[1]      0.243515 
_atom_sites.fract_transf_vector[2]      -0.016251 
_atom_sites.fract_transf_vector[3]      0.272161 
# 
loop_
_atom_type.symbol 
C  
N  
O  
S  
ZN 
# 
loop_
_atom_site.group_PDB 
_atom_site.id 
_atom_site.type_symbol 
_atom_site.label_atom_id 
_atom_site.label_alt_id 
_atom_site.label_comp_id 
_atom_site.label_asym_id 
_atom_site.label_entity_id 
_atom_site.label_seq_id 
_atom_site.pdbx_PDB_ins_code 
_atom_site.Cartn_x 
_atom_site.Cartn_y 
_atom_site.Cartn_z 
_atom_site.occupancy 
_atom_site.B_iso_or_equiv 
_atom_site.pdbx_formal_charge 
_atom_site.auth_seq_id 
_atom_site.auth_comp_id 
_atom_site.auth_asym_id 
_atom_site.auth_atom_id 
_atom_site.pdbx_PDB_model_num 
ATOM   1    N  N   . MET A 1 1   ? -0.746  7.910   -6.971  1.00 15.70 ? 1    MET A N   1 
ATOM   2    C  CA  . MET A 1 1   ? -1.610  7.197   -5.999  1.00 15.97 ? 1    MET A CA  1 
ATOM   3    C  C   . MET A 1 1   ? -0.757  6.678   -4.837  1.00 14.00 ? 1    MET A C   1 
ATOM   4    O  O   . MET A 1 1   ? 0.331   6.140   -5.030  1.00 13.41 ? 1    MET A O   1 
ATOM   5    C  CB  . MET A 1 1   ? -2.438  6.097   -6.681  1.00 16.97 ? 1    MET A CB  1 
ATOM   6    C  CG  . MET A 1 1   ? -1.771  4.789   -6.930  1.00 18.46 ? 1    MET A CG  1 
ATOM   7    S  SD  . MET A 1 1   ? -2.951  3.445   -7.262  1.00 19.28 ? 1    MET A SD  1 
ATOM   8    C  CE  . MET A 1 1   ? -1.887  2.075   -6.802  1.00 17.83 ? 1    MET A CE  1 
ATOM   9    N  N   . LYS A 1 2   ? -1.252  6.877   -3.631  1.00 13.03 ? 2    LYS A N   1 
ATOM   10   C  CA  . LYS A 1 2   ? -0.475  6.522   -2.443  1.00 11.86 ? 2    LYS A CA  1 
ATOM   11   C  C   . LYS A 1 2   ? -0.160  5.028   -2.406  1.00 11.10 ? 2    LYS A C   1 
ATOM   12   O  O   . LYS A 1 2   ? -0.953  4.193   -2.878  1.00 9.47  ? 2    LYS A O   1 
ATOM   13   C  CB  . LYS A 1 2   ? -1.207  6.940   -1.161  1.00 13.26 ? 2    LYS A CB  1 
ATOM   14   C  CG  . LYS A 1 2   ? -1.312  8.438   -0.933  1.00 14.91 ? 2    LYS A CG  1 
ATOM   15   C  CD  . LYS A 1 2   ? -2.083  8.709   0.340   1.00 20.55 ? 2    LYS A CD  1 
ATOM   16   C  CE  . LYS A 1 2   ? -2.787  10.056  0.284   1.00 23.84 ? 2    LYS A CE  1 
ATOM   17   N  NZ  . LYS A 1 2   ? -1.861  11.140  -0.111  1.00 26.80 ? 2    LYS A NZ  1 
ATOM   18   N  N   . PHE A 1 3   ? 0.997   4.698   -1.830  1.00 9.92  ? 3    PHE A N   1 
ATOM   19   C  CA  . PHE A 1 3   ? 1.359   3.290   -1.643  1.00 9.34  ? 3    PHE A CA  1 
ATOM   20   C  C   . PHE A 1 3   ? 0.216   2.498   -1.002  1.00 8.82  ? 3    PHE A C   1 
ATOM   21   O  O   . PHE A 1 3   ? -0.059  1.380   -1.400  1.00 8.63  ? 3    PHE A O   1 
ATOM   22   C  CB  . PHE A 1 3   ? 2.649   3.127   -0.830  1.00 9.47  ? 3    PHE A CB  1 
ATOM   23   C  CG  . PHE A 1 3   ? 3.045   1.676   -0.615  1.00 10.85 ? 3    PHE A CG  1 
ATOM   24   C  CD1 . PHE A 1 3   ? 3.856   1.032   -1.544  1.00 11.67 ? 3    PHE A CD1 1 
ATOM   25   C  CD2 . PHE A 1 3   ? 2.600   0.956   0.496   1.00 13.24 ? 3    PHE A CD2 1 
ATOM   26   C  CE1 . PHE A 1 3   ? 4.218   -0.313  -1.384  1.00 12.68 ? 3    PHE A CE1 1 
ATOM   27   C  CE2 . PHE A 1 3   ? 2.973   -0.394  0.687   1.00 12.58 ? 3    PHE A CE2 1 
ATOM   28   C  CZ  . PHE A 1 3   ? 3.788   -1.032  -0.267  1.00 11.48 ? 3    PHE A CZ  1 
ATOM   29   N  N   . LEU A 1 4   ? -0.446  3.081   -0.009  1.00 8.52  ? 4    LEU A N   1 
ATOM   30   C  CA  . LEU A 1 4   ? -1.580  2.424   0.674   1.00 8.57  ? 4    LEU A CA  1 
ATOM   31   C  C   . LEU A 1 4   ? -2.629  1.844   -0.268  1.00 8.26  ? 4    LEU A C   1 
ATOM   32   O  O   . LEU A 1 4   ? -3.167  0.747   -0.044  1.00 8.89  ? 4    LEU A O   1 
ATOM   33   C  CB  . LEU A 1 4   ? -2.274  3.432   1.597   1.00 8.21  ? 4    LEU A CB  1 
ATOM   34   C  CG  . LEU A 1 4   ? -3.489  2.878   2.339   1.00 9.05  ? 4    LEU A CG  1 
ATOM   35   C  CD1 . LEU A 1 4   ? -2.979  1.755   3.224   1.00 10.73 ? 4    LEU A CD1 1 
ATOM   36   C  CD2 . LEU A 1 4   ? -4.145  4.022   3.145   1.00 9.94  ? 4    LEU A CD2 1 
ATOM   37   N  N   . THR A 1 5   ? -2.926  2.595   -1.328  1.00 9.09  ? 5    THR A N   1 
ATOM   38   C  CA  . THR A 1 5   ? -3.907  2.192   -2.311  1.00 9.83  ? 5    THR A CA  1 
ATOM   39   C  C   . THR A 1 5   ? -3.581  0.827   -2.978  1.00 9.29  ? 5    THR A C   1 
ATOM   40   O  O   . THR A 1 5   ? -4.505  0.073   -3.312  1.00 10.27 ? 5    THR A O   1 
ATOM   41   C  CB  . THR A 1 5   ? -4.092  3.294   -3.375  1.00 10.63 ? 5    THR A CB  1 
ATOM   42   O  OG1 . THR A 1 5   ? -4.364  4.546   -2.720  1.00 12.70 ? 5    THR A OG1 1 
ATOM   43   C  CG2 . THR A 1 5   ? -5.257  2.929   -4.309  1.00 10.17 ? 5    THR A CG2 1 
ATOM   44   N  N   . THR A 1 6   ? -2.296  0.501   -3.166  1.00 8.30  ? 6    THR A N   1 
ATOM   45   C  CA  . THR A 1 6   ? -1.916  -0.786  -3.770  1.00 8.09  ? 6    THR A CA  1 
ATOM   46   C  C   . THR A 1 6   ? -2.442  -1.937  -2.895  1.00 8.34  ? 6    THR A C   1 
ATOM   47   O  O   . THR A 1 6   ? -2.551  -3.072  -3.340  1.00 8.96  ? 6    THR A O   1 
ATOM   48   C  CB  . THR A 1 6   ? -0.363  -0.986  -3.913  1.00 8.61  ? 6    THR A CB  1 
ATOM   49   O  OG1 . THR A 1 6   ? 0.219   -1.179  -2.624  1.00 8.06  ? 6    THR A OG1 1 
ATOM   50   C  CG2 . THR A 1 6   ? 0.327   0.211   -4.607  1.00 5.85  ? 6    THR A CG2 1 
ATOM   51   N  N   . ASN A 1 7   ? -2.727  -1.647  -1.630  1.00 7.15  ? 7    ASN A N   1 
ATOM   52   C  CA  . ASN A 1 7   ? -3.233  -2.678  -0.726  1.00 8.90  ? 7    ASN A CA  1 
ATOM   53   C  C   . ASN A 1 7   ? -4.718  -2.973  -0.923  1.00 9.19  ? 7    ASN A C   1 
ATOM   54   O  O   . ASN A 1 7   ? -5.237  -3.919  -0.328  1.00 9.86  ? 7    ASN A O   1 
ATOM   55   C  CB  . ASN A 1 7   ? -2.946  -2.323  0.752   1.00 7.99  ? 7    ASN A CB  1 
ATOM   56   C  CG  . ASN A 1 7   ? -2.913  -3.547  1.652   1.00 8.84  ? 7    ASN A CG  1 
ATOM   57   O  OD1 . ASN A 1 7   ? -3.820  -3.761  2.448   1.00 10.28 ? 7    ASN A OD1 1 
ATOM   58   N  ND2 . ASN A 1 7   ? -1.875  -4.374  1.507   1.00 9.01  ? 7    ASN A ND2 1 
ATOM   59   N  N   . PHE A 1 8   ? -5.393  -2.190  -1.765  1.00 9.62  ? 8    PHE A N   1 
ATOM   60   C  CA  . PHE A 1 8   ? -6.846  -2.325  -1.934  1.00 10.72 ? 8    PHE A CA  1 
ATOM   61   C  C   . PHE A 1 8   ? -7.297  -2.451  -3.383  1.00 11.49 ? 8    PHE A C   1 
ATOM   62   O  O   . PHE A 1 8   ? -8.493  -2.444  -3.655  1.00 13.35 ? 8    PHE A O   1 
ATOM   63   C  CB  . PHE A 1 8   ? -7.565  -1.169  -1.224  1.00 10.75 ? 8    PHE A CB  1 
ATOM   64   C  CG  . PHE A 1 8   ? -7.319  -1.159  0.256   1.00 10.15 ? 8    PHE A CG  1 
ATOM   65   C  CD1 . PHE A 1 8   ? -8.107  -1.933  1.114   1.00 10.33 ? 8    PHE A CD1 1 
ATOM   66   C  CD2 . PHE A 1 8   ? -6.249  -0.444  0.781   1.00 9.80  ? 8    PHE A CD2 1 
ATOM   67   C  CE1 . PHE A 1 8   ? -7.850  -1.959  2.479   1.00 11.05 ? 8    PHE A CE1 1 
ATOM   68   C  CE2 . PHE A 1 8   ? -5.985  -0.468  2.158   1.00 10.72 ? 8    PHE A CE2 1 
ATOM   69   C  CZ  . PHE A 1 8   ? -6.783  -1.217  2.991   1.00 9.36  ? 8    PHE A CZ  1 
ATOM   70   N  N   . LEU A 1 9   ? -6.334  -2.509  -4.296  1.00 11.64 ? 9    LEU A N   1 
ATOM   71   C  CA  . LEU A 1 9   ? -6.604  -2.598  -5.730  1.00 12.60 ? 9    LEU A CA  1 
ATOM   72   C  C   . LEU A 1 9   ? -6.466  -4.025  -6.246  1.00 12.57 ? 9    LEU A C   1 
ATOM   73   O  O   . LEU A 1 9   ? -5.396  -4.631  -6.144  1.00 11.41 ? 9    LEU A O   1 
ATOM   74   C  CB  . LEU A 1 9   ? -5.655  -1.680  -6.501  1.00 12.65 ? 9    LEU A CB  1 
ATOM   75   C  CG  . LEU A 1 9   ? -5.991  -0.252  -6.914  1.00 15.37 ? 9    LEU A CG  1 
ATOM   76   C  CD1 . LEU A 1 9   ? -4.888  0.168   -7.872  1.00 14.69 ? 9    LEU A CD1 1 
ATOM   77   C  CD2 . LEU A 1 9   ? -7.377  -0.089  -7.582  1.00 16.24 ? 9    LEU A CD2 1 
ATOM   78   N  N   . LYS A 1 10  ? -7.567  -4.563  -6.781  1.00 12.90 ? 10   LYS A N   1 
ATOM   79   C  CA  . LYS A 1 10  ? -7.586  -5.885  -7.372  1.00 13.47 ? 10   LYS A CA  1 
ATOM   80   C  C   . LYS A 1 10  ? -7.953  -5.729  -8.844  1.00 13.30 ? 10   LYS A C   1 
ATOM   81   O  O   . LYS A 1 10  ? -8.525  -4.692  -9.234  1.00 13.13 ? 10   LYS A O   1 
ATOM   82   C  CB  . LYS A 1 10  ? -8.604  -6.818  -6.670  1.00 13.47 ? 10   LYS A CB  1 
ATOM   83   C  CG  . LYS A 1 10  ? -10.065 -6.372  -6.757  1.00 15.62 ? 10   LYS A CG  1 
ATOM   84   C  CD  . LYS A 1 10  ? -11.025 -7.380  -6.112  1.00 16.57 ? 10   LYS A CD  1 
ATOM   85   C  CE  . LYS A 1 10  ? -12.477 -7.036  -6.440  1.00 21.92 ? 10   LYS A CE  1 
ATOM   86   N  NZ  . LYS A 1 10  ? -13.385 -8.192  -6.147  1.00 26.52 ? 10   LYS A NZ  1 
ATOM   87   N  N   . CYS A 1 11  ? -7.644  -6.755  -9.634  1.00 13.42 ? 11   CYS A N   1 
ATOM   88   C  CA  . CYS A 1 11  ? -7.996  -6.786  -11.063 1.00 13.75 ? 11   CYS A CA  1 
ATOM   89   C  C   . CYS A 1 11  ? -9.482  -6.505  -11.287 1.00 13.95 ? 11   CYS A C   1 
ATOM   90   O  O   . CYS A 1 11  ? -10.343 -7.030  -10.577 1.00 13.65 ? 11   CYS A O   1 
ATOM   91   C  CB  . CYS A 1 11  ? -7.640  -8.140  -11.669 1.00 13.25 ? 11   CYS A CB  1 
ATOM   92   S  SG  . CYS A 1 11  ? -8.074  -8.288  -13.445 1.00 15.00 ? 11   CYS A SG  1 
ATOM   93   N  N   . SER A 1 12  ? -9.766  -5.660  -12.275 1.00 14.27 ? 12   SER A N   1 
ATOM   94   C  CA  . SER A 1 12  ? -11.142 -5.203  -12.511 1.00 15.64 ? 12   SER A CA  1 
ATOM   95   C  C   . SER A 1 12  ? -11.918 -6.180  -13.381 1.00 15.37 ? 12   SER A C   1 
ATOM   96   O  O   . SER A 1 12  ? -13.107 -5.999  -13.572 1.00 16.37 ? 12   SER A O   1 
ATOM   97   C  CB  . SER A 1 12  ? -11.152 -3.836  -13.173 1.00 15.55 ? 12   SER A CB  1 
ATOM   98   O  OG  . SER A 1 12  ? -10.576 -3.945  -14.453 1.00 20.99 ? 12   SER A OG  1 
ATOM   99   N  N   . VAL A 1 13  ? -11.256 -7.198  -13.924 1.00 16.00 ? 13   VAL A N   1 
ATOM   100  C  CA  . VAL A 1 13  ? -11.974 -8.223  -14.683 1.00 16.88 ? 13   VAL A CA  1 
ATOM   101  C  C   . VAL A 1 13  ? -12.759 -9.128  -13.726 1.00 17.53 ? 13   VAL A C   1 
ATOM   102  O  O   . VAL A 1 13  ? -12.194 -9.806  -12.875 1.00 17.35 ? 13   VAL A O   1 
ATOM   103  C  CB  . VAL A 1 13  ? -11.038 -9.034  -15.612 1.00 16.52 ? 13   VAL A CB  1 
ATOM   104  C  CG1 . VAL A 1 13  ? -11.810 -10.151 -16.336 1.00 17.08 ? 13   VAL A CG1 1 
ATOM   105  C  CG2 . VAL A 1 13  ? -10.332 -8.102  -16.593 1.00 16.67 ? 13   VAL A CG2 1 
ATOM   106  N  N   . LYS A 1 14  ? -14.078 -9.125  -13.896 1.00 18.78 ? 14   LYS A N   1 
ATOM   107  C  CA  . LYS A 1 14  ? -15.012 -9.846  -13.013 1.00 20.28 ? 14   LYS A CA  1 
ATOM   108  C  C   . LYS A 1 14  ? -14.732 -11.358 -12.950 1.00 20.55 ? 14   LYS A C   1 
ATOM   109  O  O   . LYS A 1 14  ? -14.891 -11.992 -11.895 1.00 21.27 ? 14   LYS A O   1 
ATOM   110  C  CB  . LYS A 1 14  ? -16.464 -9.535  -13.428 1.00 20.54 ? 14   LYS A CB  1 
ATOM   111  C  CG  . LYS A 1 14  ? -16.659 -8.109  -14.044 1.00 23.97 ? 14   LYS A CG  1 
ATOM   112  C  CD  . LYS A 1 14  ? -16.070 -7.995  -15.486 1.00 25.81 ? 14   LYS A CD  1 
ATOM   113  C  CE  . LYS A 1 14  ? -15.490 -6.629  -15.797 1.00 28.38 ? 14   LYS A CE  1 
ATOM   114  N  NZ  . LYS A 1 14  ? -14.606 -6.634  -17.007 1.00 28.82 ? 14   LYS A NZ  1 
ATOM   115  N  N   . ALA A 1 15  ? -14.280 -11.932 -14.071 1.00 20.20 ? 15   ALA A N   1 
ATOM   116  C  CA  . ALA A 1 15  ? -13.873 -13.341 -14.129 1.00 20.05 ? 15   ALA A CA  1 
ATOM   117  C  C   . ALA A 1 15  ? -12.718 -13.690 -13.177 1.00 20.08 ? 15   ALA A C   1 
ATOM   118  O  O   . ALA A 1 15  ? -12.560 -14.842 -12.792 1.00 20.05 ? 15   ALA A O   1 
ATOM   119  C  CB  . ALA A 1 15  ? -13.498 -13.732 -15.574 1.00 20.14 ? 15   ALA A CB  1 
ATOM   120  N  N   . CYS A 1 16  ? -11.901 -12.691 -12.820 1.00 19.92 ? 16   CYS A N   1 
ATOM   121  C  CA  . CYS A 1 16  ? -10.774 -12.885 -11.914 1.00 20.43 ? 16   CYS A CA  1 
ATOM   122  C  C   . CYS A 1 16  ? -11.157 -12.880 -10.426 1.00 21.81 ? 16   CYS A C   1 
ATOM   123  O  O   . CYS A 1 16  ? -10.348 -13.284 -9.580  1.00 21.89 ? 16   CYS A O   1 
ATOM   124  C  CB  . CYS A 1 16  ? -9.700  -11.821 -12.181 1.00 19.60 ? 16   CYS A CB  1 
ATOM   125  S  SG  . CYS A 1 16  ? -8.746  -12.157 -13.666 1.00 17.73 ? 16   CYS A SG  1 
ATOM   126  N  N   . ASP A 1 17  ? -12.370 -12.419 -10.114 1.00 23.01 ? 17   ASP A N   1 
ATOM   127  C  CA  . ASP A 1 17  ? -12.831 -12.284 -8.719  1.00 24.95 ? 17   ASP A CA  1 
ATOM   128  C  C   . ASP A 1 17  ? -12.649 -13.536 -7.870  1.00 25.77 ? 17   ASP A C   1 
ATOM   129  O  O   . ASP A 1 17  ? -12.370 -13.444 -6.666  1.00 25.84 ? 17   ASP A O   1 
ATOM   130  C  CB  . ASP A 1 17  ? -14.294 -11.865 -8.674  1.00 25.12 ? 17   ASP A CB  1 
ATOM   131  C  CG  . ASP A 1 17  ? -14.486 -10.388 -8.930  1.00 26.76 ? 17   ASP A CG  1 
ATOM   132  O  OD1 . ASP A 1 17  ? -13.489 -9.685  -9.220  1.00 27.92 ? 17   ASP A OD1 1 
ATOM   133  O  OD2 . ASP A 1 17  ? -15.648 -9.923  -8.836  1.00 29.96 ? 17   ASP A OD2 1 
ATOM   134  N  N   . THR A 1 18  ? -12.804 -14.698 -8.499  1.00 26.26 ? 18   THR A N   1 
ATOM   135  C  CA  . THR A 1 18  ? -12.729 -15.977 -7.797  1.00 27.27 ? 18   THR A CA  1 
ATOM   136  C  C   . THR A 1 18  ? -11.300 -16.521 -7.645  1.00 27.23 ? 18   THR A C   1 
ATOM   137  O  O   . THR A 1 18  ? -11.080 -17.524 -6.964  1.00 27.07 ? 18   THR A O   1 
ATOM   138  C  CB  . THR A 1 18  ? -13.646 -17.022 -8.466  1.00 27.57 ? 18   THR A CB  1 
ATOM   139  O  OG1 . THR A 1 18  ? -13.441 -16.997 -9.886  1.00 28.89 ? 18   THR A OG1 1 
ATOM   140  C  CG2 . THR A 1 18  ? -15.113 -16.700 -8.170  1.00 28.15 ? 18   THR A CG2 1 
ATOM   141  N  N   . SER A 1 19  ? -10.335 -15.844 -8.268  1.00 26.93 ? 19   SER A N   1 
ATOM   142  C  CA  . SER A 1 19  ? -8.930  -16.234 -8.190  1.00 26.70 ? 19   SER A CA  1 
ATOM   143  C  C   . SER A 1 19  ? -8.265  -15.664 -6.943  1.00 26.56 ? 19   SER A C   1 
ATOM   144  O  O   . SER A 1 19  ? -8.518  -14.522 -6.565  1.00 27.00 ? 19   SER A O   1 
ATOM   145  C  CB  . SER A 1 19  ? -8.172  -15.752 -9.431  1.00 26.30 ? 19   SER A CB  1 
ATOM   146  O  OG  . SER A 1 19  ? -6.815  -16.163 -9.380  1.00 26.59 ? 19   SER A OG  1 
ATOM   147  N  N   . ASN A 1 20  ? -7.409  -16.467 -6.315  1.00 26.81 ? 20   ASN A N   1 
ATOM   148  C  CA  . ASN A 1 20  ? -6.529  -15.989 -5.249  1.00 26.22 ? 20   ASN A CA  1 
ATOM   149  C  C   . ASN A 1 20  ? -5.406  -15.112 -5.794  1.00 25.31 ? 20   ASN A C   1 
ATOM   150  O  O   . ASN A 1 20  ? -4.674  -14.489 -5.020  1.00 25.53 ? 20   ASN A O   1 
ATOM   151  C  CB  . ASN A 1 20  ? -5.911  -17.156 -4.471  1.00 26.81 ? 20   ASN A CB  1 
ATOM   152  C  CG  . ASN A 1 20  ? -6.945  -17.974 -3.713  1.00 28.50 ? 20   ASN A CG  1 
ATOM   153  O  OD1 . ASN A 1 20  ? -8.028  -17.483 -3.364  1.00 30.99 ? 20   ASN A OD1 1 
ATOM   154  N  ND2 . ASN A 1 20  ? -6.607  -19.232 -3.442  1.00 31.48 ? 20   ASN A ND2 1 
ATOM   155  N  N   . ASP A 1 21  ? -5.261  -15.075 -7.120  1.00 23.78 ? 21   ASP A N   1 
ATOM   156  C  CA  . ASP A 1 21  ? -4.195  -14.297 -7.748  1.00 22.42 ? 21   ASP A CA  1 
ATOM   157  C  C   . ASP A 1 21  ? -4.644  -12.963 -8.353  1.00 20.25 ? 21   ASP A C   1 
ATOM   158  O  O   . ASP A 1 21  ? -3.874  -12.348 -9.090  1.00 20.53 ? 21   ASP A O   1 
ATOM   159  C  CB  . ASP A 1 21  ? -3.446  -15.124 -8.799  1.00 23.32 ? 21   ASP A CB  1 
ATOM   160  C  CG  . ASP A 1 21  ? -2.673  -16.286 -8.193  1.00 25.60 ? 21   ASP A CG  1 
ATOM   161  O  OD1 . ASP A 1 21  ? -2.186  -16.176 -7.038  1.00 28.45 ? 21   ASP A OD1 1 
ATOM   162  O  OD2 . ASP A 1 21  ? -2.546  -17.312 -8.889  1.00 28.88 ? 21   ASP A OD2 1 
ATOM   163  N  N   . ASN A 1 22  ? -5.854  -12.512 -8.022  1.00 18.13 ? 22   ASN A N   1 
ATOM   164  C  CA  . ASN A 1 22  ? -6.371  -11.206 -8.496  1.00 16.65 ? 22   ASN A CA  1 
ATOM   165  C  C   . ASN A 1 22  ? -5.893  -9.994  -7.676  1.00 14.87 ? 22   ASN A C   1 
ATOM   166  O  O   . ASN A 1 22  ? -6.225  -8.833  -7.986  1.00 12.78 ? 22   ASN A O   1 
ATOM   167  C  CB  . ASN A 1 22  ? -7.915  -11.217 -8.622  1.00 17.08 ? 22   ASN A CB  1 
ATOM   168  C  CG  . ASN A 1 22  ? -8.648  -11.042 -7.264  1.00 18.18 ? 22   ASN A CG  1 
ATOM   169  O  OD1 . ASN A 1 22  ? -9.811  -10.640 -7.221  1.00 21.61 ? 22   ASN A OD1 1 
ATOM   170  N  ND2 . ASN A 1 22  ? -7.970  -11.357 -6.175  1.00 19.59 ? 22   ASN A ND2 1 
ATOM   171  N  N   . PHE A 1 23  ? -5.115  -10.286 -6.638  1.00 13.64 ? 23   PHE A N   1 
ATOM   172  C  CA  . PHE A 1 23  ? -4.691  -9.297  -5.656  1.00 12.63 ? 23   PHE A CA  1 
ATOM   173  C  C   . PHE A 1 23  ? -3.511  -9.839  -4.813  1.00 11.92 ? 23   PHE A C   1 
ATOM   174  O  O   . PHE A 1 23  ? -3.515  -11.006 -4.439  1.00 13.25 ? 23   PHE A O   1 
ATOM   175  C  CB  . PHE A 1 23  ? -5.862  -8.909  -4.727  1.00 12.57 ? 23   PHE A CB  1 
ATOM   176  C  CG  . PHE A 1 23  ? -5.409  -8.132  -3.516  1.00 11.66 ? 23   PHE A CG  1 
ATOM   177  C  CD1 . PHE A 1 23  ? -5.145  -8.781  -2.320  1.00 12.81 ? 23   PHE A CD1 1 
ATOM   178  C  CD2 . PHE A 1 23  ? -5.174  -6.758  -3.607  1.00 11.12 ? 23   PHE A CD2 1 
ATOM   179  C  CE1 . PHE A 1 23  ? -4.679  -8.077  -1.207  1.00 13.06 ? 23   PHE A CE1 1 
ATOM   180  C  CE2 . PHE A 1 23  ? -4.710  -6.031  -2.497  1.00 11.97 ? 23   PHE A CE2 1 
ATOM   181  C  CZ  . PHE A 1 23  ? -4.453  -6.694  -1.298  1.00 10.98 ? 23   PHE A CZ  1 
ATOM   182  N  N   . PRO A 1 24  ? -2.469  -9.014  -4.564  1.00 11.09 ? 24   PRO A N   1 
ATOM   183  C  CA  . PRO A 1 24  ? -2.353  -7.652  -5.089  1.00 10.51 ? 24   PRO A CA  1 
ATOM   184  C  C   . PRO A 1 24  ? -1.928  -7.726  -6.544  1.00 10.43 ? 24   PRO A C   1 
ATOM   185  O  O   . PRO A 1 24  ? -1.601  -8.803  -7.044  1.00 11.10 ? 24   PRO A O   1 
ATOM   186  C  CB  . PRO A 1 24  ? -1.211  -7.037  -4.268  1.00 10.94 ? 24   PRO A CB  1 
ATOM   187  C  CG  . PRO A 1 24  ? -0.417  -8.208  -3.778  1.00 9.74  ? 24   PRO A CG  1 
ATOM   188  C  CD  . PRO A 1 24  ? -1.282  -9.422  -3.788  1.00 11.07 ? 24   PRO A CD  1 
ATOM   189  N  N   . LEU A 1 25  ? -1.932  -6.589  -7.221  1.00 9.85  ? 25   LEU A N   1 
ATOM   190  C  CA  . LEU A 1 25  ? -1.454  -6.556  -8.596  1.00 9.83  ? 25   LEU A CA  1 
ATOM   191  C  C   . LEU A 1 25  ? 0.066   -6.614  -8.533  1.00 9.51  ? 25   LEU A C   1 
ATOM   192  O  O   . LEU A 1 25  ? 0.659   -6.367  -7.472  1.00 9.68  ? 25   LEU A O   1 
ATOM   193  C  CB  . LEU A 1 25  ? -1.929  -5.274  -9.282  1.00 9.63  ? 25   LEU A CB  1 
ATOM   194  C  CG  . LEU A 1 25  ? -3.433  -5.084  -9.466  1.00 9.81  ? 25   LEU A CG  1 
ATOM   195  C  CD1 . LEU A 1 25  ? -3.734  -3.679  -10.008 1.00 9.29  ? 25   LEU A CD1 1 
ATOM   196  C  CD2 . LEU A 1 25  ? -3.954  -6.106  -10.399 1.00 10.04 ? 25   LEU A CD2 1 
ATOM   197  N  N   . GLN A 1 26  ? 0.698   -6.971  -9.650  1.00 10.20 ? 26   GLN A N   1 
ATOM   198  C  CA  . GLN A 1 26  ? 2.149   -7.046  -9.688  1.00 11.11 ? 26   GLN A CA  1 
ATOM   199  C  C   . GLN A 1 26  ? 2.700   -5.766  -10.295 1.00 10.47 ? 26   GLN A C   1 
ATOM   200  O  O   . GLN A 1 26  ? 2.566   -5.515  -11.498 1.00 10.55 ? 26   GLN A O   1 
ATOM   201  C  CB  . GLN A 1 26  ? 2.622   -8.263  -10.470 1.00 11.90 ? 26   GLN A CB  1 
ATOM   202  C  CG  . GLN A 1 26  ? 4.129   -8.297  -10.625 1.00 15.54 ? 26   GLN A CG  1 
ATOM   203  C  CD  . GLN A 1 26  ? 4.622   -9.583  -11.212 1.00 20.94 ? 26   GLN A CD  1 
ATOM   204  O  OE1 . GLN A 1 26  ? 4.033   -10.647 -11.009 1.00 24.76 ? 26   GLN A OE1 1 
ATOM   205  N  NE2 . GLN A 1 26  ? 5.718   -9.498  -11.957 1.00 24.40 ? 26   GLN A NE2 1 
ATOM   206  N  N   . TYR A 1 27  ? 3.296   -4.952  -9.436  1.00 10.06 ? 27   TYR A N   1 
ATOM   207  C  CA  . TYR A 1 27  ? 3.772   -3.628  -9.835  1.00 10.30 ? 27   TYR A CA  1 
ATOM   208  C  C   . TYR A 1 27  ? 5.141   -3.774  -10.492 1.00 10.78 ? 27   TYR A C   1 
ATOM   209  O  O   . TYR A 1 27  ? 5.998   -4.487  -9.978  1.00 10.24 ? 27   TYR A O   1 
ATOM   210  C  CB  . TYR A 1 27  ? 3.788   -2.679  -8.620  1.00 10.42 ? 27   TYR A CB  1 
ATOM   211  C  CG  . TYR A 1 27  ? 2.381   -2.384  -8.191  1.00 10.33 ? 27   TYR A CG  1 
ATOM   212  C  CD1 . TYR A 1 27  ? 1.743   -1.203  -8.596  1.00 10.02 ? 27   TYR A CD1 1 
ATOM   213  C  CD2 . TYR A 1 27  ? 1.645   -3.319  -7.430  1.00 9.62  ? 27   TYR A CD2 1 
ATOM   214  C  CE1 . TYR A 1 27  ? 0.419   -0.934  -8.241  1.00 10.26 ? 27   TYR A CE1 1 
ATOM   215  C  CE2 . TYR A 1 27  ? 0.318   -3.077  -7.070  1.00 9.55  ? 27   TYR A CE2 1 
ATOM   216  C  CZ  . TYR A 1 27  ? -0.291  -1.880  -7.484  1.00 10.36 ? 27   TYR A CZ  1 
ATOM   217  O  OH  . TYR A 1 27  ? -1.595  -1.643  -7.148  1.00 11.19 ? 27   TYR A OH  1 
ATOM   218  N  N   . ASP A 1 28  ? 5.307   -3.141  -11.658 1.00 10.87 ? 28   ASP A N   1 
ATOM   219  C  CA  . ASP A 1 28  ? 6.593   -3.176  -12.362 1.00 11.37 ? 28   ASP A CA  1 
ATOM   220  C  C   . ASP A 1 28  ? 7.479   -2.052  -11.841 1.00 10.61 ? 28   ASP A C   1 
ATOM   221  O  O   . ASP A 1 28  ? 7.367   -0.897  -12.268 1.00 11.32 ? 28   ASP A O   1 
ATOM   222  C  CB  . ASP A 1 28  ? 6.403   -3.072  -13.869 1.00 11.83 ? 28   ASP A CB  1 
ATOM   223  C  CG  . ASP A 1 28  ? 7.725   -3.176  -14.630 1.00 14.93 ? 28   ASP A CG  1 
ATOM   224  O  OD1 . ASP A 1 28  ? 8.815   -3.004  -14.014 1.00 16.77 ? 28   ASP A OD1 1 
ATOM   225  O  OD2 . ASP A 1 28  ? 7.666   -3.399  -15.861 1.00 16.50 ? 28   ASP A OD2 1 
ATOM   226  N  N   . GLY A 1 29  ? 8.337   -2.396  -10.885 1.00 11.15 ? 29   GLY A N   1 
ATOM   227  C  CA  . GLY A 1 29  ? 9.171   -1.426  -10.207 1.00 12.79 ? 29   GLY A CA  1 
ATOM   228  C  C   . GLY A 1 29  ? 10.192  -0.736  -11.096 1.00 13.45 ? 29   GLY A C   1 
ATOM   229  O  O   . GLY A 1 29  ? 10.629  0.367   -10.785 1.00 14.10 ? 29   GLY A O   1 
ATOM   230  N  N   . SER A 1 30  ? 10.557  -1.376  -12.207 1.00 14.84 ? 30   SER A N   1 
ATOM   231  C  CA  . SER A 1 30  ? 11.454  -0.738  -13.181 1.00 15.83 ? 30   SER A CA  1 
ATOM   232  C  C   . SER A 1 30  ? 10.758  0.459   -13.835 1.00 16.61 ? 30   SER A C   1 
ATOM   233  O  O   . SER A 1 30  ? 11.411  1.405   -14.283 1.00 17.16 ? 30   SER A O   1 
ATOM   234  C  CB  . SER A 1 30  ? 11.973  -1.737  -14.233 1.00 16.15 ? 30   SER A CB  1 
ATOM   235  O  OG  . SER A 1 30  ? 11.022  -2.090  -15.237 1.00 16.84 ? 30   SER A OG  1 
ATOM   236  N  N   . LYS A 1 31  ? 9.432   0.407   -13.883 1.00 16.55 ? 31   LYS A N   1 
ATOM   237  C  CA  . LYS A 1 31  ? 8.643   1.466   -14.501 1.00 16.63 ? 31   LYS A CA  1 
ATOM   238  C  C   . LYS A 1 31  ? 7.976   2.462   -13.550 1.00 16.93 ? 31   LYS A C   1 
ATOM   239  O  O   . LYS A 1 31  ? 7.599   3.553   -13.971 1.00 17.50 ? 31   LYS A O   1 
ATOM   240  C  CB  . LYS A 1 31  ? 7.620   0.854   -15.453 1.00 16.99 ? 31   LYS A CB  1 
ATOM   241  C  CG  . LYS A 1 31  ? 8.247   0.188   -16.660 1.00 18.29 ? 31   LYS A CG  1 
ATOM   242  C  CD  . LYS A 1 31  ? 7.195   -0.579  -17.429 1.00 21.69 ? 31   LYS A CD  1 
ATOM   243  C  CE  . LYS A 1 31  ? 7.828   -1.449  -18.511 1.00 23.50 ? 31   LYS A CE  1 
ATOM   244  N  NZ  . LYS A 1 31  ? 8.649   -0.612  -19.425 1.00 27.25 ? 31   LYS A NZ  1 
ATOM   245  N  N   . CYS A 1 32  ? 7.823   2.111   -12.274 1.00 16.08 ? 32   CYS A N   1 
ATOM   246  C  CA  . CYS A 1 32  ? 7.067   2.983   -11.356 1.00 16.11 ? 32   CYS A CA  1 
ATOM   247  C  C   . CYS A 1 32  ? 7.927   4.110   -10.802 1.00 16.49 ? 32   CYS A C   1 
ATOM   248  O  O   . CYS A 1 32  ? 8.918   3.859   -10.133 1.00 18.02 ? 32   CYS A O   1 
ATOM   249  C  CB  . CYS A 1 32  ? 6.433   2.184   -10.206 1.00 15.41 ? 32   CYS A CB  1 
ATOM   250  S  SG  . CYS A 1 32  ? 5.229   0.952   -10.733 1.00 15.69 ? 32   CYS A SG  1 
ATOM   251  N  N   . GLN A 1 33  ? 7.545   5.349   -11.083 1.00 17.03 ? 33   GLN A N   1 
ATOM   252  C  CA  . GLN A 1 33  ? 8.271   6.489   -10.574 1.00 17.11 ? 33   GLN A CA  1 
ATOM   253  C  C   . GLN A 1 33  ? 7.604   6.968   -9.298  1.00 16.75 ? 33   GLN A C   1 
ATOM   254  O  O   . GLN A 1 33  ? 6.401   7.255   -9.279  1.00 16.41 ? 33   GLN A O   1 
ATOM   255  C  CB  . GLN A 1 33  ? 8.351   7.590   -11.623 1.00 18.63 ? 33   GLN A CB  1 
ATOM   256  C  CG  . GLN A 1 33  ? 8.976   7.083   -12.931 1.00 22.03 ? 33   GLN A CG  1 
ATOM   257  C  CD  . GLN A 1 33  ? 9.163   8.164   -13.974 1.00 27.47 ? 33   GLN A CD  1 
ATOM   258  O  OE1 . GLN A 1 33  ? 10.048  9.020   -13.846 1.00 30.68 ? 33   GLN A OE1 1 
ATOM   259  N  NE2 . GLN A 1 33  ? 8.349   8.120   -15.031 1.00 28.32 ? 33   GLN A NE2 1 
ATOM   260  N  N   . LEU A 1 34  ? 8.393   7.003   -8.233  1.00 16.19 ? 34   LEU A N   1 
ATOM   261  C  CA  . LEU A 1 34  ? 7.876   7.294   -6.902  1.00 16.78 ? 34   LEU A CA  1 
ATOM   262  C  C   . LEU A 1 34  ? 8.180   8.727   -6.542  1.00 17.21 ? 34   LEU A C   1 
ATOM   263  O  O   . LEU A 1 34  ? 9.230   9.269   -6.919  1.00 17.35 ? 34   LEU A O   1 
ATOM   264  C  CB  . LEU A 1 34  ? 8.488   6.350   -5.851  1.00 16.04 ? 34   LEU A CB  1 
ATOM   265  C  CG  . LEU A 1 34  ? 8.460   4.833   -6.083  1.00 17.27 ? 34   LEU A CG  1 
ATOM   266  C  CD1 . LEU A 1 34  ? 8.926   4.072   -4.839  1.00 18.29 ? 34   LEU A CD1 1 
ATOM   267  C  CD2 . LEU A 1 34  ? 7.076   4.359   -6.529  1.00 18.29 ? 34   LEU A CD2 1 
ATOM   268  N  N   . VAL A 1 35  ? 7.260   9.337   -5.801  1.00 18.14 ? 35   VAL A N   1 
ATOM   269  C  CA  . VAL A 1 35  ? 7.415   10.697  -5.310  1.00 19.72 ? 35   VAL A CA  1 
ATOM   270  C  C   . VAL A 1 35  ? 6.994   10.752  -3.844  1.00 21.12 ? 35   VAL A C   1 
ATOM   271  O  O   . VAL A 1 35  ? 6.107   10.001  -3.420  1.00 20.35 ? 35   VAL A O   1 
ATOM   272  C  CB  . VAL A 1 35  ? 6.606   11.738  -6.146  1.00 19.92 ? 35   VAL A CB  1 
ATOM   273  C  CG1 . VAL A 1 35  ? 7.012   11.688  -7.626  1.00 19.18 ? 35   VAL A CG1 1 
ATOM   274  C  CG2 . VAL A 1 35  ? 5.115   11.536  -6.017  1.00 19.25 ? 35   VAL A CG2 1 
ATOM   275  N  N   . GLN A 1 36  ? 7.640   11.624  -3.077  1.00 22.53 ? 36   GLN A N   1 
ATOM   276  C  CA  . GLN A 1 36  ? 7.275   11.841  -1.674  1.00 24.97 ? 36   GLN A CA  1 
ATOM   277  C  C   . GLN A 1 36  ? 6.442   13.121  -1.498  1.00 26.27 ? 36   GLN A C   1 
ATOM   278  O  O   . GLN A 1 36  ? 6.830   14.195  -1.966  1.00 26.74 ? 36   GLN A O   1 
ATOM   279  C  CB  . GLN A 1 36  ? 8.519   11.867  -0.770  1.00 25.33 ? 36   GLN A CB  1 
ATOM   280  C  CG  . GLN A 1 36  ? 9.471   10.692  -0.962  1.00 27.51 ? 36   GLN A CG  1 
ATOM   281  C  CD  . GLN A 1 36  ? 8.892   9.368   -0.472  1.00 31.13 ? 36   GLN A CD  1 
ATOM   282  O  OE1 . GLN A 1 36  ? 8.257   9.307   0.584   1.00 32.91 ? 36   GLN A OE1 1 
ATOM   283  N  NE2 . GLN A 1 36  ? 9.114   8.300   -1.240  1.00 32.49 ? 36   GLN A NE2 1 
ATOM   284  N  N   . ASP A 1 37  ? 5.286   12.991  -0.849  1.00 27.68 ? 37   ASP A N   1 
ATOM   285  C  CA  . ASP A 1 37  ? 4.461   14.137  -0.477  1.00 29.28 ? 37   ASP A CA  1 
ATOM   286  C  C   . ASP A 1 37  ? 4.602   14.299  1.033   1.00 30.21 ? 37   ASP A C   1 
ATOM   287  O  O   . ASP A 1 37  ? 3.935   13.608  1.801   1.00 30.33 ? 37   ASP A O   1 
ATOM   288  C  CB  . ASP A 1 37  ? 2.993   13.906  -0.878  1.00 29.62 ? 37   ASP A CB  1 
ATOM   289  C  CG  . ASP A 1 37  ? 2.099   15.135  -0.652  1.00 30.81 ? 37   ASP A CG  1 
ATOM   290  O  OD1 . ASP A 1 37  ? 2.566   16.166  -0.108  1.00 30.43 ? 37   ASP A OD1 1 
ATOM   291  O  OD2 . ASP A 1 37  ? 0.911   15.059  -1.035  1.00 32.75 ? 37   ASP A OD2 1 
ATOM   292  N  N   . GLU A 1 38  ? 5.490   15.200  1.445   1.00 31.28 ? 38   GLU A N   1 
ATOM   293  C  CA  . GLU A 1 38  ? 5.808   15.392  2.861   1.00 32.62 ? 38   GLU A CA  1 
ATOM   294  C  C   . GLU A 1 38  ? 4.829   16.357  3.562   1.00 32.38 ? 38   GLU A C   1 
ATOM   295  O  O   . GLU A 1 38  ? 4.937   16.599  4.770   1.00 32.71 ? 38   GLU A O   1 
ATOM   296  C  CB  . GLU A 1 38  ? 7.270   15.833  3.021   1.00 32.43 ? 38   GLU A CB  1 
ATOM   297  C  CG  . GLU A 1 38  ? 8.286   14.862  2.383   1.00 34.02 ? 38   GLU A CG  1 
ATOM   298  C  CD  . GLU A 1 38  ? 9.694   15.448  2.203   1.00 35.01 ? 38   GLU A CD  1 
ATOM   299  O  OE1 . GLU A 1 38  ? 9.941   16.615  2.591   1.00 37.94 ? 38   GLU A OE1 1 
ATOM   300  O  OE2 . GLU A 1 38  ? 10.566  14.727  1.658   1.00 39.03 ? 38   GLU A OE2 1 
ATOM   301  N  N   . SER A 1 39  ? 3.859   16.869  2.805   1.00 32.28 ? 39   SER A N   1 
ATOM   302  C  CA  . SER A 1 39  ? 2.844   17.783  3.332   1.00 32.17 ? 39   SER A CA  1 
ATOM   303  C  C   . SER A 1 39  ? 1.724   17.066  4.101   1.00 31.79 ? 39   SER A C   1 
ATOM   304  O  O   . SER A 1 39  ? 0.904   17.712  4.772   1.00 31.78 ? 39   SER A O   1 
ATOM   305  C  CB  . SER A 1 39  ? 2.254   18.639  2.200   1.00 32.32 ? 39   SER A CB  1 
ATOM   306  O  OG  . SER A 1 39  ? 1.285   17.922  1.446   1.00 32.39 ? 39   SER A OG  1 
ATOM   307  N  N   . ILE A 1 40  ? 1.688   15.739  3.989   1.00 31.19 ? 40   ILE A N   1 
ATOM   308  C  CA  . ILE A 1 40  ? 0.721   14.908  4.714   1.00 30.14 ? 40   ILE A CA  1 
ATOM   309  C  C   . ILE A 1 40  ? 1.143   14.810  6.177   1.00 29.28 ? 40   ILE A C   1 
ATOM   310  O  O   . ILE A 1 40  ? 2.237   14.335  6.486   1.00 29.33 ? 40   ILE A O   1 
ATOM   311  C  CB  . ILE A 1 40  ? 0.588   13.508  4.068   1.00 30.22 ? 40   ILE A CB  1 
ATOM   312  C  CG1 . ILE A 1 40  ? -0.006  13.639  2.662   1.00 30.79 ? 40   ILE A CG1 1 
ATOM   313  C  CG2 . ILE A 1 40  ? -0.280  12.578  4.929   1.00 30.45 ? 40   ILE A CG2 1 
ATOM   314  C  CD1 . ILE A 1 40  ? 0.421   12.554  1.726   1.00 32.75 ? 40   ILE A CD1 1 
ATOM   315  N  N   . GLU A 1 41  ? 0.266   15.282  7.062   1.00 28.23 ? 41   GLU A N   1 
ATOM   316  C  CA  . GLU A 1 41  ? 0.549   15.394  8.493   1.00 27.61 ? 41   GLU A CA  1 
ATOM   317  C  C   . GLU A 1 41  ? 0.452   14.050  9.209   1.00 25.73 ? 41   GLU A C   1 
ATOM   318  O  O   . GLU A 1 41  ? -0.482  13.282  8.990   1.00 25.81 ? 41   GLU A O   1 
ATOM   319  C  CB  . GLU A 1 41  ? -0.423  16.389  9.138   1.00 28.07 ? 41   GLU A CB  1 
ATOM   320  C  CG  . GLU A 1 41  ? 0.246   17.378  10.091  1.00 31.23 ? 41   GLU A CG  1 
ATOM   321  C  CD  . GLU A 1 41  ? -0.224  18.812  9.859   1.00 35.67 ? 41   GLU A CD  1 
ATOM   322  O  OE1 . GLU A 1 41  ? -1.410  19.110  10.144  1.00 38.36 ? 41   GLU A OE1 1 
ATOM   323  O  OE2 . GLU A 1 41  ? 0.597   19.643  9.393   1.00 36.29 ? 41   GLU A OE2 1 
ATOM   324  N  N   . PHE A 1 42  ? 1.422   13.785  10.075  1.00 23.94 ? 42   PHE A N   1 
ATOM   325  C  CA  . PHE A 1 42  ? 1.462   12.557  10.855  1.00 22.31 ? 42   PHE A CA  1 
ATOM   326  C  C   . PHE A 1 42  ? 0.388   12.591  11.944  1.00 21.29 ? 42   PHE A C   1 
ATOM   327  O  O   . PHE A 1 42  ? 0.363   13.510  12.762  1.00 21.19 ? 42   PHE A O   1 
ATOM   328  C  CB  . PHE A 1 42  ? 2.850   12.396  11.475  1.00 22.61 ? 42   PHE A CB  1 
ATOM   329  C  CG  . PHE A 1 42  ? 3.017   11.162  12.318  1.00 22.86 ? 42   PHE A CG  1 
ATOM   330  C  CD1 . PHE A 1 42  ? 3.018   9.893   11.749  1.00 23.13 ? 42   PHE A CD1 1 
ATOM   331  C  CD2 . PHE A 1 42  ? 3.217   11.276  13.690  1.00 24.82 ? 42   PHE A CD2 1 
ATOM   332  C  CE1 . PHE A 1 42  ? 3.189   8.752   12.541  1.00 22.63 ? 42   PHE A CE1 1 
ATOM   333  C  CE2 . PHE A 1 42  ? 3.393   10.150  14.484  1.00 24.77 ? 42   PHE A CE2 1 
ATOM   334  C  CZ  . PHE A 1 42  ? 3.375   8.885   13.917  1.00 23.64 ? 42   PHE A CZ  1 
ATOM   335  N  N   . ASN A 1 43  ? -0.495  11.595  11.929  1.00 19.48 ? 43   ASN A N   1 
ATOM   336  C  CA  . ASN A 1 43  ? -1.542  11.432  12.943  1.00 18.19 ? 43   ASN A CA  1 
ATOM   337  C  C   . ASN A 1 43  ? -1.525  9.974   13.410  1.00 17.31 ? 43   ASN A C   1 
ATOM   338  O  O   . ASN A 1 43  ? -1.966  9.089   12.676  1.00 16.23 ? 43   ASN A O   1 
ATOM   339  C  CB  . ASN A 1 43  ? -2.920  11.819  12.375  1.00 18.14 ? 43   ASN A CB  1 
ATOM   340  C  CG  . ASN A 1 43  ? -4.068  11.660  13.402  1.00 18.62 ? 43   ASN A CG  1 
ATOM   341  O  OD1 . ASN A 1 43  ? -4.022  10.808  14.299  1.00 19.03 ? 43   ASN A OD1 1 
ATOM   342  N  ND2 . ASN A 1 43  ? -5.096  12.486  13.265  1.00 18.39 ? 43   ASN A ND2 1 
ATOM   343  N  N   . PRO A 1 44  ? -0.969  9.711   14.612  1.00 16.88 ? 44   PRO A N   1 
ATOM   344  C  CA  . PRO A 1 44  ? -0.811  8.325   15.083  1.00 16.45 ? 44   PRO A CA  1 
ATOM   345  C  C   . PRO A 1 44  ? -2.128  7.557   15.192  1.00 16.11 ? 44   PRO A C   1 
ATOM   346  O  O   . PRO A 1 44  ? -2.167  6.363   14.873  1.00 15.53 ? 44   PRO A O   1 
ATOM   347  C  CB  . PRO A 1 44  ? -0.145  8.485   16.461  1.00 17.25 ? 44   PRO A CB  1 
ATOM   348  C  CG  . PRO A 1 44  ? -0.440  9.904   16.864  1.00 17.65 ? 44   PRO A CG  1 
ATOM   349  C  CD  . PRO A 1 44  ? -0.413  10.680  15.585  1.00 17.41 ? 44   PRO A CD  1 
ATOM   350  N  N   . GLU A 1 45  ? -3.190  8.236   15.620  1.00 15.21 ? 45   GLU A N   1 
ATOM   351  C  CA  . GLU A 1 45  ? -4.509  7.595   15.752  1.00 15.59 ? 45   GLU A CA  1 
ATOM   352  C  C   . GLU A 1 45  ? -4.993  7.108   14.380  1.00 14.54 ? 45   GLU A C   1 
ATOM   353  O  O   . GLU A 1 45  ? -5.397  5.946   14.228  1.00 14.06 ? 45   GLU A O   1 
ATOM   354  C  CB  . GLU A 1 45  ? -5.518  8.549   16.429  1.00 15.79 ? 45   GLU A CB  1 
ATOM   355  C  CG  . GLU A 1 45  ? -5.239  8.710   17.934  1.00 16.94 ? 45   GLU A CG  1 
ATOM   356  C  CD  . GLU A 1 45  ? -6.330  9.476   18.696  1.00 18.65 ? 45   GLU A CD  1 
ATOM   357  O  OE1 . GLU A 1 45  ? -7.506  9.048   18.705  1.00 20.12 ? 45   GLU A OE1 1 
ATOM   358  O  OE2 . GLU A 1 45  ? -5.984  10.502  19.328  1.00 27.01 ? 45   GLU A OE2 1 
ATOM   359  N  N   . PHE A 1 46  ? -4.895  7.987   13.387  1.00 14.09 ? 46   PHE A N   1 
ATOM   360  C  CA  . PHE A 1 46  ? -5.299  7.679   11.999  1.00 13.98 ? 46   PHE A CA  1 
ATOM   361  C  C   . PHE A 1 46  ? -4.413  6.553   11.460  1.00 13.19 ? 46   PHE A C   1 
ATOM   362  O  O   . PHE A 1 46  ? -4.895  5.566   10.917  1.00 12.64 ? 46   PHE A O   1 
ATOM   363  C  CB  . PHE A 1 46  ? -5.171  8.958   11.152  1.00 14.50 ? 46   PHE A CB  1 
ATOM   364  C  CG  . PHE A 1 46  ? -5.634  8.828   9.716   1.00 16.52 ? 46   PHE A CG  1 
ATOM   365  C  CD1 . PHE A 1 46  ? -6.941  8.450   9.410   1.00 16.76 ? 46   PHE A CD1 1 
ATOM   366  C  CD2 . PHE A 1 46  ? -4.756  9.118   8.660   1.00 18.44 ? 46   PHE A CD2 1 
ATOM   367  C  CE1 . PHE A 1 46  ? -7.377  8.359   8.074   1.00 16.63 ? 46   PHE A CE1 1 
ATOM   368  C  CE2 . PHE A 1 46  ? -5.179  9.022   7.319   1.00 19.17 ? 46   PHE A CE2 1 
ATOM   369  C  CZ  . PHE A 1 46  ? -6.504  8.634   7.034   1.00 17.80 ? 46   PHE A CZ  1 
ATOM   370  N  N   . LEU A 1 47  ? -3.104  6.681   11.664  1.00 12.78 ? 47   LEU A N   1 
ATOM   371  C  CA  . LEU A 1 47  ? -2.170  5.673   11.185  1.00 12.22 ? 47   LEU A CA  1 
ATOM   372  C  C   . LEU A 1 47  ? -2.401  4.300   11.837  1.00 11.64 ? 47   LEU A C   1 
ATOM   373  O  O   . LEU A 1 47  ? -2.293  3.253   11.182  1.00 10.80 ? 47   LEU A O   1 
ATOM   374  C  CB  . LEU A 1 47  ? -0.742  6.160   11.426  1.00 13.56 ? 47   LEU A CB  1 
ATOM   375  C  CG  . LEU A 1 47  ? 0.299   5.346   10.674  1.00 15.19 ? 47   LEU A CG  1 
ATOM   376  C  CD1 . LEU A 1 47  ? 0.017   5.379   9.177   1.00 14.82 ? 47   LEU A CD1 1 
ATOM   377  C  CD2 . LEU A 1 47  ? 1.665   5.892   10.983  1.00 17.99 ? 47   LEU A CD2 1 
ATOM   378  N  N   . LEU A 1 48  ? -2.733  4.284   13.130  1.00 10.38 ? 48   LEU A N   1 
ATOM   379  C  CA  . LEU A 1 48  ? -3.018  3.012   13.804  1.00 11.14 ? 48   LEU A CA  1 
ATOM   380  C  C   . LEU A 1 48  ? -4.241  2.330   13.193  1.00 10.41 ? 48   LEU A C   1 
ATOM   381  O  O   . LEU A 1 48  ? -4.257  1.104   13.012  1.00 11.97 ? 48   LEU A O   1 
ATOM   382  C  CB  . LEU A 1 48  ? -3.193  3.202   15.311  1.00 10.73 ? 48   LEU A CB  1 
ATOM   383  C  CG  . LEU A 1 48  ? -1.922  3.399   16.146  1.00 12.01 ? 48   LEU A CG  1 
ATOM   384  C  CD1 . LEU A 1 48  ? -2.247  4.035   17.495  1.00 13.05 ? 48   LEU A CD1 1 
ATOM   385  C  CD2 . LEU A 1 48  ? -1.219  2.063   16.359  1.00 13.66 ? 48   LEU A CD2 1 
ATOM   386  N  N   . ASN A 1 49  ? -5.259  3.123   12.873  1.00 10.04 ? 49   ASN A N   1 
ATOM   387  C  CA  . ASN A 1 49  ? -6.456  2.598   12.209  1.00 10.25 ? 49   ASN A CA  1 
ATOM   388  C  C   . ASN A 1 49  ? -6.104  1.964   10.863  1.00 10.70 ? 49   ASN A C   1 
ATOM   389  O  O   . ASN A 1 49  ? -6.570  0.862   10.538  1.00 11.84 ? 49   ASN A O   1 
ATOM   390  C  CB  . ASN A 1 49  ? -7.469  3.701   11.999  1.00 9.81  ? 49   ASN A CB  1 
ATOM   391  C  CG  . ASN A 1 49  ? -8.153  4.114   13.300  1.00 8.52  ? 49   ASN A CG  1 
ATOM   392  O  OD1 . ASN A 1 49  ? -8.083  3.400   14.307  1.00 9.11  ? 49   ASN A OD1 1 
ATOM   393  N  ND2 . ASN A 1 49  ? -8.806  5.265   13.277  1.00 8.79  ? 49   ASN A ND2 1 
ATOM   394  N  N   . ILE A 1 50  ? -5.263  2.666   10.117  1.00 11.12 ? 50   ILE A N   1 
ATOM   395  C  CA  . ILE A 1 50  ? -4.806  2.221   8.782   1.00 11.84 ? 50   ILE A CA  1 
ATOM   396  C  C   . ILE A 1 50  ? -4.024  0.917   8.875   1.00 12.41 ? 50   ILE A C   1 
ATOM   397  O  O   . ILE A 1 50  ? -4.305  -0.054  8.160   1.00 12.95 ? 50   ILE A O   1 
ATOM   398  C  CB  . ILE A 1 50  ? -3.939  3.328   8.092   1.00 11.62 ? 50   ILE A CB  1 
ATOM   399  C  CG1 . ILE A 1 50  ? -4.801  4.544   7.727   1.00 11.55 ? 50   ILE A CG1 1 
ATOM   400  C  CG2 . ILE A 1 50  ? -3.188  2.751   6.873   1.00 11.84 ? 50   ILE A CG2 1 
ATOM   401  C  CD1 . ILE A 1 50  ? -4.018  5.792   7.324   1.00 12.77 ? 50   ILE A CD1 1 
ATOM   402  N  N   . VAL A 1 51  ? -3.040  0.877   9.768   1.00 12.78 ? 51   VAL A N   1 
ATOM   403  C  CA  . VAL A 1 51  ? -2.222  -0.319  9.924   1.00 13.75 ? 51   VAL A CA  1 
ATOM   404  C  C   . VAL A 1 51  ? -3.080  -1.529  10.301  1.00 14.42 ? 51   VAL A C   1 
ATOM   405  O  O   . VAL A 1 51  ? -2.837  -2.642  9.831   1.00 14.86 ? 51   VAL A O   1 
ATOM   406  C  CB  . VAL A 1 51  ? -1.053  -0.089  10.907  1.00 13.58 ? 51   VAL A CB  1 
ATOM   407  C  CG1 . VAL A 1 51  ? -0.220  -1.347  11.044  1.00 15.01 ? 51   VAL A CG1 1 
ATOM   408  C  CG2 . VAL A 1 51  ? -0.180  1.024   10.389  1.00 14.40 ? 51   VAL A CG2 1 
ATOM   409  N  N   . ASP A 1 52  ? -4.104  -1.317  11.123  1.00 14.92 ? 52   ASP A N   1 
ATOM   410  C  CA  . ASP A 1 52  ? -4.970  -2.420  11.486  1.00 16.04 ? 52   ASP A CA  1 
ATOM   411  C  C   . ASP A 1 52  ? -5.697  -3.003  10.288  1.00 15.60 ? 52   ASP A C   1 
ATOM   412  O  O   . ASP A 1 52  ? -5.985  -4.198  10.272  1.00 16.27 ? 52   ASP A O   1 
ATOM   413  C  CB  . ASP A 1 52  ? -5.988  -2.025  12.547  1.00 16.77 ? 52   ASP A CB  1 
ATOM   414  C  CG  . ASP A 1 52  ? -6.575  -3.240  13.241  1.00 20.24 ? 52   ASP A CG  1 
ATOM   415  O  OD1 . ASP A 1 52  ? -5.780  -4.097  13.698  1.00 23.89 ? 52   ASP A OD1 1 
ATOM   416  O  OD2 . ASP A 1 52  ? -7.813  -3.338  13.308  1.00 22.73 ? 52   ASP A OD2 1 
ATOM   417  N  N   . ARG A 1 53  ? -5.957  -2.169  9.290   1.00 14.67 ? 53   ARG A N   1 
ATOM   418  C  CA  . ARG A 1 53  ? -6.784  -2.551  8.150   1.00 14.42 ? 53   ARG A CA  1 
ATOM   419  C  C   . ARG A 1 53  ? -6.045  -3.261  7.010   1.00 13.25 ? 53   ARG A C   1 
ATOM   420  O  O   . ARG A 1 53  ? -6.669  -4.003  6.236   1.00 12.61 ? 53   ARG A O   1 
ATOM   421  C  CB  . ARG A 1 53  ? -7.455  -1.302  7.581   1.00 15.51 ? 53   ARG A CB  1 
ATOM   422  C  CG  . ARG A 1 53  ? -8.634  -1.583  6.699   1.00 20.06 ? 53   ARG A CG  1 
ATOM   423  C  CD  . ARG A 1 53  ? -9.544  -0.379  6.675   1.00 26.17 ? 53   ARG A CD  1 
ATOM   424  N  NE  . ARG A 1 53  ? -9.747  0.148   8.018   1.00 29.21 ? 53   ARG A NE  1 
ATOM   425  C  CZ  . ARG A 1 53  ? -10.795 0.873   8.387   1.00 29.98 ? 53   ARG A CZ  1 
ATOM   426  N  NH1 . ARG A 1 53  ? -10.871 1.314   9.639   1.00 32.58 ? 53   ARG A NH1 1 
ATOM   427  N  NH2 . ARG A 1 53  ? -11.762 1.155   7.517   1.00 29.97 ? 53   ARG A NH2 1 
ATOM   428  N  N   . VAL A 1 54  ? -4.743  -3.004  6.888   1.00 11.67 ? 54   VAL A N   1 
ATOM   429  C  CA  . VAL A 1 54  ? -3.973  -3.493  5.735   1.00 10.69 ? 54   VAL A CA  1 
ATOM   430  C  C   . VAL A 1 54  ? -3.742  -5.014  5.762   1.00 11.01 ? 54   VAL A C   1 
ATOM   431  O  O   . VAL A 1 54  ? -3.677  -5.632  6.822   1.00 10.83 ? 54   VAL A O   1 
ATOM   432  C  CB  . VAL A 1 54  ? -2.625  -2.734  5.522   1.00 10.10 ? 54   VAL A CB  1 
ATOM   433  C  CG1 . VAL A 1 54  ? -2.872  -1.264  5.206   1.00 10.53 ? 54   VAL A CG1 1 
ATOM   434  C  CG2 . VAL A 1 54  ? -1.679  -2.895  6.718   1.00 11.21 ? 54   VAL A CG2 1 
ATOM   435  N  N   . ASP A 1 55  ? -3.679  -5.596  4.572   1.00 10.06 ? 55   ASP A N   1 
ATOM   436  C  CA  . ASP A 1 55  ? -3.228  -6.974  4.410   1.00 10.24 ? 55   ASP A CA  1 
ATOM   437  C  C   . ASP A 1 55  ? -1.709  -6.925  4.373   1.00 10.47 ? 55   ASP A C   1 
ATOM   438  O  O   . ASP A 1 55  ? -1.111  -6.429  3.402   1.00 9.19  ? 55   ASP A O   1 
ATOM   439  C  CB  . ASP A 1 55  ? -3.771  -7.563  3.100   1.00 10.74 ? 55   ASP A CB  1 
ATOM   440  C  CG  . ASP A 1 55  ? -3.308  -8.988  2.883   1.00 12.84 ? 55   ASP A CG  1 
ATOM   441  O  OD1 . ASP A 1 55  ? -3.987  -9.904  3.375   1.00 19.44 ? 55   ASP A OD1 1 
ATOM   442  O  OD2 . ASP A 1 55  ? -2.247  -9.198  2.271   1.00 12.38 ? 55   ASP A OD2 1 
ATOM   443  N  N   . TRP A 1 56  ? -1.082  -7.419  5.453   1.00 9.65  ? 56   TRP A N   1 
ATOM   444  C  CA  . TRP A 1 56  ? 0.368   -7.350  5.593   1.00 10.03 ? 56   TRP A CA  1 
ATOM   445  C  C   . TRP A 1 56  ? 1.152   -8.080  4.478   1.00 9.55  ? 56   TRP A C   1 
ATOM   446  O  O   . TRP A 1 56  ? 2.065   -7.491  3.911   1.00 10.05 ? 56   TRP A O   1 
ATOM   447  C  CB  . TRP A 1 56  ? 0.819   -7.765  6.999   1.00 9.47  ? 56   TRP A CB  1 
ATOM   448  C  CG  . TRP A 1 56  ? 2.200   -7.288  7.286   1.00 11.17 ? 56   TRP A CG  1 
ATOM   449  C  CD1 . TRP A 1 56  ? 3.320   -8.051  7.394   1.00 10.51 ? 56   TRP A CD1 1 
ATOM   450  C  CD2 . TRP A 1 56  ? 2.627   -5.922  7.414   1.00 9.60  ? 56   TRP A CD2 1 
ATOM   451  N  NE1 . TRP A 1 56  ? 4.416   -7.255  7.632   1.00 10.10 ? 56   TRP A NE1 1 
ATOM   452  C  CE2 . TRP A 1 56  ? 4.021   -5.944  7.638   1.00 9.12  ? 56   TRP A CE2 1 
ATOM   453  C  CE3 . TRP A 1 56  ? 1.963   -4.683  7.366   1.00 10.41 ? 56   TRP A CE3 1 
ATOM   454  C  CZ2 . TRP A 1 56  ? 4.771   -4.777  7.823   1.00 9.92  ? 56   TRP A CZ2 1 
ATOM   455  C  CZ3 . TRP A 1 56  ? 2.703   -3.524  7.565   1.00 10.40 ? 56   TRP A CZ3 1 
ATOM   456  C  CH2 . TRP A 1 56  ? 4.101   -3.578  7.781   1.00 10.61 ? 56   TRP A CH2 1 
ATOM   457  N  N   . PRO A 1 57  ? 0.791   -9.340  4.148   1.00 10.74 ? 57   PRO A N   1 
ATOM   458  C  CA  . PRO A 1 57  ? 1.496   -10.003 3.031   1.00 9.83  ? 57   PRO A CA  1 
ATOM   459  C  C   . PRO A 1 57  ? 1.509   -9.158  1.743   1.00 9.74  ? 57   PRO A C   1 
ATOM   460  O  O   . PRO A 1 57  ? 2.555   -9.078  1.060   1.00 8.71  ? 57   PRO A O   1 
ATOM   461  C  CB  . PRO A 1 57  ? 0.726   -11.313 2.864   1.00 10.45 ? 57   PRO A CB  1 
ATOM   462  C  CG  . PRO A 1 57  ? 0.276   -11.613 4.307   1.00 11.12 ? 57   PRO A CG  1 
ATOM   463  C  CD  . PRO A 1 57  ? -0.192  -10.254 4.779   1.00 11.49 ? 57   PRO A CD  1 
ATOM   464  N  N   . ALA A 1 58  ? 0.396   -8.480  1.442   1.00 9.44  ? 58   ALA A N   1 
ATOM   465  C  CA  . ALA A 1 58  ? 0.353   -7.611  0.245   1.00 9.21  ? 58   ALA A CA  1 
ATOM   466  C  C   . ALA A 1 58  ? 1.197   -6.329  0.379   1.00 9.01  ? 58   ALA A C   1 
ATOM   467  O  O   . ALA A 1 58  ? 1.749   -5.841  -0.614  1.00 7.79  ? 58   ALA A O   1 
ATOM   468  C  CB  . ALA A 1 58  ? -1.084  -7.297  -0.161  1.00 9.68  ? 58   ALA A CB  1 
ATOM   469  N  N   . VAL A 1 59  ? 1.269   -5.759  1.589   1.00 7.82  ? 59   VAL A N   1 
ATOM   470  C  CA  . VAL A 1 59  ? 2.223   -4.671  1.828   1.00 7.94  ? 59   VAL A CA  1 
ATOM   471  C  C   . VAL A 1 59  ? 3.629   -5.160  1.497   1.00 7.76  ? 59   VAL A C   1 
ATOM   472  O  O   . VAL A 1 59  ? 4.384   -4.474  0.830   1.00 8.28  ? 59   VAL A O   1 
ATOM   473  C  CB  . VAL A 1 59  ? 2.161   -4.137  3.268   1.00 8.24  ? 59   VAL A CB  1 
ATOM   474  C  CG1 . VAL A 1 59  ? 3.318   -3.176  3.562   1.00 8.29  ? 59   VAL A CG1 1 
ATOM   475  C  CG2 . VAL A 1 59  ? 0.845   -3.374  3.462   1.00 8.25  ? 59   VAL A CG2 1 
ATOM   476  N  N   . LEU A 1 60  ? 3.988   -6.337  2.002   1.00 7.53  ? 60   LEU A N   1 
ATOM   477  C  CA  . LEU A 1 60  ? 5.355   -6.823  1.855   1.00 7.69  ? 60   LEU A CA  1 
ATOM   478  C  C   . LEU A 1 60  ? 5.701   -7.069  0.393   1.00 7.40  ? 60   LEU A C   1 
ATOM   479  O  O   . LEU A 1 60  ? 6.781   -6.700  -0.049  1.00 7.12  ? 60   LEU A O   1 
ATOM   480  C  CB  . LEU A 1 60  ? 5.558   -8.092  2.679   1.00 8.33  ? 60   LEU A CB  1 
ATOM   481  C  CG  . LEU A 1 60  ? 5.544   -7.928  4.197   1.00 8.31  ? 60   LEU A CG  1 
ATOM   482  C  CD1 . LEU A 1 60  ? 5.647   -9.325  4.777   1.00 10.40 ? 60   LEU A CD1 1 
ATOM   483  C  CD2 . LEU A 1 60  ? 6.710   -7.040  4.674   1.00 9.56  ? 60   LEU A CD2 1 
ATOM   484  N  N   . THR A 1 61  ? 4.756   -7.646  -0.338  1.00 7.40  ? 61   THR A N   1 
ATOM   485  C  CA  . THR A 1 61  ? 4.944   -7.997  -1.764  1.00 8.09  ? 61   THR A CA  1 
ATOM   486  C  C   . THR A 1 61  ? 5.136   -6.724  -2.596  1.00 8.50  ? 61   THR A C   1 
ATOM   487  O  O   . THR A 1 61  ? 6.091   -6.610  -3.401  1.00 8.57  ? 61   THR A O   1 
ATOM   488  C  CB  . THR A 1 61  ? 3.749   -8.840  -2.283  1.00 8.87  ? 61   THR A CB  1 
ATOM   489  O  OG1 . THR A 1 61  ? 3.710   -10.103 -1.582  1.00 11.17 ? 61   THR A OG1 1 
ATOM   490  C  CG2 . THR A 1 61  ? 3.856   -9.116  -3.835  1.00 9.72  ? 61   THR A CG2 1 
ATOM   491  N  N   . VAL A 1 62  ? 4.242   -5.754  -2.404  1.00 7.14  ? 62   VAL A N   1 
ATOM   492  C  CA  . VAL A 1 62  ? 4.307   -4.531  -3.221  1.00 8.22  ? 62   VAL A CA  1 
ATOM   493  C  C   . VAL A 1 62  ? 5.541   -3.688  -2.850  1.00 8.01  ? 62   VAL A C   1 
ATOM   494  O  O   . VAL A 1 62  ? 6.242   -3.164  -3.719  1.00 9.08  ? 62   VAL A O   1 
ATOM   495  C  CB  . VAL A 1 62  ? 2.998   -3.760  -3.121  1.00 8.07  ? 62   VAL A CB  1 
ATOM   496  C  CG1 . VAL A 1 62  ? 3.076   -2.429  -3.926  1.00 9.53  ? 62   VAL A CG1 1 
ATOM   497  C  CG2 . VAL A 1 62  ? 1.858   -4.678  -3.611  1.00 9.25  ? 62   VAL A CG2 1 
ATOM   498  N  N   . ALA A 1 63  ? 5.822   -3.585  -1.552  1.00 8.09  ? 63   ALA A N   1 
ATOM   499  C  CA  . ALA A 1 63  ? 6.999   -2.860  -1.092  1.00 8.09  ? 63   ALA A CA  1 
ATOM   500  C  C   . ALA A 1 63  ? 8.277   -3.392  -1.735  1.00 9.13  ? 63   ALA A C   1 
ATOM   501  O  O   . ALA A 1 63  ? 9.089   -2.606  -2.206  1.00 9.24  ? 63   ALA A O   1 
ATOM   502  C  CB  . ALA A 1 63  ? 7.111   -2.920  0.410   1.00 8.12  ? 63   ALA A CB  1 
ATOM   503  N  N   . ALA A 1 64  ? 8.441   -4.721  -1.758  1.00 9.30  ? 64   ALA A N   1 
ATOM   504  C  CA  . ALA A 1 64  ? 9.625   -5.349  -2.393  1.00 10.53 ? 64   ALA A CA  1 
ATOM   505  C  C   . ALA A 1 64  ? 9.688   -5.017  -3.878  1.00 10.75 ? 64   ALA A C   1 
ATOM   506  O  O   . ALA A 1 64  ? 10.748  -4.665  -4.401  1.00 10.94 ? 64   ALA A O   1 
ATOM   507  C  CB  . ALA A 1 64  ? 9.651   -6.866  -2.170  1.00 10.70 ? 64   ALA A CB  1 
ATOM   508  N  N   . GLU A 1 65  ? 8.552   -5.114  -4.557  1.00 10.93 ? 65   GLU A N   1 
ATOM   509  C  CA  . GLU A 1 65  ? 8.473   -4.715  -5.976  1.00 12.37 ? 65   GLU A CA  1 
ATOM   510  C  C   . GLU A 1 65  ? 8.988   -3.285  -6.199  1.00 12.31 ? 65   GLU A C   1 
ATOM   511  O  O   . GLU A 1 65  ? 9.687   -3.013  -7.181  1.00 12.94 ? 65   GLU A O   1 
ATOM   512  C  CB  . GLU A 1 65  ? 7.044   -4.873  -6.522  1.00 11.91 ? 65   GLU A CB  1 
ATOM   513  C  CG  . GLU A 1 65  ? 6.657   -6.335  -6.731  1.00 13.06 ? 65   GLU A CG  1 
ATOM   514  C  CD  . GLU A 1 65  ? 5.162   -6.564  -6.928  1.00 14.18 ? 65   GLU A CD  1 
ATOM   515  O  OE1 . GLU A 1 65  ? 4.381   -5.588  -7.016  1.00 16.80 ? 65   GLU A OE1 1 
ATOM   516  O  OE2 . GLU A 1 65  ? 4.776   -7.752  -6.990  1.00 19.89 ? 65   GLU A OE2 1 
ATOM   517  N  N   . LEU A 1 66  ? 8.670   -2.397  -5.264  1.00 11.74 ? 66   LEU A N   1 
ATOM   518  C  CA  . LEU A 1 66  ? 9.044   -0.987  -5.370  1.00 11.89 ? 66   LEU A CA  1 
ATOM   519  C  C   . LEU A 1 66  ? 10.369  -0.651  -4.691  1.00 12.45 ? 66   LEU A C   1 
ATOM   520  O  O   . LEU A 1 66  ? 10.716  0.534   -4.532  1.00 13.58 ? 66   LEU A O   1 
ATOM   521  C  CB  . LEU A 1 66  ? 7.902   -0.122  -4.819  1.00 11.93 ? 66   LEU A CB  1 
ATOM   522  C  CG  . LEU A 1 66  ? 6.571   -0.331  -5.563  1.00 12.66 ? 66   LEU A CG  1 
ATOM   523  C  CD1 . LEU A 1 66  ? 5.515   0.604   -4.998  1.00 13.23 ? 66   LEU A CD1 1 
ATOM   524  C  CD2 . LEU A 1 66  ? 6.679   -0.148  -7.104  1.00 12.77 ? 66   LEU A CD2 1 
ATOM   525  N  N   . GLY A 1 67  ? 11.106  -1.683  -4.287  1.00 12.17 ? 67   GLY A N   1 
ATOM   526  C  CA  . GLY A 1 67  ? 12.467  -1.513  -3.775  1.00 12.23 ? 67   GLY A CA  1 
ATOM   527  C  C   . GLY A 1 67  ? 12.661  -1.289  -2.284  1.00 13.06 ? 67   GLY A C   1 
ATOM   528  O  O   . GLY A 1 67  ? 13.760  -0.882  -1.854  1.00 13.41 ? 67   GLY A O   1 
ATOM   529  N  N   . ASN A 1 68  ? 11.625  -1.558  -1.491  1.00 12.01 ? 68   ASN A N   1 
ATOM   530  C  CA  . ASN A 1 68  ? 11.734  -1.497  -0.041  1.00 12.27 ? 68   ASN A CA  1 
ATOM   531  C  C   . ASN A 1 68  ? 11.768  -2.902  0.545   1.00 12.67 ? 68   ASN A C   1 
ATOM   532  O  O   . ASN A 1 68  ? 10.758  -3.626  0.531   1.00 11.90 ? 68   ASN A O   1 
ATOM   533  C  CB  . ASN A 1 68  ? 10.583  -0.702  0.565   1.00 12.19 ? 68   ASN A CB  1 
ATOM   534  C  CG  . ASN A 1 68  ? 10.766  -0.453  2.050   1.00 13.53 ? 68   ASN A CG  1 
ATOM   535  O  OD1 . ASN A 1 68  ? 11.361  -1.273  2.774   1.00 14.52 ? 68   ASN A OD1 1 
ATOM   536  N  ND2 . ASN A 1 68  ? 10.236  0.671   2.522   1.00 14.35 ? 68   ASN A ND2 1 
ATOM   537  N  N   . ASN A 1 69  ? 12.928  -3.265  1.076   1.00 12.91 ? 69   ASN A N   1 
ATOM   538  C  CA  . ASN A 1 69  ? 13.112  -4.589  1.646   1.00 13.36 ? 69   ASN A CA  1 
ATOM   539  C  C   . ASN A 1 69  ? 13.404  -4.556  3.152   1.00 13.17 ? 69   ASN A C   1 
ATOM   540  O  O   . ASN A 1 69  ? 13.940  -5.519  3.698   1.00 13.03 ? 69   ASN A O   1 
ATOM   541  C  CB  . ASN A 1 69  ? 14.193  -5.325  0.854   1.00 13.90 ? 69   ASN A CB  1 
ATOM   542  C  CG  . ASN A 1 69  ? 13.765  -5.595  -0.586  1.00 14.88 ? 69   ASN A CG  1 
ATOM   543  O  OD1 . ASN A 1 69  ? 12.885  -6.432  -0.838  1.00 16.26 ? 69   ASN A OD1 1 
ATOM   544  N  ND2 . ASN A 1 69  ? 14.352  -4.856  -1.533  1.00 14.17 ? 69   ASN A ND2 1 
ATOM   545  N  N   . ALA A 1 70  ? 13.017  -3.466  3.808   1.00 13.01 ? 70   ALA A N   1 
ATOM   546  C  CA  . ALA A 1 70  ? 13.353  -3.258  5.219   1.00 12.94 ? 70   ALA A CA  1 
ATOM   547  C  C   . ALA A 1 70  ? 12.184  -3.450  6.190   1.00 12.66 ? 70   ALA A C   1 
ATOM   548  O  O   . ALA A 1 70  ? 12.291  -3.139  7.370   1.00 13.21 ? 70   ALA A O   1 
ATOM   549  C  CB  . ALA A 1 70  ? 14.028  -1.885  5.415   1.00 13.05 ? 70   ALA A CB  1 
ATOM   550  N  N   . LEU A 1 71  ? 11.084  -4.017  5.713   1.00 12.50 ? 71   LEU A N   1 
ATOM   551  C  CA  . LEU A 1 71  ? 9.887   -4.188  6.549   1.00 11.93 ? 71   LEU A CA  1 
ATOM   552  C  C   . LEU A 1 71  ? 9.903   -5.526  7.303   1.00 11.11 ? 71   LEU A C   1 
ATOM   553  O  O   . LEU A 1 71  ? 10.421  -6.518  6.790   1.00 10.62 ? 71   LEU A O   1 
ATOM   554  C  CB  . LEU A 1 71  ? 8.638   -4.119  5.677   1.00 12.32 ? 71   LEU A CB  1 
ATOM   555  C  CG  . LEU A 1 71  ? 8.417   -2.803  4.909   1.00 13.99 ? 71   LEU A CG  1 
ATOM   556  C  CD1 . LEU A 1 71  ? 7.280   -3.023  3.916   1.00 14.99 ? 71   LEU A CD1 1 
ATOM   557  C  CD2 . LEU A 1 71  ? 8.124   -1.609  5.824   1.00 15.83 ? 71   LEU A CD2 1 
ATOM   558  N  N   . PRO A 1 72  ? 9.317   -5.564  8.524   1.00 10.74 ? 72   PRO A N   1 
ATOM   559  C  CA  . PRO A 1 72  ? 9.291   -6.839  9.260   1.00 10.76 ? 72   PRO A CA  1 
ATOM   560  C  C   . PRO A 1 72  ? 8.294   -7.825  8.634   1.00 10.95 ? 72   PRO A C   1 
ATOM   561  O  O   . PRO A 1 72  ? 7.270   -7.382  8.116   1.00 9.84  ? 72   PRO A O   1 
ATOM   562  C  CB  . PRO A 1 72  ? 8.797   -6.426  10.643  1.00 10.50 ? 72   PRO A CB  1 
ATOM   563  C  CG  . PRO A 1 72  ? 7.900   -5.199  10.367  1.00 11.50 ? 72   PRO A CG  1 
ATOM   564  C  CD  . PRO A 1 72  ? 8.650   -4.480  9.269   1.00 10.83 ? 72   PRO A CD  1 
ATOM   565  N  N   . PRO A 1 73  ? 8.589   -9.152  8.674   1.00 10.73 ? 73   PRO A N   1 
ATOM   566  C  CA  . PRO A 1 73  ? 7.666   -10.134 8.105   1.00 11.00 ? 73   PRO A CA  1 
ATOM   567  C  C   . PRO A 1 73  ? 6.301   -10.217 8.815   1.00 10.06 ? 73   PRO A C   1 
ATOM   568  O  O   . PRO A 1 73  ? 5.354   -10.730 8.240   1.00 10.11 ? 73   PRO A O   1 
ATOM   569  C  CB  . PRO A 1 73  ? 8.420   -11.458 8.220   1.00 11.85 ? 73   PRO A CB  1 
ATOM   570  C  CG  . PRO A 1 73  ? 9.475   -11.223 9.203   1.00 11.91 ? 73   PRO A CG  1 
ATOM   571  C  CD  . PRO A 1 73  ? 9.829   -9.791  9.161   1.00 12.19 ? 73   PRO A CD  1 
ATOM   572  N  N   . THR A 1 74  ? 6.213   -9.713  10.041  1.00 9.35  ? 74   THR A N   1 
ATOM   573  C  CA  . THR A 1 74  ? 4.956   -9.714  10.783  1.00 10.20 ? 74   THR A CA  1 
ATOM   574  C  C   . THR A 1 74  ? 4.489   -8.275  11.000  1.00 10.51 ? 74   THR A C   1 
ATOM   575  O  O   . THR A 1 74  ? 5.296   -7.422  11.324  1.00 9.46  ? 74   THR A O   1 
ATOM   576  C  CB  . THR A 1 74  ? 5.147   -10.426 12.144  1.00 10.55 ? 74   THR A CB  1 
ATOM   577  O  OG1 . THR A 1 74  ? 5.378   -11.823 11.918  1.00 9.06  ? 74   THR A OG1 1 
ATOM   578  C  CG2 . THR A 1 74  ? 3.893   -10.264 13.035  1.00 10.05 ? 74   THR A CG2 1 
ATOM   579  N  N   . LYS A 1 75  ? 3.198   -8.003  10.790  1.00 11.01 ? 75   LYS A N   1 
ATOM   580  C  CA  . LYS A 1 75  ? 2.656   -6.647  10.985  1.00 11.70 ? 75   LYS A CA  1 
ATOM   581  C  C   . LYS A 1 75  ? 2.993   -6.121  12.401  1.00 11.44 ? 75   LYS A C   1 
ATOM   582  O  O   . LYS A 1 75  ? 2.723   -6.819  13.384  1.00 10.17 ? 75   LYS A O   1 
ATOM   583  C  CB  . LYS A 1 75  ? 1.140   -6.646  10.782  1.00 11.63 ? 75   LYS A CB  1 
ATOM   584  C  CG  . LYS A 1 75  ? 0.515   -5.239  10.800  1.00 12.52 ? 75   LYS A CG  1 
ATOM   585  C  CD  . LYS A 1 75  ? -1.022  -5.259  10.929  1.00 12.65 ? 75   LYS A CD  1 
ATOM   586  C  CE  . LYS A 1 75  ? -1.682  -5.721  9.632   1.00 13.20 ? 75   LYS A CE  1 
ATOM   587  N  NZ  . LYS A 1 75  ? -3.145  -5.493  9.648   1.00 12.57 ? 75   LYS A NZ  1 
ATOM   588  N  N   . PRO A 1 76  ? 3.600   -4.911  12.513  1.00 12.64 ? 76   PRO A N   1 
ATOM   589  C  CA  . PRO A 1 76  ? 3.813   -4.396  13.872  1.00 14.12 ? 76   PRO A CA  1 
ATOM   590  C  C   . PRO A 1 76  ? 2.527   -4.364  14.693  1.00 15.39 ? 76   PRO A C   1 
ATOM   591  O  O   . PRO A 1 76  ? 1.477   -3.959  14.187  1.00 15.69 ? 76   PRO A O   1 
ATOM   592  C  CB  . PRO A 1 76  ? 4.331   -2.969  13.635  1.00 14.07 ? 76   PRO A CB  1 
ATOM   593  C  CG  . PRO A 1 76  ? 5.029   -3.063  12.269  1.00 14.78 ? 76   PRO A CG  1 
ATOM   594  C  CD  . PRO A 1 76  ? 4.125   -3.988  11.480  1.00 12.11 ? 76   PRO A CD  1 
ATOM   595  N  N   . SER A 1 77  ? 2.625   -4.793  15.948  1.00 17.06 ? 77   SER A N   1 
ATOM   596  C  CA  . SER A 1 77  ? 1.506   -4.716  16.883  1.00 18.07 ? 77   SER A CA  1 
ATOM   597  C  C   . SER A 1 77  ? 1.753   -3.589  17.883  1.00 18.01 ? 77   SER A C   1 
ATOM   598  O  O   . SER A 1 77  ? 2.903   -3.274  18.231  1.00 17.68 ? 77   SER A O   1 
ATOM   599  C  CB  . SER A 1 77  ? 1.277   -6.056  17.593  1.00 18.86 ? 77   SER A CB  1 
ATOM   600  O  OG  . SER A 1 77  ? 2.403   -6.415  18.353  1.00 21.41 ? 77   SER A OG  1 
ATOM   601  N  N   . PHE A 1 78  ? 0.665   -2.963  18.312  1.00 18.15 ? 78   PHE A N   1 
ATOM   602  C  CA  . PHE A 1 78  ? 0.749   -1.766  19.141  1.00 17.94 ? 78   PHE A CA  1 
ATOM   603  C  C   . PHE A 1 78  ? -0.226  -1.864  20.301  1.00 19.57 ? 78   PHE A C   1 
ATOM   604  O  O   . PHE A 1 78  ? -1.213  -2.608  20.221  1.00 19.22 ? 78   PHE A O   1 
ATOM   605  C  CB  . PHE A 1 78  ? 0.377   -0.538  18.322  1.00 17.57 ? 78   PHE A CB  1 
ATOM   606  C  CG  . PHE A 1 78  ? 1.288   -0.273  17.166  1.00 15.01 ? 78   PHE A CG  1 
ATOM   607  C  CD1 . PHE A 1 78  ? 2.501   0.368   17.361  1.00 15.12 ? 78   PHE A CD1 1 
ATOM   608  C  CD2 . PHE A 1 78  ? 0.930   -0.663  15.883  1.00 16.66 ? 78   PHE A CD2 1 
ATOM   609  C  CE1 . PHE A 1 78  ? 3.347   0.617   16.291  1.00 13.98 ? 78   PHE A CE1 1 
ATOM   610  C  CE2 . PHE A 1 78  ? 1.755   -0.403  14.809  1.00 15.29 ? 78   PHE A CE2 1 
ATOM   611  C  CZ  . PHE A 1 78  ? 2.975   0.237   15.015  1.00 15.52 ? 78   PHE A CZ  1 
ATOM   612  N  N   . PRO A 1 79  ? 0.040   -1.103  21.377  1.00 20.72 ? 79   PRO A N   1 
ATOM   613  C  CA  . PRO A 1 79  ? -0.897  -1.109  22.505  1.00 22.10 ? 79   PRO A CA  1 
ATOM   614  C  C   . PRO A 1 79  ? -2.232  -0.423  22.165  1.00 23.02 ? 79   PRO A C   1 
ATOM   615  O  O   . PRO A 1 79  ? -2.361  0.185   21.104  1.00 23.28 ? 79   PRO A O   1 
ATOM   616  C  CB  . PRO A 1 79  ? -0.123  -0.376  23.609  1.00 21.78 ? 79   PRO A CB  1 
ATOM   617  C  CG  . PRO A 1 79  ? 0.856   0.492   22.886  1.00 21.61 ? 79   PRO A CG  1 
ATOM   618  C  CD  . PRO A 1 79  ? 1.207   -0.226  21.613  1.00 20.68 ? 79   PRO A CD  1 
ATOM   619  N  N   . SER A 1 80  ? -3.213  -0.536  23.063  1.00 25.54 ? 80   SER A N   1 
ATOM   620  C  CA  . SER A 1 80  ? -4.595  -0.076  22.812  1.00 27.20 ? 80   SER A CA  1 
ATOM   621  C  C   . SER A 1 80  ? -4.825  1.438   22.879  1.00 27.66 ? 80   SER A C   1 
ATOM   622  O  O   . SER A 1 80  ? -5.866  1.922   22.421  1.00 27.92 ? 80   SER A O   1 
ATOM   623  C  CB  . SER A 1 80  ? -5.578  -0.788  23.753  1.00 27.54 ? 80   SER A CB  1 
ATOM   624  O  OG  . SER A 1 80  ? -5.617  -2.182  23.491  1.00 30.23 ? 80   SER A OG  1 
ATOM   625  N  N   . SER A 1 81  ? -3.861  2.174   23.439  1.00 27.92 ? 81   SER A N   1 
ATOM   626  C  CA  . SER A 1 81  ? -3.948  3.631   23.583  1.00 27.93 ? 81   SER A CA  1 
ATOM   627  C  C   . SER A 1 81  ? -2.660  4.342   23.166  1.00 27.66 ? 81   SER A C   1 
ATOM   628  O  O   . SER A 1 81  ? -1.573  3.771   23.267  1.00 27.62 ? 81   SER A O   1 
ATOM   629  C  CB  . SER A 1 81  ? -4.332  3.989   25.027  1.00 28.11 ? 81   SER A CB  1 
ATOM   630  O  OG  . SER A 1 81  ? -3.383  4.852   25.636  1.00 28.50 ? 81   SER A OG  1 
ATOM   631  N  N   . ILE A 1 82  ? -2.779  5.587   22.710  1.00 27.61 ? 82   ILE A N   1 
ATOM   632  C  CA  . ILE A 1 82  ? -1.598  6.364   22.328  1.00 28.19 ? 82   ILE A CA  1 
ATOM   633  C  C   . ILE A 1 82  ? -0.652  6.556   23.517  1.00 27.92 ? 82   ILE A C   1 
ATOM   634  O  O   . ILE A 1 82  ? 0.564   6.525   23.342  1.00 28.19 ? 82   ILE A O   1 
ATOM   635  C  CB  . ILE A 1 82  ? -1.931  7.740   21.657  1.00 28.03 ? 82   ILE A CB  1 
ATOM   636  C  CG1 . ILE A 1 82  ? -0.635  8.547   21.440  1.00 28.29 ? 82   ILE A CG1 1 
ATOM   637  C  CG2 . ILE A 1 82  ? -2.957  8.520   22.471  1.00 28.82 ? 82   ILE A CG2 1 
ATOM   638  C  CD1 . ILE A 1 82  ? -0.783  9.882   20.739  1.00 28.78 ? 82   ILE A CD1 1 
ATOM   639  N  N   . GLN A 1 83  ? -1.219  6.729   24.713  1.00 27.83 ? 83   GLN A N   1 
ATOM   640  C  CA  . GLN A 1 83  ? -0.437  6.937   25.943  1.00 27.85 ? 83   GLN A CA  1 
ATOM   641  C  C   . GLN A 1 83  ? 0.570   5.814   26.221  1.00 26.51 ? 83   GLN A C   1 
ATOM   642  O  O   . GLN A 1 83  ? 1.632   6.051   26.815  1.00 26.61 ? 83   GLN A O   1 
ATOM   643  C  CB  . GLN A 1 83  ? -1.358  7.102   27.160  1.00 27.83 ? 83   GLN A CB  1 
ATOM   644  C  CG  . GLN A 1 83  ? -2.279  8.312   27.112  1.00 29.52 ? 83   GLN A CG  1 
ATOM   645  C  CD  . GLN A 1 83  ? -3.236  8.376   28.313  1.00 30.85 ? 83   GLN A CD  1 
ATOM   646  O  OE1 . GLN A 1 83  ? -3.087  7.629   29.299  1.00 33.87 ? 83   GLN A OE1 1 
ATOM   647  N  NE2 . GLN A 1 83  ? -4.218  9.279   28.236  1.00 33.98 ? 83   GLN A NE2 1 
ATOM   648  N  N   . GLU A 1 84  ? 0.237   4.598   25.798  1.00 24.42 ? 84   GLU A N   1 
ATOM   649  C  CA  . GLU A 1 84  ? 1.068   3.434   26.076  1.00 23.62 ? 84   GLU A CA  1 
ATOM   650  C  C   . GLU A 1 84  ? 2.179   3.212   25.038  1.00 21.52 ? 84   GLU A C   1 
ATOM   651  O  O   . GLU A 1 84  ? 3.013   2.331   25.217  1.00 20.53 ? 84   GLU A O   1 
ATOM   652  C  CB  . GLU A 1 84  ? 0.218   2.161   26.175  1.00 23.44 ? 84   GLU A CB  1 
ATOM   653  C  CG  . GLU A 1 84  ? -1.037  2.267   27.030  1.00 25.05 ? 84   GLU A CG  1 
ATOM   654  C  CD  . GLU A 1 84  ? -2.026  1.148   26.744  1.00 26.08 ? 84   GLU A CD  1 
ATOM   655  O  OE1 . GLU A 1 84  ? -3.083  1.417   26.116  1.00 30.11 ? 84   GLU A OE1 1 
ATOM   656  O  OE2 . GLU A 1 84  ? -1.746  -0.006  27.143  1.00 28.15 ? 84   GLU A OE2 1 
ATOM   657  N  N   . LEU A 1 85  ? 2.186   4.007   23.969  1.00 19.94 ? 85   LEU A N   1 
ATOM   658  C  CA  . LEU A 1 85  ? 3.171   3.844   22.892  1.00 18.89 ? 85   LEU A CA  1 
ATOM   659  C  C   . LEU A 1 85  ? 4.581   4.194   23.364  1.00 17.81 ? 85   LEU A C   1 
ATOM   660  O  O   . LEU A 1 85  ? 4.777   5.216   24.017  1.00 17.65 ? 85   LEU A O   1 
ATOM   661  C  CB  . LEU A 1 85  ? 2.807   4.734   21.689  1.00 19.08 ? 85   LEU A CB  1 
ATOM   662  C  CG  . LEU A 1 85  ? 1.585   4.401   20.815  1.00 19.78 ? 85   LEU A CG  1 
ATOM   663  C  CD1 . LEU A 1 85  ? 1.324   5.513   19.823  1.00 21.17 ? 85   LEU A CD1 1 
ATOM   664  C  CD2 . LEU A 1 85  ? 1.789   3.102   20.080  1.00 20.04 ? 85   LEU A CD2 1 
ATOM   665  N  N   . THR A 1 86  ? 5.554   3.354   23.009  1.00 16.31 ? 86   THR A N   1 
ATOM   666  C  CA  . THR A 1 86  ? 6.976   3.638   23.285  1.00 15.21 ? 86   THR A CA  1 
ATOM   667  C  C   . THR A 1 86  ? 7.588   4.553   22.207  1.00 14.88 ? 86   THR A C   1 
ATOM   668  O  O   . THR A 1 86  ? 6.978   4.791   21.160  1.00 14.39 ? 86   THR A O   1 
ATOM   669  C  CB  . THR A 1 86  ? 7.818   2.346   23.354  1.00 14.82 ? 86   THR A CB  1 
ATOM   670  O  OG1 . THR A 1 86  ? 7.834   1.715   22.058  1.00 12.65 ? 86   THR A OG1 1 
ATOM   671  C  CG2 . THR A 1 86  ? 7.294   1.379   24.408  1.00 15.55 ? 86   THR A CG2 1 
ATOM   672  N  N   . ASP A 1 87  ? 8.797   5.059   22.456  1.00 14.67 ? 87   ASP A N   1 
ATOM   673  C  CA  . ASP A 1 87  ? 9.539   5.775   21.418  1.00 15.28 ? 87   ASP A CA  1 
ATOM   674  C  C   . ASP A 1 87  ? 9.772   4.851   20.215  1.00 15.14 ? 87   ASP A C   1 
ATOM   675  O  O   . ASP A 1 87  ? 9.701   5.286   19.055  1.00 14.73 ? 87   ASP A O   1 
ATOM   676  C  CB  . ASP A 1 87  ? 10.876  6.329   21.947  1.00 15.60 ? 87   ASP A CB  1 
ATOM   677  C  CG  . ASP A 1 87  ? 10.696  7.436   23.019  1.00 17.51 ? 87   ASP A CG  1 
ATOM   678  O  OD1 . ASP A 1 87  ? 9.916   8.391   22.806  1.00 19.93 ? 87   ASP A OD1 1 
ATOM   679  O  OD2 . ASP A 1 87  ? 11.358  7.355   24.088  1.00 19.50 ? 87   ASP A OD2 1 
ATOM   680  N  N   . ASP A 1 88  ? 10.035  3.575   20.491  1.00 14.95 ? 88   ASP A N   1 
ATOM   681  C  CA  . ASP A 1 88  ? 10.292  2.626   19.410  1.00 16.40 ? 88   ASP A CA  1 
ATOM   682  C  C   . ASP A 1 88  ? 9.023   2.414   18.591  1.00 15.56 ? 88   ASP A C   1 
ATOM   683  O  O   . ASP A 1 88  ? 9.092   2.369   17.363  1.00 15.36 ? 88   ASP A O   1 
ATOM   684  C  CB  . ASP A 1 88  ? 10.849  1.303   19.939  1.00 16.73 ? 88   ASP A CB  1 
ATOM   685  C  CG  . ASP A 1 88  ? 12.326  1.405   20.360  1.00 21.04 ? 88   ASP A CG  1 
ATOM   686  O  OD1 . ASP A 1 88  ? 13.008  2.410   20.010  1.00 24.35 ? 88   ASP A OD1 1 
ATOM   687  O  OD2 . ASP A 1 88  ? 12.803  0.468   21.047  1.00 25.78 ? 88   ASP A OD2 1 
ATOM   688  N  N   . ASP A 1 89  ? 7.872   2.307   19.266  1.00 15.10 ? 89   ASP A N   1 
ATOM   689  C  CA  . ASP A 1 89  ? 6.563   2.235   18.587  1.00 15.24 ? 89   ASP A CA  1 
ATOM   690  C  C   . ASP A 1 89  ? 6.359   3.455   17.676  1.00 14.87 ? 89   ASP A C   1 
ATOM   691  O  O   . ASP A 1 89  ? 5.925   3.335   16.514  1.00 13.56 ? 89   ASP A O   1 
ATOM   692  C  CB  . ASP A 1 89  ? 5.401   2.188   19.606  1.00 15.55 ? 89   ASP A CB  1 
ATOM   693  C  CG  . ASP A 1 89  ? 5.278   0.858   20.326  1.00 15.50 ? 89   ASP A CG  1 
ATOM   694  O  OD1 . ASP A 1 89  ? 5.692   -0.190  19.771  1.00 16.62 ? 89   ASP A OD1 1 
ATOM   695  O  OD2 . ASP A 1 89  ? 4.756   0.873   21.473  1.00 16.56 ? 89   ASP A OD2 1 
ATOM   696  N  N   . MET A 1 90  ? 6.659   4.638   18.205  1.00 14.94 ? 90   MET A N   1 
ATOM   697  C  CA  . MET A 1 90  ? 6.484   5.878   17.445  1.00 15.72 ? 90   MET A CA  1 
ATOM   698  C  C   . MET A 1 90  ? 7.383   5.945   16.214  1.00 15.37 ? 90   MET A C   1 
ATOM   699  O  O   . MET A 1 90  ? 6.970   6.451   15.156  1.00 15.21 ? 90   MET A O   1 
ATOM   700  C  CB  . MET A 1 90  ? 6.713   7.090   18.347  1.00 16.28 ? 90   MET A CB  1 
ATOM   701  C  CG  . MET A 1 90  ? 5.466   7.519   19.118  1.00 20.14 ? 90   MET A CG  1 
ATOM   702  S  SD  . MET A 1 90  ? 4.152   8.146   18.020  1.00 26.16 ? 90   MET A SD  1 
ATOM   703  C  CE  . MET A 1 90  ? 4.863   9.701   17.495  1.00 26.09 ? 90   MET A CE  1 
ATOM   704  N  N   . ALA A 1 91  ? 8.599   5.425   16.348  1.00 14.94 ? 91   ALA A N   1 
ATOM   705  C  CA  . ALA A 1 91  ? 9.545   5.398   15.233  1.00 14.93 ? 91   ALA A CA  1 
ATOM   706  C  C   . ALA A 1 91  ? 9.028   4.486   14.124  1.00 14.79 ? 91   ALA A C   1 
ATOM   707  O  O   . ALA A 1 91  ? 9.102   4.833   12.939  1.00 14.85 ? 91   ALA A O   1 
ATOM   708  C  CB  . ALA A 1 91  ? 10.909  4.952   15.701  1.00 15.34 ? 91   ALA A CB  1 
ATOM   709  N  N   . ILE A 1 92  ? 8.485   3.334   14.519  1.00 13.96 ? 92   ILE A N   1 
ATOM   710  C  CA  . ILE A 1 92  ? 7.817   2.423   13.576  1.00 14.25 ? 92   ILE A CA  1 
ATOM   711  C  C   . ILE A 1 92  ? 6.626   3.134   12.920  1.00 13.50 ? 92   ILE A C   1 
ATOM   712  O  O   . ILE A 1 92  ? 6.491   3.105   11.698  1.00 13.24 ? 92   ILE A O   1 
ATOM   713  C  CB  . ILE A 1 92  ? 7.379   1.093   14.251  1.00 13.45 ? 92   ILE A CB  1 
ATOM   714  C  CG1 . ILE A 1 92  ? 8.614   0.328   14.764  1.00 16.23 ? 92   ILE A CG1 1 
ATOM   715  C  CG2 . ILE A 1 92  ? 6.538   0.255   13.280  1.00 15.25 ? 92   ILE A CG2 1 
ATOM   716  C  CD1 . ILE A 1 92  ? 8.319   -0.820  15.707  1.00 15.11 ? 92   ILE A CD1 1 
ATOM   717  N  N   . LEU A 1 93  ? 5.775   3.780   13.714  1.00 13.53 ? 93   LEU A N   1 
ATOM   718  C  CA  . LEU A 1 93  ? 4.651   4.538   13.150  1.00 13.50 ? 93   LEU A CA  1 
ATOM   719  C  C   . LEU A 1 93  ? 5.101   5.581   12.125  1.00 13.78 ? 93   LEU A C   1 
ATOM   720  O  O   . LEU A 1 93  ? 4.512   5.693   11.032  1.00 12.75 ? 93   LEU A O   1 
ATOM   721  C  CB  . LEU A 1 93  ? 3.773   5.151   14.251  1.00 13.26 ? 93   LEU A CB  1 
ATOM   722  C  CG  . LEU A 1 93  ? 2.834   4.145   14.938  1.00 13.85 ? 93   LEU A CG  1 
ATOM   723  C  CD1 . LEU A 1 93  ? 2.235   4.710   16.209  1.00 15.63 ? 93   LEU A CD1 1 
ATOM   724  C  CD2 . LEU A 1 93  ? 1.714   3.609   13.994  1.00 12.98 ? 93   LEU A CD2 1 
ATOM   725  N  N   . ASN A 1 94  ? 6.162   6.312   12.453  1.00 13.71 ? 94   ASN A N   1 
ATOM   726  C  CA  . ASN A 1 94  ? 6.710   7.298   11.537  1.00 14.99 ? 94   ASN A CA  1 
ATOM   727  C  C   . ASN A 1 94  ? 7.166   6.682   10.223  1.00 14.36 ? 94   ASN A C   1 
ATOM   728  O  O   . ASN A 1 94  ? 6.888   7.236   9.166   1.00 13.89 ? 94   ASN A O   1 
ATOM   729  C  CB  . ASN A 1 94  ? 7.830   8.096   12.193  1.00 16.14 ? 94   ASN A CB  1 
ATOM   730  C  CG  . ASN A 1 94  ? 7.319   9.364   12.830  1.00 20.08 ? 94   ASN A CG  1 
ATOM   731  O  OD1 . ASN A 1 94  ? 6.976   10.333  12.123  1.00 25.78 ? 94   ASN A OD1 1 
ATOM   732  N  ND2 . ASN A 1 94  ? 7.234   9.375   14.161  1.00 22.99 ? 94   ASN A ND2 1 
ATOM   733  N  N   . ASP A 1 95  ? 7.846   5.539   10.304  1.00 13.83 ? 95   ASP A N   1 
ATOM   734  C  CA  . ASP A 1 95  ? 8.274   4.821   9.108   1.00 14.22 ? 95   ASP A CA  1 
ATOM   735  C  C   . ASP A 1 95  ? 7.068   4.353   8.276   1.00 13.60 ? 95   ASP A C   1 
ATOM   736  O  O   . ASP A 1 95  ? 7.089   4.443   7.047   1.00 13.35 ? 95   ASP A O   1 
ATOM   737  C  CB  . ASP A 1 95  ? 9.172   3.634   9.463   1.00 15.16 ? 95   ASP A CB  1 
ATOM   738  C  CG  . ASP A 1 95  ? 10.594  4.053   9.850   1.00 18.19 ? 95   ASP A CG  1 
ATOM   739  O  OD1 . ASP A 1 95  ? 11.025  5.180   9.514   1.00 20.51 ? 95   ASP A OD1 1 
ATOM   740  O  OD2 . ASP A 1 95  ? 11.283  3.222   10.482  1.00 22.13 ? 95   ASP A OD2 1 
ATOM   741  N  N   . LEU A 1 96  ? 6.016   3.892   8.949   1.00 13.43 ? 96   LEU A N   1 
ATOM   742  C  CA  . LEU A 1 96  ? 4.803   3.433   8.241   1.00 13.22 ? 96   LEU A CA  1 
ATOM   743  C  C   . LEU A 1 96  ? 4.054   4.600   7.580   1.00 13.22 ? 96   LEU A C   1 
ATOM   744  O  O   . LEU A 1 96  ? 3.463   4.455   6.501   1.00 13.25 ? 96   LEU A O   1 
ATOM   745  C  CB  . LEU A 1 96  ? 3.885   2.632   9.169   1.00 13.37 ? 96   LEU A CB  1 
ATOM   746  C  CG  . LEU A 1 96  ? 4.479   1.307   9.673   1.00 14.45 ? 96   LEU A CG  1 
ATOM   747  C  CD1 . LEU A 1 96  ? 3.560   0.616   10.644  1.00 15.29 ? 96   LEU A CD1 1 
ATOM   748  C  CD2 . LEU A 1 96  ? 4.832   0.362   8.527   1.00 15.44 ? 96   LEU A CD2 1 
ATOM   749  N  N   . HIS A 1 97  ? 4.099   5.762   8.222   1.00 12.95 ? 97   HIS A N   1 
ATOM   750  C  CA  . HIS A 1 97  ? 3.520   6.973   7.661   1.00 12.69 ? 97   HIS A CA  1 
ATOM   751  C  C   . HIS A 1 97  ? 4.244   7.278   6.348   1.00 13.24 ? 97   HIS A C   1 
ATOM   752  O  O   . HIS A 1 97  ? 3.615   7.509   5.310   1.00 12.79 ? 97   HIS A O   1 
ATOM   753  C  CB  . HIS A 1 97  ? 3.672   8.127   8.646   1.00 12.78 ? 97   HIS A CB  1 
ATOM   754  C  CG  . HIS A 1 97  ? 3.134   9.427   8.139   1.00 13.06 ? 97   HIS A CG  1 
ATOM   755  N  ND1 . HIS A 1 97  ? 1.787   9.702   8.089   1.00 16.57 ? 97   HIS A ND1 1 
ATOM   756  C  CD2 . HIS A 1 97  ? 3.762   10.523  7.655   1.00 13.03 ? 97   HIS A CD2 1 
ATOM   757  C  CE1 . HIS A 1 97  ? 1.607   10.920  7.600   1.00 16.67 ? 97   HIS A CE1 1 
ATOM   758  N  NE2 . HIS A 1 97  ? 2.790   11.436  7.324   1.00 15.64 ? 97   HIS A NE2 1 
ATOM   759  N  N   . THR A 1 98  ? 5.570   7.214   6.378   1.00 13.73 ? 98   THR A N   1 
ATOM   760  C  CA  . THR A 1 98  ? 6.380   7.530   5.194   1.00 14.30 ? 98   THR A CA  1 
ATOM   761  C  C   . THR A 1 98  ? 6.074   6.554   4.067   1.00 14.33 ? 98   THR A C   1 
ATOM   762  O  O   . THR A 1 98  ? 5.850   6.969   2.926   1.00 14.20 ? 98   THR A O   1 
ATOM   763  C  CB  . THR A 1 98  ? 7.880   7.566   5.532   1.00 15.12 ? 98   THR A CB  1 
ATOM   764  O  OG1 . THR A 1 98  ? 8.101   8.580   6.527   1.00 14.41 ? 98   THR A OG1 1 
ATOM   765  C  CG2 . THR A 1 98  ? 8.709   7.880   4.288   1.00 16.66 ? 98   THR A CG2 1 
ATOM   766  N  N   . LEU A 1 99  ? 5.993   5.272   4.413   1.00 14.27 ? 99   LEU A N   1 
ATOM   767  C  CA  . LEU A 1 99  ? 5.720   4.234   3.427   1.00 14.67 ? 99   LEU A CA  1 
ATOM   768  C  C   . LEU A 1 99  ? 4.318   4.307   2.832   1.00 13.71 ? 99   LEU A C   1 
ATOM   769  O  O   . LEU A 1 99  ? 4.161   4.371   1.604   1.00 13.86 ? 99   LEU A O   1 
ATOM   770  C  CB  . LEU A 1 99  ? 5.971   2.855   4.020   1.00 14.97 ? 99   LEU A CB  1 
ATOM   771  C  CG  . LEU A 1 99  ? 5.684   1.713   3.038   1.00 17.28 ? 99   LEU A CG  1 
ATOM   772  C  CD1 . LEU A 1 99  ? 6.639   1.802   1.852   1.00 18.01 ? 99   LEU A CD1 1 
ATOM   773  C  CD2 . LEU A 1 99  ? 5.808   0.385   3.727   1.00 19.28 ? 99   LEU A CD2 1 
ATOM   774  N  N   . LEU A 1 100 ? 3.304   4.304   3.699   1.00 12.25 ? 100  LEU A N   1 
ATOM   775  C  CA  . LEU A 1 100 ? 1.927   4.096   3.253   1.00 11.36 ? 100  LEU A CA  1 
ATOM   776  C  C   . LEU A 1 100 ? 1.284   5.368   2.701   1.00 11.32 ? 100  LEU A C   1 
ATOM   777  O  O   . LEU A 1 100 ? 0.514   5.316   1.748   1.00 11.17 ? 100  LEU A O   1 
ATOM   778  C  CB  . LEU A 1 100 ? 1.077   3.529   4.406   1.00 10.88 ? 100  LEU A CB  1 
ATOM   779  C  CG  . LEU A 1 100 ? 1.469   2.150   4.966   1.00 10.68 ? 100  LEU A CG  1 
ATOM   780  C  CD1 . LEU A 1 100 ? 0.614   1.796   6.211   1.00 14.28 ? 100  LEU A CD1 1 
ATOM   781  C  CD2 . LEU A 1 100 ? 1.373   1.018   3.928   1.00 12.15 ? 100  LEU A CD2 1 
ATOM   782  N  N   . LEU A 1 101 ? 1.596   6.504   3.324   1.00 11.14 ? 101  LEU A N   1 
ATOM   783  C  CA  . LEU A 1 101 ? 0.905   7.758   3.028   1.00 12.34 ? 101  LEU A CA  1 
ATOM   784  C  C   . LEU A 1 101 ? 1.732   8.780   2.264   1.00 13.01 ? 101  LEU A C   1 
ATOM   785  O  O   . LEU A 1 101 ? 1.198   9.432   1.365   1.00 13.34 ? 101  LEU A O   1 
ATOM   786  C  CB  . LEU A 1 101 ? 0.332   8.392   4.307   1.00 12.28 ? 101  LEU A CB  1 
ATOM   787  C  CG  . LEU A 1 101 ? -0.729  7.600   5.070   1.00 13.21 ? 101  LEU A CG  1 
ATOM   788  C  CD1 . LEU A 1 101 ? -1.202  8.393   6.306   1.00 14.19 ? 101  LEU A CD1 1 
ATOM   789  C  CD2 . LEU A 1 101 ? -1.930  7.207   4.153   1.00 15.47 ? 101  LEU A CD2 1 
ATOM   790  N  N   . GLN A 1 102 ? 3.011   8.943   2.612   1.00 13.75 ? 102  GLN A N   1 
ATOM   791  C  CA  . GLN A 1 102 ? 3.827   9.983   1.936   1.00 14.65 ? 102  GLN A CA  1 
ATOM   792  C  C   . GLN A 1 102 ? 4.438   9.519   0.613   1.00 15.04 ? 102  GLN A C   1 
ATOM   793  O  O   . GLN A 1 102 ? 4.874   10.347  -0.200  1.00 15.61 ? 102  GLN A O   1 
ATOM   794  C  CB  . GLN A 1 102 ? 4.927   10.531  2.855   1.00 14.86 ? 102  GLN A CB  1 
ATOM   795  C  CG  . GLN A 1 102 ? 4.402   11.313  4.048   1.00 14.59 ? 102  GLN A CG  1 
ATOM   796  C  CD  . GLN A 1 102 ? 5.505   11.941  4.869   1.00 16.65 ? 102  GLN A CD  1 
ATOM   797  O  OE1 . GLN A 1 102 ? 6.624   11.427  4.936   1.00 22.66 ? 102  GLN A OE1 1 
ATOM   798  N  NE2 . GLN A 1 102 ? 5.193   13.063  5.507   1.00 20.82 ? 102  GLN A NE2 1 
ATOM   799  N  N   . THR A 1 103 ? 4.479   8.211   0.403   1.00 13.71 ? 103  THR A N   1 
ATOM   800  C  CA  . THR A 1 103 ? 5.053   7.661   -0.816  1.00 14.37 ? 103  THR A CA  1 
ATOM   801  C  C   . THR A 1 103 ? 3.950   7.415   -1.846  1.00 14.12 ? 103  THR A C   1 
ATOM   802  O  O   . THR A 1 103 ? 2.995   6.666   -1.593  1.00 13.80 ? 103  THR A O   1 
ATOM   803  C  CB  . THR A 1 103 ? 5.881   6.378   -0.548  1.00 13.99 ? 103  THR A CB  1 
ATOM   804  O  OG1 . THR A 1 103 ? 6.891   6.657   0.433   1.00 15.84 ? 103  THR A OG1 1 
ATOM   805  C  CG2 . THR A 1 103 ? 6.561   5.889   -1.838  1.00 14.02 ? 103  THR A CG2 1 
ATOM   806  N  N   . SER A 1 104 ? 4.086   8.069   -2.995  1.00 14.68 ? 104  SER A N   1 
ATOM   807  C  CA  . SER A 1 104 ? 3.131   7.909   -4.093  1.00 15.07 ? 104  SER A CA  1 
ATOM   808  C  C   . SER A 1 104 ? 3.782   7.408   -5.371  1.00 14.18 ? 104  SER A C   1 
ATOM   809  O  O   . SER A 1 104 ? 4.946   7.734   -5.670  1.00 14.05 ? 104  SER A O   1 
ATOM   810  C  CB  . SER A 1 104 ? 2.414   9.228   -4.387  1.00 16.03 ? 104  SER A CB  1 
ATOM   811  O  OG  . SER A 1 104 ? 1.358   9.456   -3.449  1.00 20.03 ? 104  SER A OG  1 
ATOM   812  N  N   . ILE A 1 105 ? 3.011   6.640   -6.132  1.00 12.98 ? 105  ILE A N   1 
ATOM   813  C  CA  . ILE A 1 105 ? 3.377   6.316   -7.510  1.00 12.99 ? 105  ILE A CA  1 
ATOM   814  C  C   . ILE A 1 105 ? 2.824   7.408   -8.427  1.00 12.80 ? 105  ILE A C   1 
ATOM   815  O  O   . ILE A 1 105 ? 1.615   7.570   -8.556  1.00 11.59 ? 105  ILE A O   1 
ATOM   816  C  CB  . ILE A 1 105 ? 2.833   4.951   -7.957  1.00 13.80 ? 105  ILE A CB  1 
ATOM   817  C  CG1 . ILE A 1 105 ? 3.289   3.851   -6.991  1.00 14.09 ? 105  ILE A CG1 1 
ATOM   818  C  CG2 . ILE A 1 105 ? 3.291   4.653   -9.394  1.00 12.08 ? 105  ILE A CG2 1 
ATOM   819  C  CD1 . ILE A 1 105 ? 2.590   2.497   -7.207  1.00 14.62 ? 105  ILE A CD1 1 
ATOM   820  N  N   . ALA A 1 106 ? 3.723   8.174   -9.035  1.00 13.10 ? 106  ALA A N   1 
ATOM   821  C  CA  . ALA A 1 106 ? 3.322   9.203   -9.991  1.00 13.03 ? 106  ALA A CA  1 
ATOM   822  C  C   . ALA A 1 106 ? 3.050   8.631   -11.374 1.00 13.40 ? 106  ALA A C   1 
ATOM   823  O  O   . ALA A 1 106 ? 2.162   9.100   -12.078 1.00 14.27 ? 106  ALA A O   1 
ATOM   824  C  CB  . ALA A 1 106 ? 4.381   10.286  -10.079 1.00 13.15 ? 106  ALA A CB  1 
ATOM   825  N  N   . GLU A 1 107 ? 3.832   7.635   -11.767 1.00 13.27 ? 107  GLU A N   1 
ATOM   826  C  CA  . GLU A 1 107 ? 3.719   7.040   -13.091 1.00 14.68 ? 107  GLU A CA  1 
ATOM   827  C  C   . GLU A 1 107 ? 4.097   5.579   -12.944 1.00 14.09 ? 107  GLU A C   1 
ATOM   828  O  O   . GLU A 1 107 ? 5.007   5.250   -12.194 1.00 14.52 ? 107  GLU A O   1 
ATOM   829  C  CB  . GLU A 1 107 ? 4.682   7.723   -14.063 1.00 15.55 ? 107  GLU A CB  1 
ATOM   830  C  CG  . GLU A 1 107 ? 4.080   7.973   -15.448 1.00 21.12 ? 107  GLU A CG  1 
ATOM   831  C  CD  . GLU A 1 107 ? 3.087   9.152   -15.474 1.00 25.13 ? 107  GLU A CD  1 
ATOM   832  O  OE1 . GLU A 1 107 ? 2.141   9.101   -16.269 1.00 29.37 ? 107  GLU A OE1 1 
ATOM   833  O  OE2 . GLU A 1 107 ? 3.250   10.126  -14.711 1.00 29.29 ? 107  GLU A OE2 1 
ATOM   834  N  N   . GLY A 1 108 ? 3.402   4.702   -13.649 1.00 13.94 ? 108  GLY A N   1 
ATOM   835  C  CA  . GLY A 1 108 ? 3.754   3.299   -13.557 1.00 13.98 ? 108  GLY A CA  1 
ATOM   836  C  C   . GLY A 1 108 ? 2.823   2.334   -14.233 1.00 14.31 ? 108  GLY A C   1 
ATOM   837  O  O   . GLY A 1 108 ? 1.919   2.724   -14.990 1.00 13.63 ? 108  GLY A O   1 
ATOM   838  N  N   . GLU A 1 109 ? 3.074   1.057   -13.952 1.00 14.08 ? 109  GLU A N   1 
ATOM   839  C  CA  . GLU A 1 109 ? 2.425   -0.033  -14.642 1.00 14.99 ? 109  GLU A CA  1 
ATOM   840  C  C   . GLU A 1 109 ? 2.298   -1.193  -13.665 1.00 14.04 ? 109  GLU A C   1 
ATOM   841  O  O   . GLU A 1 109 ? 3.226   -1.467  -12.900 1.00 14.38 ? 109  GLU A O   1 
ATOM   842  C  CB  . GLU A 1 109 ? 3.285   -0.465  -15.835 1.00 15.21 ? 109  GLU A CB  1 
ATOM   843  C  CG  . GLU A 1 109 ? 2.624   -1.453  -16.762 1.00 17.50 ? 109  GLU A CG  1 
ATOM   844  C  CD  . GLU A 1 109 ? 3.523   -1.887  -17.935 1.00 17.94 ? 109  GLU A CD  1 
ATOM   845  O  OE1 . GLU A 1 109 ? 4.145   -1.021  -18.585 1.00 20.21 ? 109  GLU A OE1 1 
ATOM   846  O  OE2 . GLU A 1 109 ? 3.581   -3.111  -18.199 1.00 23.32 ? 109  GLU A OE2 1 
ATOM   847  N  N   . MET A 1 110 ? 1.166   -1.878  -13.707 1.00 12.55 ? 110  MET A N   1 
ATOM   848  C  CA  . MET A 1 110 ? 0.965   -3.052  -12.870 1.00 12.63 ? 110  MET A CA  1 
ATOM   849  C  C   . MET A 1 110 ? 0.003   -4.009  -13.532 1.00 12.80 ? 110  MET A C   1 
ATOM   850  O  O   . MET A 1 110 ? -0.904  -3.585  -14.261 1.00 13.52 ? 110  MET A O   1 
ATOM   851  C  CB  . MET A 1 110 ? 0.449   -2.666  -11.471 1.00 12.49 ? 110  MET A CB  1 
ATOM   852  C  CG  . MET A 1 110 ? -0.951  -2.080  -11.441 1.00 12.67 ? 110  MET A CG  1 
ATOM   853  S  SD  . MET A 1 110 ? -0.966  -0.372  -11.990 1.00 13.84 ? 110  MET A SD  1 
ATOM   854  C  CE  . MET A 1 110 ? -2.500  0.255   -11.225 1.00 14.00 ? 110  MET A CE  1 
ATOM   855  N  N   . LYS A 1 111 ? 0.191   -5.298  -13.269 1.00 12.94 ? 111  LYS A N   1 
ATOM   856  C  CA  . LYS A 1 111 ? -0.607  -6.326  -13.931 1.00 13.54 ? 111  LYS A CA  1 
ATOM   857  C  C   . LYS A 1 111 ? -1.321  -7.308  -13.006 1.00 13.50 ? 111  LYS A C   1 
ATOM   858  O  O   . LYS A 1 111 ? -0.924  -7.533  -11.862 1.00 12.51 ? 111  LYS A O   1 
ATOM   859  C  CB  . LYS A 1 111 ? 0.231   -7.074  -14.971 1.00 13.88 ? 111  LYS A CB  1 
ATOM   860  C  CG  . LYS A 1 111 ? 1.250   -8.075  -14.437 1.00 15.90 ? 111  LYS A CG  1 
ATOM   861  C  CD  . LYS A 1 111 ? 1.805   -8.867  -15.614 1.00 20.46 ? 111  LYS A CD  1 
ATOM   862  C  CE  . LYS A 1 111 ? 2.809   -9.915  -15.157 1.00 24.60 ? 111  LYS A CE  1 
ATOM   863  N  NZ  . LYS A 1 111 ? 3.217   -10.776 -16.317 1.00 27.58 ? 111  LYS A NZ  1 
ATOM   864  N  N   . CYS A 1 112 ? -2.390  -7.910  -13.523 1.00 13.25 ? 112  CYS A N   1 
ATOM   865  C  CA  . CYS A 1 112 ? -3.078  -8.945  -12.778 1.00 13.43 ? 112  CYS A CA  1 
ATOM   866  C  C   . CYS A 1 112 ? -2.276  -10.245 -12.886 1.00 14.59 ? 112  CYS A C   1 
ATOM   867  O  O   . CYS A 1 112 ? -1.996  -10.720 -13.995 1.00 14.72 ? 112  CYS A O   1 
ATOM   868  C  CB  . CYS A 1 112 ? -4.494  -9.148  -13.307 1.00 14.34 ? 112  CYS A CB  1 
ATOM   869  S  SG  . CYS A 1 112 ? -5.330  -10.576 -12.571 1.00 13.08 ? 112  CYS A SG  1 
ATOM   870  N  N   . ARG A 1 113 ? -1.934  -10.826 -11.737 1.00 15.19 ? 113  ARG A N   1 
ATOM   871  C  CA  . ARG A 1 113 ? -1.170  -12.084 -11.695 1.00 16.33 ? 113  ARG A CA  1 
ATOM   872  C  C   . ARG A 1 113 ? -1.958  -13.287 -12.244 1.00 16.75 ? 113  ARG A C   1 
ATOM   873  O  O   . ARG A 1 113 ? -1.357  -14.283 -12.650 1.00 17.03 ? 113  ARG A O   1 
ATOM   874  C  CB  . ARG A 1 113 ? -0.662  -12.383 -10.268 1.00 16.76 ? 113  ARG A CB  1 
ATOM   875  C  CG  . ARG A 1 113 ? 0.419   -11.414 -9.736  1.00 18.36 ? 113  ARG A CG  1 
ATOM   876  C  CD  . ARG A 1 113 ? 0.541   -11.510 -8.182  1.00 18.29 ? 113  ARG A CD  1 
ATOM   877  N  NE  . ARG A 1 113 ? 0.834   -10.227 -7.534  1.00 23.71 ? 113  ARG A NE  1 
ATOM   878  C  CZ  . ARG A 1 113 ? 2.059   -9.803  -7.212  1.00 23.96 ? 113  ARG A CZ  1 
ATOM   879  N  NH1 . ARG A 1 113 ? 3.123   -10.562 -7.469  1.00 25.73 ? 113  ARG A NH1 1 
ATOM   880  N  NH2 . ARG A 1 113 ? 2.228   -8.616  -6.640  1.00 21.60 ? 113  ARG A NH2 1 
ATOM   881  N  N   . ASN A 1 114 ? -3.288  -13.192 -12.237 1.00 16.61 ? 114  ASN A N   1 
ATOM   882  C  CA  . ASN A 1 114 ? -4.142  -14.252 -12.773 1.00 17.18 ? 114  ASN A CA  1 
ATOM   883  C  C   . ASN A 1 114 ? -4.329  -14.245 -14.289 1.00 16.84 ? 114  ASN A C   1 
ATOM   884  O  O   . ASN A 1 114 ? -4.302  -15.301 -14.919 1.00 18.94 ? 114  ASN A O   1 
ATOM   885  C  CB  . ASN A 1 114 ? -5.512  -14.232 -12.099 1.00 16.35 ? 114  ASN A CB  1 
ATOM   886  C  CG  . ASN A 1 114 ? -6.351  -15.447 -12.455 1.00 18.55 ? 114  ASN A CG  1 
ATOM   887  O  OD1 . ASN A 1 114 ? -5.887  -16.592 -12.348 1.00 19.56 ? 114  ASN A OD1 1 
ATOM   888  N  ND2 . ASN A 1 114 ? -7.573  -15.206 -12.921 1.00 17.26 ? 114  ASN A ND2 1 
ATOM   889  N  N   . CYS A 1 115 ? -4.558  -13.069 -14.867 1.00 16.49 ? 115  CYS A N   1 
ATOM   890  C  CA  . CYS A 1 115 ? -4.952  -12.975 -16.286 1.00 14.73 ? 115  CYS A CA  1 
ATOM   891  C  C   . CYS A 1 115 ? -3.962  -12.155 -17.117 1.00 14.25 ? 115  CYS A C   1 
ATOM   892  O  O   . CYS A 1 115 ? -4.053  -12.106 -18.360 1.00 14.62 ? 115  CYS A O   1 
ATOM   893  C  CB  . CYS A 1 115 ? -6.374  -12.411 -16.410 1.00 14.79 ? 115  CYS A CB  1 
ATOM   894  S  SG  . CYS A 1 115 ? -6.514  -10.611 -16.231 1.00 13.90 ? 115  CYS A SG  1 
ATOM   895  N  N   . GLY A 1 116 ? -3.017  -11.507 -16.438 1.00 13.42 ? 116  GLY A N   1 
ATOM   896  C  CA  . GLY A 1 116 ? -1.985  -10.737 -17.115 1.00 12.95 ? 116  GLY A CA  1 
ATOM   897  C  C   . GLY A 1 116 ? -2.431  -9.370  -17.621 1.00 12.81 ? 116  GLY A C   1 
ATOM   898  O  O   . GLY A 1 116 ? -1.652  -8.698  -18.281 1.00 14.43 ? 116  GLY A O   1 
ATOM   899  N  N   . HIS A 1 117 ? -3.677  -8.956  -17.328 1.00 12.75 ? 117  HIS A N   1 
ATOM   900  C  CA  . HIS A 1 117 ? -4.175  -7.621  -17.745 1.00 12.68 ? 117  HIS A CA  1 
ATOM   901  C  C   . HIS A 1 117 ? -3.237  -6.518  -17.248 1.00 12.10 ? 117  HIS A C   1 
ATOM   902  O  O   . HIS A 1 117 ? -2.955  -6.447  -16.046 1.00 11.75 ? 117  HIS A O   1 
ATOM   903  C  CB  . HIS A 1 117 ? -5.589  -7.346  -17.211 1.00 13.52 ? 117  HIS A CB  1 
ATOM   904  C  CG  . HIS A 1 117 ? -6.249  -6.141  -17.823 1.00 14.18 ? 117  HIS A CG  1 
ATOM   905  N  ND1 . HIS A 1 117 ? -7.272  -6.240  -18.745 1.00 16.81 ? 117  HIS A ND1 1 
ATOM   906  C  CD2 . HIS A 1 117 ? -6.025  -4.817  -17.651 1.00 15.66 ? 117  HIS A CD2 1 
ATOM   907  C  CE1 . HIS A 1 117 ? -7.651  -5.025  -19.108 1.00 17.74 ? 117  HIS A CE1 1 
ATOM   908  N  NE2 . HIS A 1 117 ? -6.910  -4.145  -18.458 1.00 16.57 ? 117  HIS A NE2 1 
ATOM   909  N  N   . ILE A 1 118 ? -2.786  -5.655  -18.153 1.00 12.35 ? 118  ILE A N   1 
ATOM   910  C  CA  . ILE A 1 118 ? -1.900  -4.562  -17.761 1.00 13.42 ? 118  ILE A CA  1 
ATOM   911  C  C   . ILE A 1 118 ? -2.646  -3.249  -17.497 1.00 12.57 ? 118  ILE A C   1 
ATOM   912  O  O   . ILE A 1 118 ? -3.338  -2.712  -18.370 1.00 13.57 ? 118  ILE A O   1 
ATOM   913  C  CB  . ILE A 1 118 ? -0.756  -4.342  -18.769 1.00 13.01 ? 118  ILE A CB  1 
ATOM   914  C  CG1 . ILE A 1 118 ? 0.014   -5.661  -18.981 1.00 15.18 ? 118  ILE A CG1 1 
ATOM   915  C  CG2 . ILE A 1 118 ? 0.140   -3.194  -18.298 1.00 13.28 ? 118  ILE A CG2 1 
ATOM   916  C  CD1 . ILE A 1 118 ? 0.959   -5.693  -20.196 1.00 15.12 ? 118  ILE A CD1 1 
ATOM   917  N  N   . TYR A 1 119 ? -2.476  -2.736  -16.281 1.00 12.10 ? 119  TYR A N   1 
ATOM   918  C  CA  . TYR A 1 119 ? -3.022  -1.438  -15.890 1.00 10.65 ? 119  TYR A CA  1 
ATOM   919  C  C   . TYR A 1 119 ? -1.928  -0.375  -15.810 1.00 10.62 ? 119  TYR A C   1 
ATOM   920  O  O   . TYR A 1 119 ? -0.752  -0.715  -15.722 1.00 11.97 ? 119  TYR A O   1 
ATOM   921  C  CB  . TYR A 1 119 ? -3.709  -1.564  -14.528 1.00 9.96  ? 119  TYR A CB  1 
ATOM   922  C  CG  . TYR A 1 119 ? -4.830  -2.593  -14.523 1.00 10.17 ? 119  TYR A CG  1 
ATOM   923  C  CD1 . TYR A 1 119 ? -6.091  -2.270  -15.006 1.00 10.03 ? 119  TYR A CD1 1 
ATOM   924  C  CD2 . TYR A 1 119 ? -4.610  -3.894  -14.038 1.00 8.55  ? 119  TYR A CD2 1 
ATOM   925  C  CE1 . TYR A 1 119 ? -7.126  -3.212  -15.000 1.00 10.19 ? 119  TYR A CE1 1 
ATOM   926  C  CE2 . TYR A 1 119 ? -5.644  -4.852  -14.026 1.00 10.59 ? 119  TYR A CE2 1 
ATOM   927  C  CZ  . TYR A 1 119 ? -6.908  -4.486  -14.522 1.00 10.79 ? 119  TYR A CZ  1 
ATOM   928  O  OH  . TYR A 1 119 ? -7.963  -5.403  -14.522 1.00 11.91 ? 119  TYR A OH  1 
ATOM   929  N  N   . TYR A 1 120 ? -2.334  0.896   -15.816 1.00 11.27 ? 120  TYR A N   1 
ATOM   930  C  CA  . TYR A 1 120 ? -1.402  2.041   -15.783 1.00 11.84 ? 120  TYR A CA  1 
ATOM   931  C  C   . TYR A 1 120 ? -1.758  3.082   -14.735 1.00 12.34 ? 120  TYR A C   1 
ATOM   932  O  O   . TYR A 1 120 ? -2.928  3.236   -14.347 1.00 13.10 ? 120  TYR A O   1 
ATOM   933  C  CB  . TYR A 1 120 ? -1.318  2.714   -17.171 1.00 12.89 ? 120  TYR A CB  1 
ATOM   934  C  CG  . TYR A 1 120 ? -0.880  1.740   -18.233 1.00 12.51 ? 120  TYR A CG  1 
ATOM   935  C  CD1 . TYR A 1 120 ? 0.468   1.450   -18.418 1.00 12.86 ? 120  TYR A CD1 1 
ATOM   936  C  CD2 . TYR A 1 120 ? -1.810  1.097   -19.041 1.00 13.17 ? 120  TYR A CD2 1 
ATOM   937  C  CE1 . TYR A 1 120 ? 0.884   0.538   -19.359 1.00 15.27 ? 120  TYR A CE1 1 
ATOM   938  C  CE2 . TYR A 1 120 ? -1.402  0.176   -19.998 1.00 14.66 ? 120  TYR A CE2 1 
ATOM   939  C  CZ  . TYR A 1 120 ? -0.050  -0.093  -20.146 1.00 14.96 ? 120  TYR A CZ  1 
ATOM   940  O  OH  . TYR A 1 120 ? 0.357   -0.996  -21.093 1.00 16.51 ? 120  TYR A OH  1 
ATOM   941  N  N   . ILE A 1 121 ? -0.729  3.771   -14.248 1.00 11.44 ? 121  ILE A N   1 
ATOM   942  C  CA  . ILE A 1 121 ? -0.890  4.925   -13.396 1.00 11.90 ? 121  ILE A CA  1 
ATOM   943  C  C   . ILE A 1 121 ? -0.267  6.095   -14.149 1.00 12.05 ? 121  ILE A C   1 
ATOM   944  O  O   . ILE A 1 121 ? 0.895   6.026   -14.568 1.00 11.66 ? 121  ILE A O   1 
ATOM   945  C  CB  . ILE A 1 121 ? -0.212  4.726   -12.026 1.00 11.65 ? 121  ILE A CB  1 
ATOM   946  C  CG1 . ILE A 1 121 ? -0.927  3.643   -11.218 1.00 11.44 ? 121  ILE A CG1 1 
ATOM   947  C  CG2 . ILE A 1 121 ? -0.194  6.019   -11.213 1.00 11.89 ? 121  ILE A CG2 1 
ATOM   948  C  CD1 . ILE A 1 121 ? -0.005  2.942   -10.227 1.00 10.54 ? 121  ILE A CD1 1 
ATOM   949  N  N   . LYS A 1 122 ? -1.069  7.146   -14.339 1.00 12.19 ? 122  LYS A N   1 
ATOM   950  C  CA  . LYS A 1 122 ? -0.646  8.330   -15.076 1.00 14.01 ? 122  LYS A CA  1 
ATOM   951  C  C   . LYS A 1 122 ? -0.953  9.569   -14.238 1.00 13.02 ? 122  LYS A C   1 
ATOM   952  O  O   . LYS A 1 122 ? -2.081  9.748   -13.777 1.00 12.81 ? 122  LYS A O   1 
ATOM   953  C  CB  . LYS A 1 122 ? -1.343  8.419   -16.443 1.00 14.25 ? 122  LYS A CB  1 
ATOM   954  C  CG  . LYS A 1 122 ? -0.797  9.544   -17.311 1.00 17.73 ? 122  LYS A CG  1 
ATOM   955  C  CD  . LYS A 1 122 ? -1.693  9.885   -18.506 1.00 18.23 ? 122  LYS A CD  1 
ATOM   956  C  CE  . LYS A 1 122 ? -0.905  10.668  -19.548 1.00 24.26 ? 122  LYS A CE  1 
ATOM   957  N  NZ  . LYS A 1 122 ? 0.333   9.910   -19.917 1.00 28.52 ? 122  LYS A NZ  1 
ATOM   958  N  N   . ASN A 1 123 ? 0.075   10.389  -14.023 1.00 12.98 ? 123  ASN A N   1 
ATOM   959  C  CA  . ASN A 1 123 ? -0.033  11.564  -13.158 1.00 14.06 ? 123  ASN A CA  1 
ATOM   960  C  C   . ASN A 1 123 ? -0.694  11.212  -11.822 1.00 13.54 ? 123  ASN A C   1 
ATOM   961  O  O   . ASN A 1 123 ? -1.566  11.951  -11.317 1.00 13.64 ? 123  ASN A O   1 
ATOM   962  C  CB  . ASN A 1 123 ? -0.794  12.687  -13.883 1.00 13.84 ? 123  ASN A CB  1 
ATOM   963  C  CG  . ASN A 1 123 ? -0.221  12.986  -15.261 1.00 18.67 ? 123  ASN A CG  1 
ATOM   964  O  OD1 . ASN A 1 123 ? -0.886  12.793  -16.284 1.00 23.62 ? 123  ASN A OD1 1 
ATOM   965  N  ND2 . ASN A 1 123 ? 1.024   13.431  -15.294 1.00 21.57 ? 123  ASN A ND2 1 
ATOM   966  N  N   . GLY A 1 124 ? -0.296  10.060  -11.272 1.00 12.90 ? 124  GLY A N   1 
ATOM   967  C  CA  . GLY A 1 124 ? -0.756  9.611   -9.953  1.00 13.24 ? 124  GLY A CA  1 
ATOM   968  C  C   . GLY A 1 124 ? -2.106  8.913   -9.970  1.00 13.73 ? 124  GLY A C   1 
ATOM   969  O  O   . GLY A 1 124 ? -2.579  8.465   -8.926  1.00 14.42 ? 124  GLY A O   1 
ATOM   970  N  N   . ILE A 1 125 ? -2.712  8.795   -11.154 1.00 13.24 ? 125  ILE A N   1 
ATOM   971  C  CA  . ILE A 1 125 ? -4.080  8.254   -11.293 1.00 14.35 ? 125  ILE A CA  1 
ATOM   972  C  C   . ILE A 1 125 ? -4.109  6.901   -12.007 1.00 13.97 ? 125  ILE A C   1 
ATOM   973  O  O   . ILE A 1 125 ? -3.711  6.811   -13.171 1.00 13.60 ? 125  ILE A O   1 
ATOM   974  C  CB  . ILE A 1 125 ? -5.055  9.254   -12.033 1.00 14.05 ? 125  ILE A CB  1 
ATOM   975  C  CG1 . ILE A 1 125 ? -5.077  10.624  -11.334 1.00 15.76 ? 125  ILE A CG1 1 
ATOM   976  C  CG2 . ILE A 1 125 ? -6.467  8.664   -12.074 1.00 16.22 ? 125  ILE A CG2 1 
ATOM   977  C  CD1 . ILE A 1 125 ? -5.631  11.779  -12.194 1.00 15.73 ? 125  ILE A CD1 1 
ATOM   978  N  N   . PRO A 1 126 ? -4.620  5.849   -11.324 1.00 13.92 ? 126  PRO A N   1 
ATOM   979  C  CA  . PRO A 1 126 ? -4.711  4.530   -11.951 1.00 13.55 ? 126  PRO A CA  1 
ATOM   980  C  C   . PRO A 1 126 ? -5.879  4.468   -12.952 1.00 13.75 ? 126  PRO A C   1 
ATOM   981  O  O   . PRO A 1 126 ? -6.866  5.200   -12.808 1.00 13.61 ? 126  PRO A O   1 
ATOM   982  C  CB  . PRO A 1 126 ? -4.968  3.598   -10.758 1.00 14.15 ? 126  PRO A CB  1 
ATOM   983  C  CG  . PRO A 1 126 ? -5.731  4.459   -9.791  1.00 13.65 ? 126  PRO A CG  1 
ATOM   984  C  CD  . PRO A 1 126 ? -5.165  5.849   -9.950  1.00 14.20 ? 126  PRO A CD  1 
ATOM   985  N  N   . ASN A 1 127 ? -5.770  3.613   -13.962 1.00 13.56 ? 127  ASN A N   1 
ATOM   986  C  CA  . ASN A 1 127 ? -6.843  3.508   -14.945 1.00 14.22 ? 127  ASN A CA  1 
ATOM   987  C  C   . ASN A 1 127 ? -7.798  2.357   -14.616 1.00 14.43 ? 127  ASN A C   1 
ATOM   988  O  O   . ASN A 1 127 ? -8.477  1.831   -15.499 1.00 15.54 ? 127  ASN A O   1 
ATOM   989  C  CB  . ASN A 1 127 ? -6.281  3.426   -16.374 1.00 13.70 ? 127  ASN A CB  1 
ATOM   990  C  CG  . ASN A 1 127 ? -5.651  2.076   -16.687 1.00 13.94 ? 127  ASN A CG  1 
ATOM   991  O  OD1 . ASN A 1 127 ? -5.247  1.346   -15.794 1.00 11.95 ? 127  ASN A OD1 1 
ATOM   992  N  ND2 . ASN A 1 127 ? -5.577  1.747   -17.973 1.00 13.95 ? 127  ASN A ND2 1 
ATOM   993  N  N   . LEU A 1 128 ? -7.828  2.014   -13.326 1.00 15.79 ? 128  LEU A N   1 
ATOM   994  C  CA  . LEU A 1 128 ? -8.654  0.972   -12.697 1.00 16.53 ? 128  LEU A CA  1 
ATOM   995  C  C   . LEU A 1 128 ? -9.492  1.694   -11.612 1.00 16.42 ? 128  LEU A C   1 
ATOM   996  O  O   . LEU A 1 128 ? -8.976  2.564   -10.922 1.00 16.59 ? 128  LEU A O   1 
ATOM   997  C  CB  . LEU A 1 128 ? -7.702  -0.076  -12.065 1.00 17.28 ? 128  LEU A CB  1 
ATOM   998  C  CG  . LEU A 1 128 ? -8.079  -1.379  -11.382 1.00 16.84 ? 128  LEU A CG  1 
ATOM   999  C  CD1 . LEU A 1 128 ? -9.047  -2.146  -12.242 1.00 22.30 ? 128  LEU A CD1 1 
ATOM   1000 C  CD2 . LEU A 1 128 ? -6.892  -2.261  -11.062 1.00 18.30 ? 128  LEU A CD2 1 
ATOM   1001 N  N   . LEU A 1 129 ? -10.774 1.357   -11.451 1.00 17.15 ? 129  LEU A N   1 
ATOM   1002 C  CA  . LEU A 1 129 ? -11.641 2.133   -10.536 1.00 18.45 ? 129  LEU A CA  1 
ATOM   1003 C  C   . LEU A 1 129 ? -11.198 2.085   -9.068  1.00 19.51 ? 129  LEU A C   1 
ATOM   1004 O  O   . LEU A 1 129 ? -11.048 1.010   -8.493  1.00 19.50 ? 129  LEU A O   1 
ATOM   1005 C  CB  . LEU A 1 129 ? -13.105 1.691   -10.666 1.00 17.95 ? 129  LEU A CB  1 
ATOM   1006 C  CG  . LEU A 1 129 ? -14.187 2.629   -10.136 1.00 19.40 ? 129  LEU A CG  1 
ATOM   1007 C  CD1 . LEU A 1 129 ? -14.104 4.019   -10.784 1.00 17.64 ? 129  LEU A CD1 1 
ATOM   1008 C  CD2 . LEU A 1 129 ? -15.566 1.997   -10.370 1.00 18.99 ? 129  LEU A CD2 1 
ATOM   1009 N  N   . LEU A 1 130 ? -10.983 3.257   -8.468  1.00 21.13 ? 130  LEU A N   1 
ATOM   1010 C  CA  . LEU A 1 130 ? -10.642 3.341   -7.047  1.00 22.21 ? 130  LEU A CA  1 
ATOM   1011 C  C   . LEU A 1 130 ? -11.871 3.077   -6.162  1.00 23.47 ? 130  LEU A C   1 
ATOM   1012 O  O   . LEU A 1 130 ? -12.943 3.638   -6.418  1.00 24.16 ? 130  LEU A O   1 
ATOM   1013 C  CB  . LEU A 1 130 ? -10.048 4.709   -6.716  1.00 21.76 ? 130  LEU A CB  1 
ATOM   1014 C  CG  . LEU A 1 130 ? -8.674  5.047   -7.312  1.00 22.56 ? 130  LEU A CG  1 
ATOM   1015 C  CD1 . LEU A 1 130 ? -8.411  6.527   -7.239  1.00 22.55 ? 130  LEU A CD1 1 
ATOM   1016 C  CD2 . LEU A 1 130 ? -7.581  4.279   -6.598  1.00 23.03 ? 130  LEU A CD2 1 
ATOM   1017 N  N   . PRO A 1 131 ? -11.726 2.220   -5.127  1.00 24.60 ? 131  PRO A N   1 
ATOM   1018 C  CA  . PRO A 1 131 ? -12.858 2.011   -4.188  1.00 25.12 ? 131  PRO A CA  1 
ATOM   1019 C  C   . PRO A 1 131 ? -13.160 3.259   -3.336  1.00 25.57 ? 131  PRO A C   1 
ATOM   1020 O  O   . PRO A 1 131 ? -12.234 3.989   -2.978  1.00 25.65 ? 131  PRO A O   1 
ATOM   1021 C  CB  . PRO A 1 131 ? -12.394 0.836   -3.311  1.00 25.12 ? 131  PRO A CB  1 
ATOM   1022 C  CG  . PRO A 1 131 ? -10.893 0.770   -3.470  1.00 25.29 ? 131  PRO A CG  1 
ATOM   1023 C  CD  . PRO A 1 131 ? -10.542 1.395   -4.797  1.00 24.50 ? 131  PRO A CD  1 
ATOM   1024 N  N   . PRO A 1 132 ? -14.449 3.500   -3.000  1.00 25.91 ? 132  PRO A N   1 
ATOM   1025 C  CA  . PRO A 1 132 ? -14.809 4.722   -2.251  1.00 26.12 ? 132  PRO A CA  1 
ATOM   1026 C  C   . PRO A 1 132 ? -14.334 4.689   -0.796  1.00 25.82 ? 132  PRO A C   1 
ATOM   1027 O  O   . PRO A 1 132 ? -14.279 5.729   -0.114  1.00 25.67 ? 132  PRO A O   1 
ATOM   1028 C  CB  . PRO A 1 132 ? -16.341 4.755   -2.331  1.00 26.18 ? 132  PRO A CB  1 
ATOM   1029 C  CG  . PRO A 1 132 ? -16.750 3.346   -2.553  1.00 26.36 ? 132  PRO A CG  1 
ATOM   1030 C  CD  . PRO A 1 132 ? -15.627 2.656   -3.285  1.00 26.08 ? 132  PRO A CD  1 
ATOM   1031 N  N   . HIS A 1 133 ? -13.974 3.497   -0.339  1.00 25.06 ? 133  HIS A N   1 
ATOM   1032 C  CA  . HIS A 1 133 ? -13.441 3.310   1.001   1.00 24.75 ? 133  HIS A CA  1 
ATOM   1033 C  C   . HIS A 1 133 ? -12.556 2.063   1.010   1.00 24.40 ? 133  HIS A C   1 
ATOM   1034 O  O   . HIS A 1 133 ? -12.689 1.189   0.139   1.00 24.34 ? 133  HIS A O   1 
ATOM   1035 C  CB  . HIS A 1 133 ? -14.577 3.228   2.033   1.00 24.79 ? 133  HIS A CB  1 
ATOM   1036 C  CG  . HIS A 1 133 ? -15.461 2.025   1.885   1.00 25.95 ? 133  HIS A CG  1 
ATOM   1037 N  ND1 . HIS A 1 133 ? -15.947 1.328   2.971   1.00 27.96 ? 133  HIS A ND1 1 
ATOM   1038 C  CD2 . HIS A 1 133 ? -15.935 1.390   0.787   1.00 26.99 ? 133  HIS A CD2 1 
ATOM   1039 C  CE1 . HIS A 1 133 ? -16.685 0.316   2.546   1.00 28.26 ? 133  HIS A CE1 1 
ATOM   1040 N  NE2 . HIS A 1 133 ? -16.695 0.331   1.225   1.00 27.79 ? 133  HIS A NE2 1 
ATOM   1041 N  N   . LEU A 1 134 ? -11.661 1.986   1.988   1.00 23.92 ? 134  LEU A N   1 
ATOM   1042 C  CA  . LEU A 1 134 ? -10.648 0.942   2.021   1.00 23.41 ? 134  LEU A CA  1 
ATOM   1043 C  C   . LEU A 1 134 ? -10.956 -0.050  3.129   1.00 23.68 ? 134  LEU A C   1 
ATOM   1044 O  O   . LEU A 1 134 ? -10.904 0.293   4.305   1.00 23.63 ? 134  LEU A O   1 
ATOM   1045 C  CB  . LEU A 1 134 ? -9.252  1.552   2.215   1.00 23.88 ? 134  LEU A CB  1 
ATOM   1046 C  CG  . LEU A 1 134 ? -8.855  2.699   1.277   1.00 22.93 ? 134  LEU A CG  1 
ATOM   1047 C  CD1 . LEU A 1 134 ? -7.587  3.411   1.758   1.00 24.24 ? 134  LEU A CD1 1 
ATOM   1048 C  CD2 . LEU A 1 134 ? -8.693  2.222   -0.168  1.00 23.90 ? 134  LEU A CD2 1 
ATOM   1049 N  N   . VAL A 1 135 ? -11.294 -1.272  2.744   1.00 22.97 ? 135  VAL A N   1 
ATOM   1050 C  CA  . VAL A 1 135 ? -11.569 -2.334  3.712   1.00 23.47 ? 135  VAL A CA  1 
ATOM   1051 C  C   . VAL A 1 135 ? -11.263 -3.707  3.096   1.00 23.06 ? 135  VAL A C   1 
ATOM   1052 O  O   . VAL A 1 135 ? -11.392 -3.889  1.878   1.00 22.32 ? 135  VAL A O   1 
ATOM   1053 C  CB  . VAL A 1 135 ? -13.044 -2.254  4.254   1.00 23.60 ? 135  VAL A CB  1 
ATOM   1054 C  CG1 . VAL A 1 135 ? -14.051 -2.711  3.200   1.00 24.94 ? 135  VAL A CG1 1 
ATOM   1055 C  CG2 . VAL A 1 135 ? -13.205 -3.037  5.589   1.00 24.18 ? 135  VAL A CG2 1 
ATOM   1056 N  N   . HIS A 1 136 ? -10.821 -4.645  3.938   1.00 23.01 ? 136  HIS A N   1 
ATOM   1057 C  CA  . HIS A 1 136 ? -10.659 -6.052  3.556   1.00 22.88 ? 136  HIS A CA  1 
ATOM   1058 C  C   . HIS A 1 136 ? -11.708 -6.913  4.267   1.00 23.67 ? 136  HIS A C   1 
ATOM   1059 O  O   . HIS A 1 136 ? -11.916 -6.751  5.474   1.00 24.74 ? 136  HIS A O   1 
ATOM   1060 C  CB  . HIS A 1 136 ? -9.256  -6.569  3.894   1.00 22.52 ? 136  HIS A CB  1 
ATOM   1061 C  CG  . HIS A 1 136 ? -8.174  -6.011  3.020   1.00 20.25 ? 136  HIS A CG  1 
ATOM   1062 N  ND1 . HIS A 1 136 ? -8.131  -6.238  1.662   1.00 19.78 ? 136  HIS A ND1 1 
ATOM   1063 C  CD2 . HIS A 1 136 ? -7.097  -5.240  3.308   1.00 18.88 ? 136  HIS A CD2 1 
ATOM   1064 C  CE1 . HIS A 1 136 ? -7.075  -5.631  1.148   1.00 17.91 ? 136  HIS A CE1 1 
ATOM   1065 N  NE2 . HIS A 1 136 ? -6.440  -5.004  2.121   1.00 15.13 ? 136  HIS A NE2 1 
HETATM 1066 C  C1  . EDO B 2 .   ? -1.774  10.869  -4.427  1.00 27.39 ? 1137 EDO A C1  1 
HETATM 1067 O  O1  . EDO B 2 .   ? -0.688  10.269  -5.141  1.00 27.25 ? 1137 EDO A O1  1 
HETATM 1068 C  C2  . EDO B 2 .   ? -3.062  10.231  -4.925  1.00 28.28 ? 1137 EDO A C2  1 
HETATM 1069 O  O2  . EDO B 2 .   ? -3.673  9.519   -3.840  1.00 30.79 ? 1137 EDO A O2  1 
HETATM 1070 ZN ZN  . ZN  C 3 .   ? -7.224  -10.467 -13.969 1.00 14.40 ? 1138 ZN  A ZN  1 
HETATM 1071 O  O   . HOH D 4 .   ? -5.232  6.094   -0.238  1.00 36.35 ? 2001 HOH A O   1 
HETATM 1072 O  O   . HOH D 4 .   ? -0.017  -3.351  -0.719  1.00 8.60  ? 2002 HOH A O   1 
HETATM 1073 O  O   . HOH D 4 .   ? -13.542 -17.344 -16.264 1.00 28.43 ? 2003 HOH A O   1 
HETATM 1074 O  O   . HOH D 4 .   ? -10.894 -2.827  -2.310  1.00 24.38 ? 2004 HOH A O   1 
HETATM 1075 O  O   . HOH D 4 .   ? -8.940  -5.586  -2.527  1.00 28.06 ? 2005 HOH A O   1 
HETATM 1076 O  O   . HOH D 4 .   ? 0.806   -12.062 -3.512  1.00 26.63 ? 2006 HOH A O   1 
HETATM 1077 O  O   . HOH D 4 .   ? -2.791  -3.954  -5.969  1.00 11.51 ? 2007 HOH A O   1 
HETATM 1078 O  O   . HOH D 4 .   ? -10.146 -2.898  -6.469  1.00 21.84 ? 2008 HOH A O   1 
HETATM 1079 O  O   . HOH D 4 .   ? -10.916 -3.438  -9.590  1.00 21.86 ? 2009 HOH A O   1 
HETATM 1080 O  O   . HOH D 4 .   ? -9.835  -4.718  -17.065 1.00 34.08 ? 2010 HOH A O   1 
HETATM 1081 O  O   . HOH D 4 .   ? 9.205   3.509   -18.198 1.00 35.88 ? 2011 HOH A O   1 
HETATM 1082 O  O   . HOH D 4 .   ? -14.427 -16.900 -13.033 1.00 38.12 ? 2012 HOH A O   1 
HETATM 1083 O  O   . HOH D 4 .   ? -10.834 -9.665  -9.895  1.00 25.05 ? 2013 HOH A O   1 
HETATM 1084 O  O   . HOH D 4 .   ? -13.140 -7.498  -10.250 1.00 33.97 ? 2014 HOH A O   1 
HETATM 1085 O  O   . HOH D 4 .   ? -15.538 -15.139 -11.156 1.00 41.57 ? 2015 HOH A O   1 
HETATM 1086 O  O   . HOH D 4 .   ? -9.875  -13.648 -5.069  1.00 17.25 ? 2016 HOH A O   1 
HETATM 1087 O  O   . HOH D 4 .   ? -3.253  -1.457  16.992  1.00 33.10 ? 2017 HOH A O   1 
HETATM 1088 O  O   . HOH D 4 .   ? -1.813  -13.782 -4.587  1.00 29.29 ? 2018 HOH A O   1 
HETATM 1089 O  O   . HOH D 4 .   ? -4.408  -13.039 -2.896  1.00 22.86 ? 2019 HOH A O   1 
HETATM 1090 O  O   . HOH D 4 .   ? -0.334  -14.297 -7.449  1.00 43.84 ? 2020 HOH A O   1 
HETATM 1091 O  O   . HOH D 4 .   ? 2.474   -13.437 0.120   1.00 33.38 ? 2021 HOH A O   1 
HETATM 1092 O  O   . HOH D 4 .   ? 3.781   -12.440 3.989   1.00 17.38 ? 2022 HOH A O   1 
HETATM 1093 O  O   . HOH D 4 .   ? 8.373   -10.497 -1.964  1.00 30.85 ? 2023 HOH A O   1 
HETATM 1094 O  O   . HOH D 4 .   ? -1.424  -11.805 -6.301  1.00 36.78 ? 2024 HOH A O   1 
HETATM 1095 O  O   . HOH D 4 .   ? -3.017  -9.700  -9.270  1.00 13.59 ? 2025 HOH A O   1 
HETATM 1096 O  O   . HOH D 4 .   ? 10.839  -7.483  -7.482  1.00 15.69 ? 2026 HOH A O   1 
HETATM 1097 O  O   . HOH D 4 .   ? 11.761  -10.118 -3.637  1.00 27.82 ? 2027 HOH A O   1 
HETATM 1098 O  O   . HOH D 4 .   ? 6.691   -7.244  -12.898 1.00 29.53 ? 2028 HOH A O   1 
HETATM 1099 O  O   . HOH D 4 .   ? 4.219   -5.859  -13.791 1.00 20.60 ? 2029 HOH A O   1 
HETATM 1100 O  O   . HOH D 4 .   ? 19.993  -2.799  -0.582  1.00 25.28 ? 2030 HOH A O   1 
HETATM 1101 O  O   . HOH D 4 .   ? 7.622   -6.573  -10.401 1.00 19.71 ? 2031 HOH A O   1 
HETATM 1102 O  O   . HOH D 4 .   ? 7.945   -12.206 4.558   1.00 34.58 ? 2032 HOH A O   1 
HETATM 1103 O  O   . HOH D 4 .   ? 7.929   -4.354  14.210  1.00 18.61 ? 2033 HOH A O   1 
HETATM 1104 O  O   . HOH D 4 .   ? 1.275   -11.298 7.785   1.00 24.02 ? 2034 HOH A O   1 
HETATM 1105 O  O   . HOH D 4 .   ? -1.443  -7.523  14.375  1.00 35.50 ? 2035 HOH A O   1 
HETATM 1106 O  O   . HOH D 4 .   ? 10.825  -4.745  -12.883 1.00 21.17 ? 2036 HOH A O   1 
HETATM 1107 O  O   . HOH D 4 .   ? 5.798   -4.351  -17.239 1.00 34.16 ? 2037 HOH A O   1 
HETATM 1108 O  O   . HOH D 4 .   ? 6.569   -3.915  16.920  1.00 36.25 ? 2038 HOH A O   1 
HETATM 1109 O  O   . HOH D 4 .   ? 9.875   -4.913  -10.184 1.00 16.67 ? 2039 HOH A O   1 
HETATM 1110 O  O   . HOH D 4 .   ? 9.881   1.611   -8.480  1.00 20.74 ? 2040 HOH A O   1 
HETATM 1111 O  O   . HOH D 4 .   ? 11.839  2.818   -11.309 1.00 23.68 ? 2041 HOH A O   1 
HETATM 1112 O  O   . HOH D 4 .   ? 11.381  -1.138  -17.838 1.00 21.66 ? 2042 HOH A O   1 
HETATM 1113 O  O   . HOH D 4 .   ? 13.961  2.527   -13.851 1.00 10.59 ? 2043 HOH A O   1 
HETATM 1114 O  O   . HOH D 4 .   ? 6.941   4.758   -16.225 1.00 32.25 ? 2044 HOH A O   1 
HETATM 1115 O  O   . HOH D 4 .   ? 10.661  4.988   -14.319 1.00 27.73 ? 2045 HOH A O   1 
HETATM 1116 O  O   . HOH D 4 .   ? 9.274   3.086   26.905  1.00 15.52 ? 2046 HOH A O   1 
HETATM 1117 O  O   . HOH D 4 .   ? 10.192  0.386   26.573  1.00 25.87 ? 2047 HOH A O   1 
HETATM 1118 O  O   . HOH D 4 .   ? 7.540   11.271  -11.521 1.00 38.58 ? 2048 HOH A O   1 
HETATM 1119 O  O   . HOH D 4 .   ? 11.197  6.380   -8.366  1.00 16.14 ? 2049 HOH A O   1 
HETATM 1120 O  O   . HOH D 4 .   ? 10.260  9.728   -9.534  1.00 26.03 ? 2050 HOH A O   1 
HETATM 1121 O  O   . HOH D 4 .   ? 3.934   11.417  -2.614  1.00 36.65 ? 2051 HOH A O   1 
HETATM 1122 O  O   . HOH D 4 .   ? 8.351   11.081  2.654   1.00 42.36 ? 2052 HOH A O   1 
HETATM 1123 O  O   . HOH D 4 .   ? 11.056  8.975   -3.426  1.00 39.73 ? 2053 HOH A O   1 
HETATM 1124 O  O   . HOH D 4 .   ? 10.235  12.616  -4.121  1.00 37.67 ? 2054 HOH A O   1 
HETATM 1125 O  O   . HOH D 4 .   ? -1.840  16.193  -0.578  1.00 38.73 ? 2055 HOH A O   1 
HETATM 1126 O  O   . HOH D 4 .   ? 3.280   -7.282  -18.416 1.00 36.10 ? 2056 HOH A O   1 
HETATM 1127 O  O   . HOH D 4 .   ? 2.597   -13.238 -13.307 1.00 39.20 ? 2057 HOH A O   1 
HETATM 1128 O  O   . HOH D 4 .   ? -2.174  11.368  8.536   1.00 32.04 ? 2058 HOH A O   1 
HETATM 1129 O  O   . HOH D 4 .   ? -4.650  -0.015  -21.776 1.00 28.28 ? 2059 HOH A O   1 
HETATM 1130 O  O   . HOH D 4 .   ? -1.939  15.130  13.671  1.00 40.44 ? 2060 HOH A O   1 
HETATM 1131 O  O   . HOH D 4 .   ? -0.677  9.663   9.745   1.00 18.30 ? 2061 HOH A O   1 
HETATM 1132 O  O   . HOH D 4 .   ? -5.586  13.848  10.843  1.00 27.97 ? 2062 HOH A O   1 
HETATM 1133 O  O   . HOH D 4 .   ? -7.036  12.752  18.257  1.00 42.80 ? 2063 HOH A O   1 
HETATM 1134 O  O   . HOH D 4 .   ? -2.593  -0.795  14.516  1.00 23.56 ? 2064 HOH A O   1 
HETATM 1135 O  O   . HOH D 4 .   ? -7.396  0.499   15.274  1.00 23.53 ? 2065 HOH A O   1 
HETATM 1136 O  O   . HOH D 4 .   ? -9.000  -0.055  11.319  1.00 26.29 ? 2066 HOH A O   1 
HETATM 1137 O  O   . HOH D 4 .   ? -6.934  -6.762  11.133  1.00 25.43 ? 2067 HOH A O   1 
HETATM 1138 O  O   . HOH D 4 .   ? -6.707  -7.046  7.200   1.00 32.56 ? 2068 HOH A O   1 
HETATM 1139 O  O   . HOH D 4 .   ? -13.306 1.918   9.638   1.00 30.14 ? 2069 HOH A O   1 
HETATM 1140 O  O   . HOH D 4 .   ? -4.783  -8.003  8.550   1.00 29.05 ? 2070 HOH A O   1 
HETATM 1141 O  O   . HOH D 4 .   ? -1.943  -11.020 0.246   1.00 29.99 ? 2071 HOH A O   1 
HETATM 1142 O  O   . HOH D 4 .   ? -3.552  -12.647 3.705   1.00 27.91 ? 2072 HOH A O   1 
HETATM 1143 O  O   . HOH D 4 .   ? -2.452  -8.992  7.518   1.00 14.64 ? 2073 HOH A O   1 
HETATM 1144 O  O   . HOH D 4 .   ? 4.107   -11.401 1.337   1.00 13.81 ? 2074 HOH A O   1 
HETATM 1145 O  O   . HOH D 4 .   ? 7.619   -8.939  -4.337  1.00 18.16 ? 2075 HOH A O   1 
HETATM 1146 O  O   . HOH D 4 .   ? 0.965   -10.755 -1.461  1.00 23.79 ? 2076 HOH A O   1 
HETATM 1147 O  O   . HOH D 4 .   ? 6.452   -9.727  -6.676  1.00 23.16 ? 2077 HOH A O   1 
HETATM 1148 O  O   . HOH D 4 .   ? 11.629  -4.888  -7.888  1.00 13.12 ? 2078 HOH A O   1 
HETATM 1149 O  O   . HOH D 4 .   ? 10.129  -8.261  -5.188  1.00 24.75 ? 2079 HOH A O   1 
HETATM 1150 O  O   . HOH D 4 .   ? 11.990  2.187   -6.486  1.00 24.79 ? 2080 HOH A O   1 
HETATM 1151 O  O   . HOH D 4 .   ? 15.091  0.982   -3.270  1.00 18.68 ? 2081 HOH A O   1 
HETATM 1152 O  O   . HOH D 4 .   ? 9.017   -5.670  1.416   1.00 18.45 ? 2082 HOH A O   1 
HETATM 1153 O  O   . HOH D 4 .   ? 13.989  0.568   3.001   1.00 40.09 ? 2083 HOH A O   1 
HETATM 1154 O  O   . HOH D 4 .   ? 10.405  1.516   5.500   1.00 25.20 ? 2084 HOH A O   1 
HETATM 1155 O  O   . HOH D 4 .   ? 16.765  -5.959  4.439   1.00 22.45 ? 2085 HOH A O   1 
HETATM 1156 O  O   . HOH D 4 .   ? 15.179  -1.648  1.557   1.00 24.03 ? 2086 HOH A O   1 
HETATM 1157 O  O   . HOH D 4 .   ? 16.509  -2.976  -1.271  1.00 30.15 ? 2087 HOH A O   1 
HETATM 1158 O  O   . HOH D 4 .   ? 11.875  -7.969  0.968   1.00 34.24 ? 2088 HOH A O   1 
HETATM 1159 O  O   . HOH D 4 .   ? 11.928  -3.944  10.102  1.00 33.77 ? 2089 HOH A O   1 
HETATM 1160 O  O   . HOH D 4 .   ? 14.388  -2.662  8.935   1.00 32.33 ? 2090 HOH A O   1 
HETATM 1161 O  O   . HOH D 4 .   ? 10.749  -8.554  5.098   1.00 23.41 ? 2091 HOH A O   1 
HETATM 1162 O  O   . HOH D 4 .   ? 10.498  -5.816  3.450   1.00 27.84 ? 2092 HOH A O   1 
HETATM 1163 O  O   . HOH D 4 .   ? 5.696   -12.472 6.040   1.00 15.93 ? 2093 HOH A O   1 
HETATM 1164 O  O   . HOH D 4 .   ? 6.618   -6.707  13.762  1.00 13.83 ? 2094 HOH A O   1 
HETATM 1165 O  O   . HOH D 4 .   ? 0.898   -8.665  13.918  1.00 24.41 ? 2095 HOH A O   1 
HETATM 1166 O  O   . HOH D 4 .   ? 1.360   -10.164 10.152  1.00 13.79 ? 2096 HOH A O   1 
HETATM 1167 O  O   . HOH D 4 .   ? -1.144  -4.607  14.569  1.00 29.29 ? 2097 HOH A O   1 
HETATM 1168 O  O   . HOH D 4 .   ? 4.720   -4.908  19.746  1.00 19.63 ? 2098 HOH A O   1 
HETATM 1169 O  O   . HOH D 4 .   ? 5.138   -6.213  16.941  1.00 34.28 ? 2099 HOH A O   1 
HETATM 1170 O  O   . HOH D 4 .   ? -1.876  -3.755  17.096  1.00 26.41 ? 2100 HOH A O   1 
HETATM 1171 O  O   . HOH D 4 .   ? -4.056  0.212   18.819  1.00 23.82 ? 2101 HOH A O   1 
HETATM 1172 O  O   . HOH D 4 .   ? -5.566  6.909   22.600  1.00 28.21 ? 2102 HOH A O   1 
HETATM 1173 O  O   . HOH D 4 .   ? 4.226   5.432   26.633  1.00 27.93 ? 2103 HOH A O   1 
HETATM 1174 O  O   . HOH D 4 .   ? -3.103  -1.770  25.658  1.00 39.35 ? 2104 HOH A O   1 
HETATM 1175 O  O   . HOH D 4 .   ? 3.742   -0.112  25.959  1.00 32.77 ? 2105 HOH A O   1 
HETATM 1176 O  O   . HOH D 4 .   ? 6.158   8.048   22.795  1.00 40.51 ? 2106 HOH A O   1 
HETATM 1177 O  O   . HOH D 4 .   ? 8.546   -0.857  22.240  1.00 25.94 ? 2107 HOH A O   1 
HETATM 1178 O  O   . HOH D 4 .   ? 10.272  4.666   24.939  1.00 15.56 ? 2108 HOH A O   1 
HETATM 1179 O  O   . HOH D 4 .   ? 13.722  6.168   23.496  1.00 21.04 ? 2109 HOH A O   1 
HETATM 1180 O  O   . HOH D 4 .   ? 10.429  8.004   18.396  1.00 27.72 ? 2110 HOH A O   1 
HETATM 1181 O  O   . HOH D 4 .   ? 10.532  -0.083  23.533  1.00 32.24 ? 2111 HOH A O   1 
HETATM 1182 O  O   . HOH D 4 .   ? 11.418  0.657   16.697  1.00 33.48 ? 2112 HOH A O   1 
HETATM 1183 O  O   . HOH D 4 .   ? 11.358  2.780   23.116  1.00 15.26 ? 2113 HOH A O   1 
HETATM 1184 O  O   . HOH D 4 .   ? 4.501   -0.933  23.443  1.00 31.09 ? 2114 HOH A O   1 
HETATM 1185 O  O   . HOH D 4 .   ? 8.501   -1.503  19.701  1.00 25.45 ? 2115 HOH A O   1 
HETATM 1186 O  O   . HOH D 4 .   ? 5.477   -1.932  17.738  1.00 29.29 ? 2116 HOH A O   1 
HETATM 1187 O  O   . HOH D 4 .   ? 11.256  6.455   12.335  1.00 28.29 ? 2117 HOH A O   1 
HETATM 1188 O  O   . HOH D 4 .   ? 9.694   8.652   16.080  1.00 27.78 ? 2118 HOH A O   1 
HETATM 1189 O  O   . HOH D 4 .   ? 6.891   10.207  9.356   1.00 38.36 ? 2119 HOH A O   1 
HETATM 1190 O  O   . HOH D 4 .   ? 9.587   4.100   5.546   1.00 20.06 ? 2120 HOH A O   1 
HETATM 1191 O  O   . HOH D 4 .   ? 12.230  2.971   13.003  1.00 36.58 ? 2121 HOH A O   1 
HETATM 1192 O  O   . HOH D 4 .   ? 10.367  7.607   8.058   1.00 27.76 ? 2122 HOH A O   1 
HETATM 1193 O  O   . HOH D 4 .   ? 1.488   10.632  -1.102  1.00 26.67 ? 2123 HOH A O   1 
HETATM 1194 O  O   . HOH D 4 .   ? 4.081   12.049  -13.585 1.00 27.31 ? 2124 HOH A O   1 
HETATM 1195 O  O   . HOH D 4 .   ? 4.416   3.300   -17.031 1.00 33.25 ? 2125 HOH A O   1 
HETATM 1196 O  O   . HOH D 4 .   ? 3.328   -5.255  -16.401 1.00 19.84 ? 2126 HOH A O   1 
HETATM 1197 O  O   . HOH D 4 .   ? 0.236   -12.169 -14.937 1.00 35.38 ? 2127 HOH A O   1 
HETATM 1198 O  O   . HOH D 4 .   ? -3.229  -17.628 -14.281 1.00 33.84 ? 2128 HOH A O   1 
HETATM 1199 O  O   . HOH D 4 .   ? -5.184  -13.224 -20.587 1.00 17.37 ? 2129 HOH A O   1 
HETATM 1200 O  O   . HOH D 4 .   ? 0.977   -9.029  -19.185 1.00 22.23 ? 2130 HOH A O   1 
HETATM 1201 O  O   . HOH D 4 .   ? -7.416  -1.510  -18.889 1.00 20.39 ? 2131 HOH A O   1 
HETATM 1202 O  O   . HOH D 4 .   ? -4.725  -0.717  -19.139 1.00 19.07 ? 2132 HOH A O   1 
HETATM 1203 O  O   . HOH D 4 .   ? -3.790  -3.485  -20.818 1.00 26.50 ? 2133 HOH A O   1 
HETATM 1204 O  O   . HOH D 4 .   ? -3.344  -6.131  -21.039 1.00 28.37 ? 2134 HOH A O   1 
HETATM 1205 O  O   . HOH D 4 .   ? -1.489  -2.536  -22.416 1.00 32.77 ? 2135 HOH A O   1 
HETATM 1206 O  O   . HOH D 4 .   ? -3.596  5.511   -15.922 1.00 37.20 ? 2136 HOH A O   1 
HETATM 1207 O  O   . HOH D 4 .   ? 1.930   5.001   -17.251 1.00 24.09 ? 2137 HOH A O   1 
HETATM 1208 O  O   . HOH D 4 .   ? -8.889  -0.266  -17.070 1.00 23.44 ? 2138 HOH A O   1 
HETATM 1209 O  O   . HOH D 4 .   ? -11.238 5.205   -0.828  1.00 51.38 ? 2139 HOH A O   1 
HETATM 1210 O  O   . HOH D 4 .   ? -11.747 -1.563  -0.237  1.00 18.21 ? 2140 HOH A O   1 
HETATM 1211 O  O   . HOH D 4 .   ? -9.442  -4.422  6.329   1.00 30.28 ? 2141 HOH A O   1 
HETATM 1212 O  O   . HOH D 4 .   ? -12.620 -9.999  4.078   1.00 28.44 ? 2142 HOH A O   1 
HETATM 1213 O  O   . HOH D 4 .   ? -11.440 -8.515  0.907   1.00 28.68 ? 2143 HOH A O   1 
HETATM 1214 O  O   . HOH D 4 .   ? -4.418  7.238   -3.837  1.00 20.62 ? 2144 HOH A O   1 
HETATM 1215 O  O   . HOH D 4 .   ? -5.667  8.150   -1.741  1.00 31.17 ? 2145 HOH A O   1 
# 
